data_8HWE
#
_entry.id   8HWE
#
loop_
_entity.id
_entity.type
_entity.pdbx_description
1 polymer 'Primase D5'
2 non-polymer "ADENOSINE-5'-TRIPHOSPHATE"
3 non-polymer 'MAGNESIUM ION'
4 non-polymer "ADENOSINE-5'-DIPHOSPHATE"
#
_entity_poly.entity_id   1
_entity_poly.type   'polypeptide(L)'
_entity_poly.pdbx_seq_one_letter_code
;MDAAIRGNDVIFVLKTIGVPSACRQNEDPRFVEAFKCDELERYIDNNPECTLFESLRDEEAYSIVRIFMDVDLDACLDEI
DYLTAIQDFIIEVSNCVARFAFTECGAIHENVIKSMRSNFSLTKSTNRDKTSFHIIFLDTYTTMDTLIAMKRTLLELSRS
SENPLTRSIDTAVYRRKTTLRVVGTRKNPNCDTIHVMQPPHDNIEDYLFTYVDMNNNSYYFSLQRRLEDLVPDKLWEPGF
ISFEDAIKRVSKIFINSIINFNDLDENNFTTVPLVIDYVTPCALCKKRSHKHPHQLSLENGAIRIYKTGNPHSCKVKIVP
LDGNKLFNIAQRILDTNSVLLTERGDHIVWINNSWKFNSEEPLITKLILSIRHQLPKEYSSELLCPRKRKTVEANIRDML
VDSVETDTYPDKLPFKNGVLDLVDGMFYSGDDAKKYTCTVSTGFKFDDTKFVEDSPEMEELMNIINDIQPLTDENKKNRE
LYEKTLSSCLCGATKGCLTFFFGETATGKSTTKRLLKSAIGDLFVETGQTILTDVLDKGPNPFIANMHLKRSVFCSELPD
FACSGSKKIRSDNIKKLTEPCVIGRPCFSNKINNRNHATIIIDTNYKPVFDRIDNALMRRIAVVRFRTHFSQPSGREAAE
NNDAYDKVKLLDEGLDGKIQNNRYRFAFLYLLVKWYKKYHIPIMKLYPTPEEIPDFAFYLKIGTLLVSSSVKHIPLMTDL
SKKGYILYDNVVTLPLTTFQQKISKYFNSRLFGHDIESFINRHKKFANVSDEYLQYIFIEDISSP
;
_entity_poly.pdbx_strand_id   D,C,F,A,E,B
#
# COMPACT_ATOMS: atom_id res chain seq x y z
N GLY A 323 -19.51 19.69 39.82
CA GLY A 323 -18.84 20.57 38.88
C GLY A 323 -19.21 20.30 37.44
N ASN A 324 -19.23 19.02 37.07
CA ASN A 324 -19.59 18.61 35.72
C ASN A 324 -19.98 17.15 35.75
N LYS A 325 -21.25 16.85 35.42
CA LYS A 325 -21.74 15.48 35.51
C LYS A 325 -21.00 14.56 34.54
N LEU A 326 -20.77 15.02 33.31
CA LEU A 326 -20.08 14.20 32.32
C LEU A 326 -18.64 13.92 32.69
N PHE A 327 -18.06 14.72 33.59
CA PHE A 327 -16.69 14.48 34.05
C PHE A 327 -16.66 13.63 35.30
N ASN A 328 -17.62 13.80 36.21
CA ASN A 328 -17.71 12.94 37.36
C ASN A 328 -18.05 11.51 36.97
N ILE A 329 -18.86 11.34 35.91
CA ILE A 329 -19.14 10.00 35.41
C ILE A 329 -17.86 9.32 34.94
N ALA A 330 -17.04 10.04 34.18
CA ALA A 330 -15.77 9.49 33.71
C ALA A 330 -14.83 9.20 34.87
N GLN A 331 -14.77 10.08 35.87
CA GLN A 331 -13.94 9.82 37.04
C GLN A 331 -14.39 8.58 37.78
N ARG A 332 -15.70 8.41 37.95
CA ARG A 332 -16.22 7.22 38.61
C ARG A 332 -15.90 5.95 37.83
N ILE A 333 -16.00 6.02 36.49
CA ILE A 333 -15.65 4.87 35.67
C ILE A 333 -14.18 4.54 35.80
N LEU A 334 -13.31 5.56 35.82
CA LEU A 334 -11.88 5.31 36.01
C LEU A 334 -11.55 4.83 37.41
N ASP A 335 -12.43 5.07 38.38
CA ASP A 335 -12.18 4.56 39.73
C ASP A 335 -12.28 3.04 39.80
N THR A 336 -13.14 2.44 38.98
CA THR A 336 -13.34 1.00 38.99
C THR A 336 -12.32 0.24 38.14
N ASN A 337 -11.45 0.96 37.43
CA ASN A 337 -10.41 0.34 36.60
C ASN A 337 -11.00 -0.62 35.56
N SER A 338 -12.17 -0.27 35.03
CA SER A 338 -12.77 -1.08 33.98
C SER A 338 -12.11 -0.85 32.63
N VAL A 339 -11.48 0.31 32.43
CA VAL A 339 -10.81 0.64 31.19
C VAL A 339 -9.32 0.83 31.47
N LEU A 340 -8.48 0.32 30.59
CA LEU A 340 -7.04 0.43 30.74
C LEU A 340 -6.41 0.76 29.40
N LEU A 341 -5.22 1.36 29.45
CA LEU A 341 -4.45 1.71 28.28
C LEU A 341 -3.21 0.83 28.21
N THR A 342 -3.00 0.21 27.06
CA THR A 342 -1.91 -0.74 26.88
C THR A 342 -0.71 -0.06 26.22
N GLU A 343 0.46 -0.67 26.38
CA GLU A 343 1.67 -0.16 25.75
C GLU A 343 1.62 -0.30 24.22
N ARG A 344 0.70 -1.10 23.69
CA ARG A 344 0.49 -1.22 22.26
C ARG A 344 -0.41 -0.13 21.70
N GLY A 345 -0.92 0.76 22.55
CA GLY A 345 -1.81 1.82 22.12
C GLY A 345 -3.26 1.44 22.04
N ASP A 346 -3.66 0.29 22.57
CA ASP A 346 -5.05 -0.16 22.54
C ASP A 346 -5.71 0.09 23.89
N HIS A 347 -6.96 0.53 23.85
CA HIS A 347 -7.76 0.77 25.05
C HIS A 347 -8.58 -0.49 25.31
N ILE A 348 -8.04 -1.37 26.14
CA ILE A 348 -8.72 -2.63 26.45
C ILE A 348 -9.91 -2.36 27.34
N VAL A 349 -11.02 -3.03 27.04
CA VAL A 349 -12.29 -2.82 27.73
C VAL A 349 -12.65 -4.09 28.50
N TRP A 350 -13.28 -3.90 29.66
CA TRP A 350 -13.68 -5.01 30.53
C TRP A 350 -15.20 -5.08 30.56
N ILE A 351 -15.76 -5.93 29.71
CA ILE A 351 -17.20 -6.18 29.68
C ILE A 351 -17.42 -7.67 29.51
N ASN A 352 -18.48 -8.17 30.17
CA ASN A 352 -18.82 -9.59 30.16
C ASN A 352 -17.67 -10.46 30.66
N ASN A 353 -17.00 -9.97 31.71
CA ASN A 353 -15.92 -10.71 32.37
C ASN A 353 -14.84 -11.15 31.39
N SER A 354 -14.43 -10.23 30.52
CA SER A 354 -13.37 -10.52 29.56
C SER A 354 -12.77 -9.21 29.08
N TRP A 355 -11.44 -9.10 29.17
CA TRP A 355 -10.73 -7.92 28.68
C TRP A 355 -10.74 -7.95 27.16
N LYS A 356 -11.60 -7.14 26.55
CA LYS A 356 -11.73 -7.09 25.10
C LYS A 356 -11.18 -5.77 24.57
N PHE A 357 -10.68 -5.84 23.34
CA PHE A 357 -10.15 -4.66 22.65
C PHE A 357 -10.33 -4.86 21.16
N ASN A 358 -10.38 -3.74 20.43
CA ASN A 358 -10.51 -3.79 18.98
C ASN A 358 -10.02 -2.46 18.44
N SER A 359 -8.86 -2.46 17.78
CA SER A 359 -8.23 -1.22 17.37
C SER A 359 -8.66 -0.79 15.97
N GLU A 360 -9.98 -0.78 15.76
CA GLU A 360 -10.58 -0.04 14.65
C GLU A 360 -11.90 0.61 15.05
N GLU A 361 -12.48 0.24 16.19
CA GLU A 361 -13.66 0.87 16.76
C GLU A 361 -13.43 1.07 18.25
N PRO A 362 -13.65 2.28 18.76
CA PRO A 362 -13.41 2.52 20.19
C PRO A 362 -14.43 1.81 21.08
N LEU A 363 -14.15 0.55 21.41
CA LEU A 363 -15.01 -0.28 22.26
C LEU A 363 -15.38 0.40 23.57
N ILE A 364 -14.65 1.45 23.95
CA ILE A 364 -14.88 2.13 25.22
C ILE A 364 -16.36 2.49 25.39
N THR A 365 -17.00 2.93 24.30
CA THR A 365 -18.39 3.36 24.38
C THR A 365 -19.31 2.24 24.88
N LYS A 366 -19.07 1.00 24.43
CA LYS A 366 -19.83 -0.13 24.97
C LYS A 366 -19.73 -0.16 26.48
N LEU A 367 -18.50 -0.05 27.01
CA LEU A 367 -18.33 0.04 28.46
C LEU A 367 -19.17 1.16 29.03
N ILE A 368 -19.11 2.34 28.41
CA ILE A 368 -19.82 3.51 28.91
C ILE A 368 -21.30 3.22 29.05
N LEU A 369 -21.81 2.28 28.26
CA LEU A 369 -23.22 1.89 28.38
C LEU A 369 -23.41 0.72 29.33
N SER A 370 -22.52 -0.27 29.27
CA SER A 370 -22.71 -1.48 30.07
C SER A 370 -22.54 -1.21 31.56
N ILE A 371 -21.67 -0.27 31.91
CA ILE A 371 -21.41 0.05 33.31
C ILE A 371 -22.57 0.91 33.81
N ARG A 372 -23.51 1.21 32.91
CA ARG A 372 -24.62 2.09 33.25
C ARG A 372 -25.36 1.65 34.49
N HIS A 373 -25.48 0.33 34.71
CA HIS A 373 -26.14 -0.16 35.92
C HIS A 373 -25.14 -0.38 37.05
N GLN A 374 -24.28 0.60 37.29
CA GLN A 374 -23.45 0.65 38.49
C GLN A 374 -23.34 2.03 39.08
N LEU A 375 -23.71 3.08 38.36
CA LEU A 375 -23.70 4.47 38.80
C LEU A 375 -25.04 4.83 39.40
N PRO A 376 -25.11 5.92 40.18
CA PRO A 376 -26.40 6.37 40.71
C PRO A 376 -27.40 6.63 39.60
N LYS A 377 -28.68 6.69 39.99
CA LYS A 377 -29.75 6.80 39.01
C LYS A 377 -29.65 8.10 38.20
N GLU A 378 -29.31 9.21 38.87
CA GLU A 378 -29.15 10.46 38.16
C GLU A 378 -28.00 10.41 37.16
N TYR A 379 -27.01 9.54 37.39
CA TYR A 379 -25.90 9.35 36.47
C TYR A 379 -26.12 8.20 35.51
N SER A 380 -27.27 7.54 35.56
CA SER A 380 -27.54 6.35 34.77
C SER A 380 -28.46 6.60 33.58
N SER A 381 -29.60 7.25 33.81
CA SER A 381 -30.54 7.51 32.72
C SER A 381 -29.96 8.46 31.68
N GLU A 382 -28.89 9.19 32.03
CA GLU A 382 -28.29 10.12 31.09
C GLU A 382 -27.50 9.41 30.01
N LEU A 383 -26.92 8.25 30.32
CA LEU A 383 -26.05 7.54 29.40
C LEU A 383 -26.79 6.79 28.31
N LEU A 384 -28.08 7.06 28.11
CA LEU A 384 -28.84 6.40 27.04
C LEU A 384 -28.69 7.13 25.71
N CYS A 385 -27.94 8.22 25.67
CA CYS A 385 -27.82 9.02 24.46
C CYS A 385 -26.45 8.79 23.83
N PRO A 386 -26.37 8.44 22.54
CA PRO A 386 -25.05 8.24 21.93
C PRO A 386 -24.18 9.49 21.95
N ARG A 387 -24.79 10.68 21.91
CA ARG A 387 -24.01 11.92 21.94
C ARG A 387 -23.30 12.08 23.27
N LYS A 388 -23.97 11.73 24.37
CA LYS A 388 -23.35 11.82 25.69
C LYS A 388 -22.20 10.84 25.82
N ARG A 389 -22.37 9.62 25.30
CA ARG A 389 -21.35 8.58 25.48
C ARG A 389 -20.11 8.88 24.65
N LYS A 390 -20.19 9.84 23.73
CA LYS A 390 -19.00 10.29 23.03
C LYS A 390 -18.26 11.34 23.85
N THR A 391 -18.98 12.07 24.69
CA THR A 391 -18.34 13.02 25.60
C THR A 391 -17.60 12.29 26.72
N VAL A 392 -18.24 11.29 27.31
CA VAL A 392 -17.60 10.54 28.38
C VAL A 392 -16.40 9.77 27.86
N GLU A 393 -16.53 9.19 26.67
CA GLU A 393 -15.39 8.49 26.05
C GLU A 393 -14.27 9.45 25.71
N ALA A 394 -14.61 10.65 25.23
CA ALA A 394 -13.59 11.65 24.94
C ALA A 394 -12.85 12.09 26.19
N ASN A 395 -13.58 12.21 27.31
CA ASN A 395 -12.92 12.52 28.57
C ASN A 395 -12.02 11.37 29.01
N ILE A 396 -12.56 10.14 29.02
CA ILE A 396 -11.82 8.98 29.51
C ILE A 396 -10.55 8.79 28.71
N ARG A 397 -10.60 9.04 27.40
CA ARG A 397 -9.41 8.95 26.57
C ARG A 397 -8.35 9.96 27.00
N ASP A 398 -8.72 10.97 27.77
CA ASP A 398 -7.81 12.04 28.19
C ASP A 398 -7.34 11.91 29.64
N MET A 399 -7.80 10.90 30.38
CA MET A 399 -7.24 10.64 31.71
C MET A 399 -6.36 9.40 31.75
N LEU A 400 -6.06 8.78 30.60
CA LEU A 400 -5.26 7.55 30.57
C LEU A 400 -3.89 7.89 30.00
N VAL A 401 -2.94 8.12 30.89
CA VAL A 401 -1.56 8.46 30.51
C VAL A 401 -0.64 7.30 30.83
N ASP A 402 -0.90 6.61 31.94
CA ASP A 402 -0.02 5.55 32.43
C ASP A 402 -0.34 4.26 31.67
N SER A 403 0.61 3.80 30.87
CA SER A 403 0.45 2.54 30.16
C SER A 403 0.57 1.37 31.12
N VAL A 404 -0.01 0.25 30.72
CA VAL A 404 -0.07 -0.96 31.55
C VAL A 404 0.48 -2.13 30.76
N GLU A 405 1.15 -3.05 31.45
CA GLU A 405 1.59 -4.30 30.86
C GLU A 405 0.49 -5.35 31.01
N THR A 406 0.42 -6.25 30.04
CA THR A 406 -0.66 -7.22 29.95
C THR A 406 -0.11 -8.61 29.65
N ASP A 407 -0.90 -9.62 30.00
CA ASP A 407 -0.56 -11.02 29.75
C ASP A 407 0.77 -11.38 30.41
N THR A 408 0.80 -11.25 31.74
CA THR A 408 1.99 -11.53 32.53
C THR A 408 1.95 -12.89 33.21
N TYR A 409 0.77 -13.34 33.66
CA TYR A 409 0.65 -14.63 34.31
C TYR A 409 0.54 -15.72 33.25
N PRO A 410 1.45 -16.69 33.22
CA PRO A 410 1.41 -17.71 32.16
C PRO A 410 0.48 -18.87 32.46
N ASP A 411 0.27 -19.19 33.74
CA ASP A 411 -0.55 -20.34 34.11
C ASP A 411 -2.01 -19.97 34.33
N LYS A 412 -2.60 -19.28 33.37
CA LYS A 412 -4.02 -18.92 33.41
C LYS A 412 -4.61 -19.11 32.01
N LEU A 413 -5.79 -19.70 31.95
CA LEU A 413 -6.48 -19.91 30.67
C LEU A 413 -7.70 -19.02 30.60
N PRO A 414 -7.72 -18.01 29.72
CA PRO A 414 -8.85 -17.08 29.70
C PRO A 414 -9.99 -17.54 28.80
N PHE A 415 -11.18 -17.67 29.35
CA PHE A 415 -12.38 -17.98 28.60
C PHE A 415 -13.24 -16.73 28.46
N LYS A 416 -14.15 -16.77 27.48
CA LYS A 416 -15.00 -15.63 27.18
C LYS A 416 -15.85 -15.18 28.36
N ASN A 417 -15.84 -15.91 29.47
CA ASN A 417 -16.59 -15.50 30.66
C ASN A 417 -15.78 -15.62 31.94
N GLY A 418 -14.46 -15.70 31.87
CA GLY A 418 -13.69 -15.75 33.10
C GLY A 418 -12.26 -16.21 32.83
N VAL A 419 -11.60 -16.65 33.90
CA VAL A 419 -10.24 -17.15 33.84
C VAL A 419 -10.16 -18.43 34.66
N LEU A 420 -9.60 -19.48 34.07
CA LEU A 420 -9.41 -20.76 34.75
C LEU A 420 -7.98 -20.86 35.22
N ASP A 421 -7.79 -21.12 36.51
CA ASP A 421 -6.46 -21.30 37.08
C ASP A 421 -5.99 -22.72 36.86
N LEU A 422 -4.84 -22.87 36.19
CA LEU A 422 -4.34 -24.18 35.81
C LEU A 422 -3.70 -24.93 36.98
N VAL A 423 -3.11 -24.22 37.94
CA VAL A 423 -2.40 -24.89 39.02
C VAL A 423 -3.35 -25.61 39.97
N ASP A 424 -4.63 -25.23 40.00
CA ASP A 424 -5.60 -25.89 40.86
C ASP A 424 -6.84 -26.38 40.11
N GLY A 425 -6.97 -26.12 38.81
CA GLY A 425 -8.18 -26.48 38.11
C GLY A 425 -9.40 -25.68 38.52
N MET A 426 -9.23 -24.63 39.31
CA MET A 426 -10.33 -23.85 39.84
C MET A 426 -10.64 -22.68 38.92
N PHE A 427 -11.93 -22.38 38.79
CA PHE A 427 -12.43 -21.38 37.85
C PHE A 427 -12.68 -20.06 38.56
N TYR A 428 -12.22 -18.96 37.96
CA TYR A 428 -12.46 -17.62 38.45
C TYR A 428 -13.37 -16.86 37.49
N SER A 429 -14.23 -16.03 38.08
CA SER A 429 -15.10 -15.15 37.30
C SER A 429 -15.44 -13.93 38.13
N GLY A 430 -15.45 -12.78 37.48
CA GLY A 430 -15.75 -11.54 38.17
C GLY A 430 -14.49 -10.75 38.52
N ASP A 431 -14.55 -10.07 39.67
CA ASP A 431 -13.47 -9.17 40.06
C ASP A 431 -12.16 -9.92 40.25
N ASP A 432 -12.22 -11.11 40.85
CA ASP A 432 -11.01 -11.91 41.03
C ASP A 432 -10.42 -12.37 39.70
N ALA A 433 -11.18 -12.33 38.62
CA ALA A 433 -10.64 -12.61 37.30
C ALA A 433 -10.07 -11.38 36.62
N LYS A 434 -10.31 -10.19 37.17
CA LYS A 434 -9.82 -8.96 36.56
C LYS A 434 -8.33 -8.74 36.81
N LYS A 435 -7.81 -9.27 37.91
CA LYS A 435 -6.41 -9.01 38.27
C LYS A 435 -5.45 -9.51 37.21
N TYR A 436 -5.68 -10.73 36.69
CA TYR A 436 -4.85 -11.28 35.63
C TYR A 436 -5.31 -10.68 34.31
N THR A 437 -4.63 -9.62 33.87
CA THR A 437 -5.00 -8.91 32.66
C THR A 437 -4.62 -9.76 31.44
N CYS A 438 -5.61 -10.48 30.91
CA CYS A 438 -5.40 -11.36 29.76
C CYS A 438 -6.26 -10.84 28.60
N THR A 439 -5.60 -10.29 27.59
CA THR A 439 -6.33 -9.66 26.49
C THR A 439 -6.97 -10.67 25.55
N VAL A 440 -6.34 -11.82 25.32
CA VAL A 440 -6.81 -12.81 24.36
C VAL A 440 -7.47 -13.95 25.12
N SER A 441 -8.66 -14.34 24.69
CA SER A 441 -9.44 -15.39 25.33
C SER A 441 -9.71 -16.51 24.34
N THR A 442 -10.29 -17.61 24.86
CA THR A 442 -10.53 -18.78 24.02
C THR A 442 -11.66 -18.54 23.02
N GLY A 443 -12.61 -17.68 23.36
CA GLY A 443 -13.69 -17.36 22.45
C GLY A 443 -15.01 -18.06 22.71
N PHE A 444 -15.11 -18.84 23.79
CA PHE A 444 -16.36 -19.50 24.14
C PHE A 444 -16.52 -19.51 25.66
N LYS A 445 -17.76 -19.63 26.10
CA LYS A 445 -18.06 -19.70 27.52
C LYS A 445 -17.54 -21.02 28.10
N PHE A 446 -17.25 -20.99 29.40
CA PHE A 446 -16.79 -22.17 30.13
C PHE A 446 -17.99 -22.77 30.85
N ASP A 447 -18.51 -23.87 30.31
CA ASP A 447 -19.65 -24.56 30.91
C ASP A 447 -19.15 -25.36 32.12
N ASP A 448 -19.62 -24.97 33.31
CA ASP A 448 -19.15 -25.62 34.52
C ASP A 448 -19.58 -27.08 34.59
N THR A 449 -20.80 -27.38 34.15
CA THR A 449 -21.30 -28.76 34.25
C THR A 449 -20.98 -29.57 33.01
N LYS A 450 -19.74 -29.46 32.55
CA LYS A 450 -19.12 -30.41 31.62
C LYS A 450 -17.70 -30.78 32.00
N PHE A 451 -17.02 -29.97 32.80
CA PHE A 451 -15.63 -30.20 33.22
C PHE A 451 -15.59 -31.27 34.31
N VAL A 452 -15.97 -32.49 33.93
CA VAL A 452 -16.13 -33.59 34.86
C VAL A 452 -15.29 -34.78 34.40
N GLU A 453 -15.00 -35.66 35.35
CA GLU A 453 -14.17 -36.83 35.05
C GLU A 453 -14.97 -37.88 34.28
N ASP A 454 -16.22 -38.13 34.69
CA ASP A 454 -17.01 -39.22 34.16
C ASP A 454 -18.11 -38.68 33.26
N SER A 455 -18.10 -39.11 32.00
CA SER A 455 -19.09 -38.73 31.00
C SER A 455 -18.92 -39.61 29.77
N PRO A 456 -19.99 -39.92 29.04
CA PRO A 456 -19.83 -40.73 27.82
C PRO A 456 -18.88 -40.11 26.80
N GLU A 457 -18.94 -38.79 26.66
CA GLU A 457 -18.02 -38.10 25.77
C GLU A 457 -16.58 -38.31 26.20
N MET A 458 -16.32 -38.27 27.52
CA MET A 458 -14.97 -38.52 28.01
C MET A 458 -14.52 -39.93 27.68
N GLU A 459 -15.42 -40.92 27.81
CA GLU A 459 -15.05 -42.30 27.52
C GLU A 459 -14.70 -42.48 26.05
N GLU A 460 -15.54 -41.96 25.15
CA GLU A 460 -15.23 -42.13 23.73
C GLU A 460 -14.00 -41.32 23.32
N LEU A 461 -13.79 -40.15 23.93
CA LEU A 461 -12.57 -39.39 23.63
C LEU A 461 -11.33 -40.13 24.10
N MET A 462 -11.40 -40.75 25.29
CA MET A 462 -10.27 -41.54 25.76
C MET A 462 -10.00 -42.72 24.84
N ASN A 463 -11.06 -43.36 24.35
CA ASN A 463 -10.88 -44.44 23.38
C ASN A 463 -10.21 -43.92 22.12
N ILE A 464 -10.64 -42.75 21.63
CA ILE A 464 -10.07 -42.17 20.42
C ILE A 464 -8.58 -41.90 20.61
N ILE A 465 -8.23 -41.29 21.76
CA ILE A 465 -6.85 -40.92 22.00
C ILE A 465 -5.97 -42.15 22.17
N ASN A 466 -6.47 -43.17 22.89
CA ASN A 466 -5.73 -44.41 23.03
C ASN A 466 -5.61 -45.16 21.71
N ASP A 467 -6.52 -44.92 20.77
CA ASP A 467 -6.35 -45.46 19.43
C ASP A 467 -5.29 -44.69 18.65
N ILE A 468 -5.24 -43.36 18.83
CA ILE A 468 -4.23 -42.56 18.13
C ILE A 468 -2.83 -42.87 18.67
N GLN A 469 -2.69 -42.89 19.99
CA GLN A 469 -1.40 -43.16 20.64
C GLN A 469 -1.58 -44.25 21.67
N PRO A 470 -1.41 -45.52 21.28
CA PRO A 470 -1.63 -46.62 22.21
C PRO A 470 -0.63 -46.59 23.36
N LEU A 471 -1.07 -47.10 24.52
CA LEU A 471 -0.25 -47.11 25.73
C LEU A 471 0.49 -48.43 25.88
N THR A 472 1.35 -48.71 24.91
CA THR A 472 2.19 -49.90 24.96
C THR A 472 3.48 -49.57 25.70
N ASP A 473 4.36 -50.57 25.86
CA ASP A 473 5.64 -50.34 26.51
C ASP A 473 6.64 -49.65 25.58
N GLU A 474 6.62 -49.99 24.29
CA GLU A 474 7.53 -49.35 23.34
C GLU A 474 7.06 -47.97 22.93
N ASN A 475 5.78 -47.64 23.14
CA ASN A 475 5.24 -46.33 22.79
C ASN A 475 4.91 -45.53 24.05
N LYS A 476 5.75 -45.64 25.07
CA LYS A 476 5.54 -44.93 26.32
C LYS A 476 6.18 -43.54 26.30
N LYS A 477 7.44 -43.46 25.88
CA LYS A 477 8.10 -42.15 25.78
C LYS A 477 7.41 -41.27 24.74
N ASN A 478 7.04 -41.85 23.60
CA ASN A 478 6.33 -41.09 22.59
C ASN A 478 4.99 -40.59 23.09
N ARG A 479 4.26 -41.44 23.82
CA ARG A 479 2.97 -41.02 24.38
C ARG A 479 3.16 -39.89 25.39
N GLU A 480 4.20 -39.98 26.23
CA GLU A 480 4.45 -38.93 27.21
C GLU A 480 4.82 -37.62 26.53
N LEU A 481 5.64 -37.68 25.48
CA LEU A 481 6.00 -36.48 24.75
C LEU A 481 4.79 -35.88 24.04
N TYR A 482 3.92 -36.73 23.50
CA TYR A 482 2.67 -36.26 22.90
C TYR A 482 1.81 -35.54 23.93
N GLU A 483 1.69 -36.13 25.12
CA GLU A 483 0.92 -35.50 26.20
C GLU A 483 1.51 -34.14 26.56
N LYS A 484 2.84 -34.09 26.73
CA LYS A 484 3.48 -32.84 27.13
C LYS A 484 3.32 -31.77 26.06
N THR A 485 3.52 -32.13 24.79
CA THR A 485 3.41 -31.15 23.72
C THR A 485 1.99 -30.62 23.61
N LEU A 486 0.99 -31.50 23.68
CA LEU A 486 -0.39 -31.03 23.62
C LEU A 486 -0.76 -30.17 24.82
N SER A 487 -0.31 -30.57 26.02
CA SER A 487 -0.67 -29.83 27.22
C SER A 487 0.04 -28.49 27.30
N SER A 488 1.19 -28.35 26.63
CA SER A 488 1.90 -27.09 26.66
C SER A 488 1.13 -25.97 25.97
N CYS A 489 0.11 -26.30 25.17
CA CYS A 489 -0.69 -25.26 24.54
C CYS A 489 -1.77 -24.77 25.50
N LEU A 490 -1.39 -24.48 26.73
CA LEU A 490 -2.26 -23.82 27.70
C LEU A 490 -1.54 -22.76 28.52
N CYS A 491 -0.21 -22.72 28.50
CA CYS A 491 0.57 -21.81 29.32
C CYS A 491 1.06 -20.65 28.49
N GLY A 492 1.04 -19.45 29.08
CA GLY A 492 1.39 -18.22 28.41
C GLY A 492 2.86 -17.85 28.43
N ALA A 493 3.75 -18.78 28.79
CA ALA A 493 5.17 -18.52 28.70
C ALA A 493 5.65 -18.75 27.28
N THR A 494 6.94 -18.51 27.04
CA THR A 494 7.54 -18.67 25.73
C THR A 494 8.24 -20.03 25.66
N LYS A 495 7.69 -20.92 24.84
CA LYS A 495 8.29 -22.23 24.64
C LYS A 495 9.47 -22.13 23.70
N GLY A 496 10.50 -22.92 23.97
CA GLY A 496 11.73 -22.83 23.19
C GLY A 496 12.06 -24.08 22.42
N CYS A 497 11.05 -24.71 21.80
CA CYS A 497 11.27 -25.90 21.02
C CYS A 497 10.18 -26.03 19.96
N LEU A 498 10.53 -26.67 18.85
CA LEU A 498 9.60 -26.94 17.77
C LEU A 498 9.27 -28.43 17.73
N THR A 499 7.99 -28.74 17.59
CA THR A 499 7.51 -30.12 17.62
C THR A 499 6.98 -30.50 16.23
N PHE A 500 7.34 -31.69 15.77
CA PHE A 500 6.84 -32.24 14.52
C PHE A 500 5.80 -33.32 14.80
N PHE A 501 4.94 -33.56 13.82
CA PHE A 501 3.90 -34.56 13.92
C PHE A 501 4.08 -35.62 12.84
N PHE A 502 5.31 -36.11 12.69
CA PHE A 502 5.63 -37.01 11.59
C PHE A 502 4.76 -38.25 11.62
N GLY A 503 4.32 -38.68 10.44
CA GLY A 503 3.49 -39.87 10.33
C GLY A 503 3.01 -40.02 8.91
N GLU A 504 2.61 -41.24 8.58
CA GLU A 504 2.16 -41.56 7.23
C GLU A 504 0.70 -41.12 7.06
N THR A 505 0.11 -41.60 5.97
CA THR A 505 -1.28 -41.19 5.63
C THR A 505 -2.30 -41.79 6.59
N ALA A 506 -3.39 -41.05 6.82
CA ALA A 506 -4.52 -41.54 7.61
C ALA A 506 -4.05 -42.12 8.95
N THR A 507 -3.45 -41.25 9.75
CA THR A 507 -2.81 -41.72 10.97
C THR A 507 -3.35 -41.01 12.21
N GLY A 508 -3.85 -39.79 12.05
CA GLY A 508 -4.43 -39.09 13.17
C GLY A 508 -3.80 -37.76 13.54
N LYS A 509 -3.21 -37.08 12.55
CA LYS A 509 -2.61 -35.77 12.80
C LYS A 509 -3.64 -34.65 12.72
N SER A 510 -4.39 -34.58 11.62
CA SER A 510 -5.45 -33.59 11.52
C SER A 510 -6.52 -33.80 12.57
N THR A 511 -6.74 -35.04 12.99
CA THR A 511 -7.69 -35.30 14.07
C THR A 511 -7.24 -34.64 15.36
N THR A 512 -5.96 -34.76 15.71
CA THR A 512 -5.43 -34.09 16.89
C THR A 512 -5.50 -32.58 16.74
N LYS A 513 -5.19 -32.07 15.53
CA LYS A 513 -5.27 -30.63 15.31
C LYS A 513 -6.70 -30.12 15.52
N ARG A 514 -7.70 -30.85 15.01
CA ARG A 514 -9.08 -30.40 15.15
C ARG A 514 -9.58 -30.53 16.59
N LEU A 515 -9.17 -31.59 17.28
CA LEU A 515 -9.51 -31.72 18.69
C LEU A 515 -8.91 -30.57 19.50
N LEU A 516 -7.65 -30.23 19.25
CA LEU A 516 -7.02 -29.12 19.95
C LEU A 516 -7.71 -27.80 19.63
N LYS A 517 -8.09 -27.60 18.37
CA LYS A 517 -8.78 -26.37 17.99
C LYS A 517 -10.13 -26.26 18.68
N SER A 518 -10.88 -27.36 18.75
CA SER A 518 -12.14 -27.35 19.49
C SER A 518 -11.92 -27.19 20.99
N ALA A 519 -10.75 -27.56 21.50
CA ALA A 519 -10.47 -27.42 22.93
C ALA A 519 -10.13 -25.98 23.31
N ILE A 520 -9.12 -25.40 22.66
CA ILE A 520 -8.61 -24.09 23.08
C ILE A 520 -9.16 -22.93 22.26
N GLY A 521 -9.70 -23.19 21.07
CA GLY A 521 -10.41 -22.15 20.34
C GLY A 521 -9.56 -21.05 19.75
N ASP A 522 -9.78 -19.81 20.22
CA ASP A 522 -9.14 -18.65 19.61
C ASP A 522 -7.63 -18.71 19.78
N LEU A 523 -7.15 -19.19 20.94
CA LEU A 523 -5.71 -19.24 21.18
C LEU A 523 -5.09 -20.37 20.38
N PHE A 524 -5.32 -20.36 19.07
CA PHE A 524 -4.85 -21.41 18.18
C PHE A 524 -4.97 -20.87 16.76
N VAL A 525 -3.85 -20.84 16.04
CA VAL A 525 -3.86 -20.42 14.64
C VAL A 525 -3.10 -21.45 13.82
N GLU A 526 -3.37 -21.44 12.51
CA GLU A 526 -2.66 -22.27 11.56
C GLU A 526 -2.13 -21.38 10.45
N THR A 527 -0.84 -21.48 10.18
CA THR A 527 -0.17 -20.66 9.18
C THR A 527 0.35 -21.54 8.05
N GLY A 528 1.06 -20.93 7.10
CA GLY A 528 1.70 -21.65 6.03
C GLY A 528 3.14 -21.97 6.34
N GLN A 529 3.83 -22.53 5.34
CA GLN A 529 5.24 -22.85 5.47
C GLN A 529 6.15 -21.65 5.26
N THR A 530 5.59 -20.47 4.97
CA THR A 530 6.41 -19.29 4.79
C THR A 530 7.19 -18.95 6.06
N ILE A 531 6.56 -19.11 7.22
CA ILE A 531 7.25 -18.86 8.48
C ILE A 531 8.40 -19.84 8.70
N LEU A 532 8.36 -21.00 8.05
CA LEU A 532 9.39 -22.01 8.23
C LEU A 532 10.52 -21.86 7.23
N THR A 533 10.19 -21.75 5.93
CA THR A 533 11.20 -21.68 4.87
C THR A 533 10.89 -20.47 3.98
N ASP A 534 11.30 -19.30 4.44
CA ASP A 534 11.22 -18.02 3.73
C ASP A 534 11.90 -16.98 4.62
N VAL A 535 12.16 -15.81 4.03
CA VAL A 535 12.75 -14.69 4.76
C VAL A 535 11.59 -13.89 5.34
N LEU A 536 11.32 -14.08 6.62
CA LEU A 536 10.21 -13.38 7.27
C LEU A 536 10.64 -12.00 7.74
N ASP A 537 11.32 -11.26 6.86
CA ASP A 537 11.79 -9.91 7.15
C ASP A 537 11.49 -8.91 6.04
N LYS A 538 11.25 -9.36 4.82
CA LYS A 538 11.08 -8.47 3.67
C LYS A 538 9.60 -8.14 3.51
N GLY A 539 9.27 -6.85 3.61
CA GLY A 539 7.92 -6.39 3.39
C GLY A 539 6.96 -6.85 4.47
N PRO A 540 5.67 -6.74 4.20
CA PRO A 540 4.67 -7.18 5.18
C PRO A 540 4.53 -8.68 5.19
N ASN A 541 4.18 -9.21 6.37
CA ASN A 541 4.00 -10.65 6.56
C ASN A 541 2.98 -10.85 7.66
N PRO A 542 1.70 -10.96 7.32
CA PRO A 542 0.67 -11.15 8.36
C PRO A 542 0.80 -12.47 9.11
N PHE A 543 1.47 -13.47 8.55
CA PHE A 543 1.57 -14.76 9.21
C PHE A 543 2.29 -14.65 10.55
N ILE A 544 3.16 -13.66 10.70
CA ILE A 544 3.85 -13.43 11.98
C ILE A 544 3.11 -12.42 12.84
N ALA A 545 2.15 -11.69 12.28
CA ALA A 545 1.40 -10.71 13.05
C ALA A 545 0.18 -11.32 13.74
N ASN A 546 -0.39 -12.38 13.17
CA ASN A 546 -1.52 -13.03 13.82
C ASN A 546 -1.09 -13.89 14.99
N MET A 547 0.12 -14.44 14.95
CA MET A 547 0.61 -15.27 16.04
C MET A 547 1.18 -14.42 17.16
N HIS A 548 0.45 -13.40 17.58
CA HIS A 548 0.79 -12.58 18.73
C HIS A 548 -0.10 -12.98 19.89
N LEU A 549 0.51 -13.48 20.97
CA LEU A 549 -0.16 -13.97 22.17
C LEU A 549 -0.94 -15.24 21.94
N LYS A 550 -0.86 -15.84 20.75
CA LYS A 550 -1.49 -17.13 20.50
C LYS A 550 -0.67 -18.24 21.14
N ARG A 551 -1.35 -19.22 21.72
CA ARG A 551 -0.68 -20.26 22.48
C ARG A 551 -0.39 -21.52 21.67
N SER A 552 -0.90 -21.63 20.45
CA SER A 552 -0.63 -22.78 19.60
C SER A 552 -0.64 -22.36 18.15
N VAL A 553 0.38 -22.78 17.40
CA VAL A 553 0.52 -22.44 15.99
C VAL A 553 0.81 -23.73 15.24
N PHE A 554 -0.15 -24.17 14.43
CA PHE A 554 0.01 -25.34 13.58
C PHE A 554 0.49 -24.91 12.20
N CYS A 555 1.28 -25.78 11.57
CA CYS A 555 1.81 -25.52 10.23
C CYS A 555 1.79 -26.82 9.45
N SER A 556 0.77 -27.00 8.62
CA SER A 556 0.64 -28.19 7.80
C SER A 556 1.34 -27.96 6.46
N GLU A 557 1.13 -28.89 5.52
CA GLU A 557 1.65 -28.80 4.15
C GLU A 557 3.17 -28.69 4.15
N LEU A 558 3.81 -29.77 4.58
CA LEU A 558 5.25 -29.85 4.42
C LEU A 558 5.55 -30.72 3.20
N PRO A 559 5.87 -30.14 2.05
CA PRO A 559 6.06 -30.94 0.84
C PRO A 559 7.35 -31.73 0.89
N ASP A 560 7.45 -32.70 0.00
CA ASP A 560 8.67 -33.50 -0.11
C ASP A 560 9.80 -32.63 -0.65
N PHE A 561 10.85 -32.48 0.15
CA PHE A 561 12.01 -31.69 -0.26
C PHE A 561 12.94 -32.44 -1.19
N ALA A 562 12.70 -33.74 -1.41
CA ALA A 562 13.52 -34.51 -2.33
C ALA A 562 13.36 -34.07 -3.78
N CYS A 563 12.28 -33.36 -4.11
CA CYS A 563 12.05 -32.90 -5.46
C CYS A 563 12.99 -31.74 -5.79
N SER A 564 12.90 -31.26 -7.03
CA SER A 564 13.73 -30.15 -7.48
C SER A 564 13.06 -28.83 -7.15
N GLY A 565 13.89 -27.82 -6.89
CA GLY A 565 13.42 -26.48 -6.58
C GLY A 565 12.87 -26.30 -5.17
N SER A 566 12.55 -27.39 -4.47
CA SER A 566 12.02 -27.28 -3.13
C SER A 566 13.11 -26.78 -2.18
N LYS A 567 12.90 -25.60 -1.61
CA LYS A 567 13.87 -24.99 -0.73
C LYS A 567 13.76 -25.56 0.68
N LYS A 568 14.91 -25.71 1.34
CA LYS A 568 14.96 -26.34 2.65
C LYS A 568 14.44 -25.38 3.72
N ILE A 569 14.23 -25.94 4.92
CA ILE A 569 13.71 -25.16 6.03
C ILE A 569 14.83 -24.30 6.62
N ARG A 570 14.57 -23.01 6.75
CA ARG A 570 15.58 -22.07 7.22
C ARG A 570 15.85 -22.28 8.71
N SER A 571 17.11 -22.49 9.07
CA SER A 571 17.45 -22.77 10.47
C SER A 571 17.31 -21.52 11.34
N ASP A 572 17.74 -20.37 10.83
CA ASP A 572 17.56 -19.13 11.58
C ASP A 572 16.09 -18.80 11.80
N ASN A 573 15.21 -19.26 10.91
CA ASN A 573 13.78 -19.15 11.17
C ASN A 573 13.40 -19.89 12.45
N ILE A 574 13.93 -21.11 12.61
CA ILE A 574 13.67 -21.88 13.83
C ILE A 574 14.25 -21.15 15.04
N LYS A 575 15.45 -20.61 14.90
CA LYS A 575 16.08 -19.91 16.03
C LYS A 575 15.26 -18.69 16.46
N LYS A 576 14.69 -17.96 15.50
CA LYS A 576 13.89 -16.80 15.84
C LYS A 576 12.50 -17.18 16.35
N LEU A 577 11.96 -18.31 15.92
CA LEU A 577 10.62 -18.69 16.36
C LEU A 577 10.56 -19.06 17.84
N THR A 578 11.70 -19.21 18.51
CA THR A 578 11.74 -19.59 19.91
C THR A 578 12.32 -18.48 20.79
N GLU A 579 12.14 -17.23 20.39
CA GLU A 579 12.61 -16.14 21.25
C GLU A 579 11.42 -15.40 21.84
N PRO A 580 11.59 -14.74 22.99
CA PRO A 580 10.42 -14.18 23.71
C PRO A 580 9.58 -13.22 22.88
N CYS A 581 10.21 -12.41 22.02
CA CYS A 581 9.47 -11.54 21.12
C CYS A 581 9.99 -11.75 19.70
N VAL A 582 9.07 -12.00 18.79
CA VAL A 582 9.41 -12.26 17.39
C VAL A 582 9.23 -10.97 16.61
N ILE A 583 10.01 -10.81 15.55
CA ILE A 583 10.08 -9.58 14.77
C ILE A 583 9.32 -9.80 13.47
N GLY A 584 8.29 -8.98 13.25
CA GLY A 584 7.49 -9.07 12.04
C GLY A 584 6.46 -7.96 11.98
N ARG A 585 6.27 -7.37 10.80
CA ARG A 585 5.38 -6.24 10.71
C ARG A 585 4.09 -6.62 10.00
N PRO A 586 2.94 -6.10 10.45
CA PRO A 586 1.67 -6.39 9.77
C PRO A 586 1.38 -5.40 8.65
N CYS A 587 0.23 -5.55 8.01
CA CYS A 587 -0.22 -4.63 6.98
C CYS A 587 -0.94 -3.45 7.61
N PHE A 588 -0.66 -2.26 7.09
CA PHE A 588 -1.28 -1.01 7.55
C PHE A 588 -0.99 -0.77 9.04
N SER A 589 0.24 -1.07 9.46
CA SER A 589 0.68 -0.81 10.81
C SER A 589 2.21 -0.78 10.82
N ASN A 590 2.79 -0.51 11.98
CA ASN A 590 4.23 -0.36 12.10
C ASN A 590 4.85 -1.13 13.27
N LYS A 591 4.06 -1.73 14.15
CA LYS A 591 4.62 -2.48 15.27
C LYS A 591 5.33 -3.73 14.74
N ILE A 592 6.57 -3.94 15.19
CA ILE A 592 7.38 -5.04 14.69
C ILE A 592 7.54 -6.17 15.70
N ASN A 593 7.38 -5.90 16.99
CA ASN A 593 7.59 -6.93 18.01
C ASN A 593 6.25 -7.55 18.40
N ASN A 594 6.21 -8.87 18.43
CA ASN A 594 5.03 -9.61 18.86
C ASN A 594 5.45 -10.65 19.89
N ARG A 595 4.75 -10.70 21.01
CA ARG A 595 5.10 -11.65 22.06
C ARG A 595 4.86 -13.07 21.58
N ASN A 596 5.85 -13.94 21.76
CA ASN A 596 5.81 -15.30 21.25
C ASN A 596 5.44 -16.24 22.40
N HIS A 597 4.14 -16.45 22.58
CA HIS A 597 3.62 -17.37 23.58
C HIS A 597 3.18 -18.70 22.95
N ALA A 598 3.70 -19.03 21.79
CA ALA A 598 3.13 -20.07 20.95
C ALA A 598 3.92 -21.37 21.01
N THR A 599 3.20 -22.48 21.07
CA THR A 599 3.77 -23.79 20.84
C THR A 599 3.68 -24.09 19.35
N ILE A 600 4.82 -24.30 18.71
CA ILE A 600 4.90 -24.46 17.27
C ILE A 600 4.85 -25.94 16.95
N ILE A 601 3.81 -26.36 16.23
CA ILE A 601 3.64 -27.75 15.82
C ILE A 601 3.57 -27.80 14.30
N ILE A 602 4.35 -28.69 13.71
CA ILE A 602 4.44 -28.84 12.25
C ILE A 602 3.80 -30.17 11.89
N ASP A 603 2.69 -30.10 11.15
CA ASP A 603 1.98 -31.30 10.72
C ASP A 603 2.60 -31.78 9.43
N THR A 604 3.76 -32.42 9.54
CA THR A 604 4.52 -32.89 8.39
C THR A 604 4.08 -34.30 8.00
N ASN A 605 4.50 -34.70 6.80
CA ASN A 605 4.23 -36.04 6.29
C ASN A 605 5.49 -36.80 5.89
N TYR A 606 6.59 -36.11 5.60
CA TYR A 606 7.86 -36.73 5.28
C TYR A 606 8.93 -36.19 6.22
N LYS A 607 10.09 -36.85 6.21
CA LYS A 607 11.18 -36.43 7.07
C LYS A 607 11.70 -35.06 6.63
N PRO A 608 11.74 -34.07 7.52
CA PRO A 608 12.19 -32.73 7.12
C PRO A 608 13.70 -32.63 7.09
N VAL A 609 14.19 -31.80 6.18
CA VAL A 609 15.62 -31.51 6.06
C VAL A 609 15.81 -30.01 6.10
N PHE A 610 16.97 -29.58 6.60
CA PHE A 610 17.30 -28.17 6.78
C PHE A 610 18.51 -27.82 5.95
N ASP A 611 18.81 -26.52 5.87
CA ASP A 611 19.97 -26.07 5.12
C ASP A 611 21.26 -26.52 5.79
N ARG A 612 21.48 -26.06 7.02
CA ARG A 612 22.67 -26.43 7.78
C ARG A 612 22.24 -27.03 9.12
N ILE A 613 23.04 -27.97 9.60
CA ILE A 613 22.76 -28.70 10.83
C ILE A 613 23.89 -28.42 11.82
N ASP A 614 23.52 -28.01 13.03
CA ASP A 614 24.49 -27.61 14.03
C ASP A 614 23.94 -27.89 15.43
N ASN A 615 24.75 -27.56 16.43
CA ASN A 615 24.33 -27.77 17.81
C ASN A 615 23.18 -26.85 18.19
N ALA A 616 23.11 -25.66 17.60
CA ALA A 616 22.02 -24.73 17.89
C ALA A 616 20.68 -25.20 17.39
N LEU A 617 20.65 -26.26 16.57
CA LEU A 617 19.41 -26.84 16.09
C LEU A 617 19.01 -28.12 16.80
N MET A 618 19.96 -28.77 17.49
CA MET A 618 19.63 -29.96 18.27
C MET A 618 18.68 -29.62 19.41
N ARG A 619 18.89 -28.51 20.10
CA ARG A 619 18.17 -28.18 21.31
C ARG A 619 16.90 -27.37 21.05
N ARG A 620 16.38 -27.42 19.83
CA ARG A 620 15.13 -26.74 19.50
C ARG A 620 14.19 -27.61 18.67
N ILE A 621 14.45 -28.91 18.56
CA ILE A 621 13.67 -29.79 17.69
C ILE A 621 13.21 -31.00 18.50
N ALA A 622 11.91 -31.27 18.47
CA ALA A 622 11.33 -32.48 19.01
C ALA A 622 10.33 -33.03 18.00
N VAL A 623 10.12 -34.35 18.03
CA VAL A 623 9.25 -35.01 17.08
C VAL A 623 8.50 -36.14 17.78
N VAL A 624 7.23 -36.31 17.40
CA VAL A 624 6.42 -37.45 17.83
C VAL A 624 5.98 -38.21 16.59
N ARG A 625 5.87 -39.52 16.71
CA ARG A 625 5.56 -40.38 15.58
C ARG A 625 4.18 -40.99 15.76
N PHE A 626 3.33 -40.82 14.75
CA PHE A 626 2.00 -41.40 14.73
C PHE A 626 2.05 -42.72 13.98
N ARG A 627 1.55 -43.78 14.61
CA ARG A 627 1.71 -45.14 14.08
C ARG A 627 0.41 -45.80 13.67
N THR A 628 -0.66 -45.65 14.45
CA THR A 628 -1.90 -46.36 14.18
C THR A 628 -2.56 -45.82 12.90
N HIS A 629 -2.94 -46.73 12.02
CA HIS A 629 -3.49 -46.37 10.72
C HIS A 629 -5.00 -46.69 10.69
N PHE A 630 -5.78 -45.75 10.17
CA PHE A 630 -7.22 -45.90 10.05
C PHE A 630 -7.60 -46.05 8.59
N SER A 631 -8.26 -47.15 8.24
CA SER A 631 -8.60 -47.41 6.84
C SER A 631 -9.92 -48.17 6.76
N GLN A 632 -10.54 -48.08 5.59
CA GLN A 632 -11.73 -48.86 5.31
C GLN A 632 -11.37 -50.33 5.13
N PRO A 633 -12.32 -51.24 5.33
CA PRO A 633 -12.02 -52.67 5.17
C PRO A 633 -11.64 -53.08 3.76
N SER A 634 -11.97 -52.26 2.75
CA SER A 634 -11.59 -52.59 1.38
C SER A 634 -10.08 -52.60 1.22
N GLY A 635 -9.40 -51.60 1.78
CA GLY A 635 -7.95 -51.53 1.71
C GLY A 635 -7.26 -51.98 2.98
N ARG A 636 -8.00 -52.72 3.82
CA ARG A 636 -7.45 -53.16 5.10
C ARG A 636 -6.27 -54.10 4.90
N GLU A 637 -6.37 -55.02 3.94
CA GLU A 637 -5.31 -56.01 3.74
C GLU A 637 -4.01 -55.34 3.30
N ALA A 638 -4.09 -54.32 2.45
CA ALA A 638 -2.89 -53.66 1.94
C ALA A 638 -2.13 -52.88 3.00
N ALA A 639 -2.72 -52.68 4.18
CA ALA A 639 -2.06 -51.92 5.24
C ALA A 639 -1.40 -52.79 6.29
N GLU A 640 -1.74 -54.09 6.36
CA GLU A 640 -1.15 -54.95 7.37
C GLU A 640 0.33 -55.20 7.11
N ASN A 641 0.72 -55.34 5.85
CA ASN A 641 2.10 -55.63 5.49
C ASN A 641 2.98 -54.39 5.44
N ASN A 642 2.42 -53.21 5.67
CA ASN A 642 3.19 -51.98 5.66
C ASN A 642 3.94 -51.82 6.98
N ASP A 643 5.23 -51.49 6.90
CA ASP A 643 6.05 -51.31 8.09
C ASP A 643 5.87 -49.95 8.73
N ALA A 644 5.26 -48.99 8.04
CA ALA A 644 5.05 -47.67 8.60
C ALA A 644 3.88 -47.61 9.56
N TYR A 645 3.14 -48.70 9.74
CA TYR A 645 2.01 -48.76 10.64
C TYR A 645 2.19 -49.92 11.61
N ASP A 646 1.80 -49.69 12.87
CA ASP A 646 1.93 -50.72 13.91
C ASP A 646 0.60 -51.30 14.35
N LYS A 647 -0.53 -50.69 14.00
CA LYS A 647 -1.84 -51.21 14.34
C LYS A 647 -2.90 -50.54 13.47
N VAL A 648 -3.74 -51.33 12.81
CA VAL A 648 -4.72 -50.83 11.86
C VAL A 648 -6.09 -50.91 12.51
N LYS A 649 -6.71 -49.75 12.73
CA LYS A 649 -8.06 -49.69 13.26
C LYS A 649 -9.05 -49.58 12.11
N LEU A 650 -10.32 -49.31 12.43
CA LEU A 650 -11.36 -49.12 11.44
C LEU A 650 -11.75 -47.65 11.39
N LEU A 651 -11.81 -47.11 10.17
CA LEU A 651 -12.13 -45.70 9.99
C LEU A 651 -13.54 -45.41 10.48
N ASP A 652 -13.68 -44.35 11.26
CA ASP A 652 -14.98 -43.90 11.76
C ASP A 652 -15.41 -42.72 10.89
N GLU A 653 -16.37 -42.96 10.00
CA GLU A 653 -16.81 -41.92 9.08
C GLU A 653 -17.53 -40.80 9.81
N GLY A 654 -18.25 -41.11 10.88
CA GLY A 654 -18.97 -40.11 11.63
C GLY A 654 -18.15 -39.36 12.65
N LEU A 655 -16.88 -39.71 12.84
CA LEU A 655 -16.06 -39.04 13.84
C LEU A 655 -15.78 -37.59 13.43
N ASP A 656 -15.35 -37.37 12.19
CA ASP A 656 -15.04 -36.02 11.75
C ASP A 656 -16.25 -35.10 11.85
N GLY A 657 -17.46 -35.65 11.70
CA GLY A 657 -18.65 -34.85 11.88
C GLY A 657 -18.83 -34.37 13.31
N LYS A 658 -18.61 -35.25 14.28
CA LYS A 658 -18.74 -34.88 15.69
C LYS A 658 -17.42 -34.42 16.27
N ILE A 659 -16.73 -33.54 15.54
CA ILE A 659 -15.58 -32.81 16.06
C ILE A 659 -15.85 -31.33 15.85
N GLN A 660 -16.32 -30.99 14.64
CA GLN A 660 -16.76 -29.64 14.35
C GLN A 660 -18.02 -29.24 15.11
N ASN A 661 -18.71 -30.21 15.71
CA ASN A 661 -19.81 -29.93 16.61
C ASN A 661 -19.35 -29.70 18.05
N ASN A 662 -18.05 -29.76 18.30
CA ASN A 662 -17.47 -29.51 19.63
C ASN A 662 -18.03 -30.48 20.66
N ARG A 663 -18.20 -31.74 20.27
CA ARG A 663 -18.67 -32.76 21.19
C ARG A 663 -17.62 -33.08 22.25
N TYR A 664 -16.35 -33.06 21.86
CA TYR A 664 -15.23 -33.39 22.73
C TYR A 664 -14.43 -32.15 23.11
N ARG A 665 -15.12 -31.03 23.37
CA ARG A 665 -14.44 -29.79 23.69
C ARG A 665 -14.00 -29.75 25.15
N PHE A 666 -14.95 -29.83 26.07
CA PHE A 666 -14.61 -29.73 27.49
C PHE A 666 -13.95 -31.02 27.99
N ALA A 667 -14.26 -32.16 27.38
CA ALA A 667 -13.56 -33.39 27.75
C ALA A 667 -12.08 -33.30 27.44
N PHE A 668 -11.74 -32.84 26.23
CA PHE A 668 -10.33 -32.64 25.89
C PHE A 668 -9.71 -31.52 26.71
N LEU A 669 -10.49 -30.49 27.07
CA LEU A 669 -9.96 -29.45 27.94
C LEU A 669 -9.58 -30.02 29.30
N TYR A 670 -10.43 -30.87 29.87
CA TYR A 670 -10.10 -31.51 31.14
C TYR A 670 -8.89 -32.40 31.00
N LEU A 671 -8.79 -33.13 29.89
CA LEU A 671 -7.62 -33.97 29.68
C LEU A 671 -6.35 -33.13 29.60
N LEU A 672 -6.40 -32.01 28.89
CA LEU A 672 -5.24 -31.14 28.78
C LEU A 672 -4.84 -30.56 30.13
N VAL A 673 -5.83 -30.16 30.94
CA VAL A 673 -5.52 -29.63 32.27
C VAL A 673 -4.91 -30.71 33.16
N LYS A 674 -5.45 -31.93 33.08
CA LYS A 674 -4.90 -33.03 33.87
C LYS A 674 -3.46 -33.34 33.45
N TRP A 675 -3.16 -33.27 32.15
CA TRP A 675 -1.79 -33.46 31.71
C TRP A 675 -0.90 -32.30 32.16
N TYR A 676 -1.44 -31.09 32.19
CA TYR A 676 -0.67 -29.94 32.64
C TYR A 676 -0.25 -30.08 34.09
N LYS A 677 -1.18 -30.50 34.95
CA LYS A 677 -0.79 -30.78 36.32
C LYS A 677 -0.22 -32.18 36.43
N LYS A 678 0.66 -32.55 35.50
CA LYS A 678 1.46 -33.76 35.62
C LYS A 678 2.90 -33.59 35.16
N TYR A 679 3.23 -32.54 34.39
CA TYR A 679 4.59 -32.33 33.92
C TYR A 679 5.06 -30.88 34.01
N HIS A 680 4.18 -29.90 34.17
CA HIS A 680 4.54 -28.49 34.08
C HIS A 680 4.22 -27.71 35.35
N ILE A 681 4.06 -28.40 36.49
CA ILE A 681 3.66 -27.73 37.73
C ILE A 681 4.85 -26.98 38.33
N PRO A 682 6.03 -27.59 38.56
CA PRO A 682 7.14 -26.82 39.12
C PRO A 682 7.63 -25.72 38.18
N ILE A 683 8.07 -26.12 36.99
CA ILE A 683 8.57 -25.20 35.97
C ILE A 683 8.28 -25.81 34.61
N MET A 684 7.71 -25.00 33.72
CA MET A 684 7.35 -25.47 32.39
C MET A 684 8.56 -25.35 31.47
N LYS A 685 8.93 -26.46 30.83
CA LYS A 685 10.04 -26.46 29.88
C LYS A 685 9.82 -27.58 28.88
N LEU A 686 10.16 -27.32 27.62
CA LEU A 686 10.02 -28.28 26.54
C LEU A 686 11.41 -28.75 26.13
N TYR A 687 11.64 -30.08 26.21
CA TYR A 687 12.94 -30.66 25.92
C TYR A 687 12.99 -31.24 24.52
N PRO A 688 14.15 -31.21 23.87
CA PRO A 688 14.28 -31.74 22.52
C PRO A 688 14.58 -33.23 22.50
N THR A 689 14.34 -33.83 21.33
CA THR A 689 14.68 -35.23 21.05
C THR A 689 15.49 -35.26 19.77
N PRO A 690 16.80 -35.02 19.85
CA PRO A 690 17.63 -34.95 18.63
C PRO A 690 17.95 -36.31 18.02
N GLU A 691 17.77 -37.40 18.74
CA GLU A 691 18.18 -38.72 18.27
C GLU A 691 17.15 -39.40 17.38
N GLU A 692 16.01 -38.77 17.15
CA GLU A 692 14.93 -39.38 16.36
C GLU A 692 14.97 -38.97 14.90
N ILE A 693 16.02 -38.31 14.45
CA ILE A 693 16.18 -37.88 13.06
C ILE A 693 17.49 -38.45 12.54
N PRO A 694 17.53 -39.07 11.35
CA PRO A 694 18.76 -39.72 10.87
C PRO A 694 19.95 -38.79 10.76
N ASP A 695 19.81 -37.66 10.06
CA ASP A 695 20.93 -36.74 9.90
C ASP A 695 21.35 -36.14 11.23
N PHE A 696 20.38 -35.81 12.10
CA PHE A 696 20.71 -35.34 13.43
C PHE A 696 21.46 -36.40 14.22
N ALA A 697 21.04 -37.67 14.10
CA ALA A 697 21.77 -38.75 14.74
C ALA A 697 23.20 -38.86 14.21
N PHE A 698 23.39 -38.61 12.92
CA PHE A 698 24.75 -38.57 12.37
C PHE A 698 25.55 -37.44 12.99
N TYR A 699 24.95 -36.26 13.16
CA TYR A 699 25.66 -35.17 13.81
C TYR A 699 25.88 -35.43 15.29
N LEU A 700 25.06 -36.28 15.90
CA LEU A 700 25.26 -36.65 17.29
C LEU A 700 26.50 -37.54 17.43
N LYS A 701 27.59 -36.95 17.92
CA LYS A 701 28.88 -37.64 18.05
C LYS A 701 29.35 -38.20 16.72
N GLY B 323 -10.17 39.43 28.77
CA GLY B 323 -10.86 39.68 27.52
C GLY B 323 -11.27 38.41 26.79
N ASN B 324 -10.53 37.33 27.04
CA ASN B 324 -10.83 36.05 26.42
C ASN B 324 -10.25 34.96 27.31
N LYS B 325 -11.12 34.17 27.94
CA LYS B 325 -10.66 33.16 28.88
C LYS B 325 -9.96 32.01 28.16
N LEU B 326 -10.53 31.55 27.06
CA LEU B 326 -9.97 30.42 26.33
C LEU B 326 -8.60 30.74 25.74
N PHE B 327 -8.30 32.02 25.54
CA PHE B 327 -6.99 32.45 25.06
C PHE B 327 -6.01 32.69 26.18
N ASN B 328 -6.48 33.23 27.32
CA ASN B 328 -5.61 33.41 28.47
C ASN B 328 -5.16 32.06 29.03
N ILE B 329 -6.04 31.06 28.98
CA ILE B 329 -5.65 29.72 29.42
C ILE B 329 -4.48 29.21 28.58
N ALA B 330 -4.59 29.35 27.26
CA ALA B 330 -3.52 28.91 26.37
C ALA B 330 -2.24 29.70 26.59
N GLN B 331 -2.35 31.00 26.82
CA GLN B 331 -1.17 31.81 27.09
C GLN B 331 -0.48 31.35 28.38
N ARG B 332 -1.26 31.08 29.43
CA ARG B 332 -0.68 30.62 30.69
C ARG B 332 -0.01 29.26 30.52
N ILE B 333 -0.64 28.36 29.76
CA ILE B 333 -0.02 27.06 29.50
C ILE B 333 1.30 27.24 28.75
N LEU B 334 1.32 28.14 27.76
CA LEU B 334 2.55 28.39 27.02
C LEU B 334 3.62 29.03 27.90
N ASP B 335 3.21 29.74 28.95
CA ASP B 335 4.18 30.38 29.83
C ASP B 335 5.05 29.35 30.55
N THR B 336 4.45 28.26 31.01
CA THR B 336 5.18 27.25 31.79
C THR B 336 6.10 26.39 30.92
N ASN B 337 6.04 26.52 29.59
CA ASN B 337 6.86 25.73 28.68
C ASN B 337 6.62 24.23 28.87
N SER B 338 5.36 23.86 29.16
CA SER B 338 5.00 22.46 29.22
C SER B 338 4.85 21.85 27.83
N VAL B 339 4.44 22.65 26.85
CA VAL B 339 4.27 22.20 25.48
C VAL B 339 5.36 22.83 24.62
N LEU B 340 5.97 22.03 23.76
CA LEU B 340 6.99 22.52 22.84
C LEU B 340 6.80 21.82 21.50
N LEU B 341 7.39 22.42 20.47
CA LEU B 341 7.34 21.89 19.11
C LEU B 341 8.74 21.54 18.66
N THR B 342 8.91 20.33 18.11
CA THR B 342 10.20 19.86 17.66
C THR B 342 10.33 20.03 16.15
N GLU B 343 11.58 19.93 15.68
CA GLU B 343 11.85 20.08 14.25
C GLU B 343 11.26 18.97 13.41
N ARG B 344 10.87 17.86 14.01
CA ARG B 344 10.26 16.73 13.31
C ARG B 344 8.77 16.91 13.10
N GLY B 345 8.23 18.11 13.33
CA GLY B 345 6.81 18.32 13.24
C GLY B 345 6.02 17.75 14.40
N ASP B 346 6.65 17.52 15.54
CA ASP B 346 6.02 16.88 16.68
C ASP B 346 5.77 17.90 17.78
N HIS B 347 4.64 17.74 18.47
CA HIS B 347 4.24 18.60 19.58
C HIS B 347 4.42 17.79 20.87
N ILE B 348 5.63 17.86 21.44
CA ILE B 348 5.90 17.11 22.66
C ILE B 348 5.19 17.74 23.84
N VAL B 349 4.91 16.94 24.85
CA VAL B 349 4.06 17.33 25.97
C VAL B 349 4.73 16.90 27.27
N TRP B 350 4.60 17.74 28.30
CA TRP B 350 5.21 17.52 29.61
C TRP B 350 4.12 17.13 30.61
N ILE B 351 3.95 15.83 30.80
CA ILE B 351 3.03 15.31 31.82
C ILE B 351 3.73 14.19 32.58
N ASN B 352 3.57 14.19 33.91
CA ASN B 352 4.12 13.17 34.79
C ASN B 352 5.63 13.03 34.62
N ASN B 353 6.31 14.18 34.63
CA ASN B 353 7.78 14.24 34.66
C ASN B 353 8.40 13.46 33.50
N SER B 354 7.85 13.63 32.30
CA SER B 354 8.37 12.96 31.12
C SER B 354 7.82 13.64 29.88
N TRP B 355 8.70 13.90 28.90
CA TRP B 355 8.28 14.49 27.64
C TRP B 355 7.70 13.39 26.76
N LYS B 356 6.40 13.44 26.51
CA LYS B 356 5.70 12.45 25.72
C LYS B 356 5.25 13.05 24.40
N PHE B 357 5.12 12.20 23.39
CA PHE B 357 4.72 12.63 22.07
C PHE B 357 4.11 11.45 21.31
N ASN B 358 3.12 11.74 20.48
CA ASN B 358 2.47 10.72 19.67
C ASN B 358 1.89 11.42 18.44
N SER B 359 2.43 11.11 17.27
CA SER B 359 2.08 11.84 16.05
C SER B 359 0.71 11.43 15.53
N GLU B 360 0.10 10.44 16.19
CA GLU B 360 -1.26 9.97 15.79
C GLU B 360 -2.28 10.44 16.82
N GLU B 361 -1.83 11.06 17.93
CA GLU B 361 -2.77 11.48 19.00
C GLU B 361 -2.37 12.86 19.53
N PRO B 362 -3.23 13.90 19.41
CA PRO B 362 -2.93 15.22 19.98
C PRO B 362 -2.78 15.12 21.50
N LEU B 363 -1.71 14.48 21.97
CA LEU B 363 -1.49 14.33 23.41
C LEU B 363 -1.65 15.64 24.17
N ILE B 364 -1.68 16.77 23.44
CA ILE B 364 -1.78 18.08 24.08
C ILE B 364 -3.02 18.15 24.95
N THR B 365 -4.14 17.59 24.47
CA THR B 365 -5.38 17.64 25.22
C THR B 365 -5.29 16.89 26.55
N LYS B 366 -4.36 15.95 26.67
CA LYS B 366 -4.07 15.39 27.99
C LYS B 366 -3.44 16.43 28.90
N LEU B 367 -2.37 17.08 28.43
CA LEU B 367 -1.73 18.14 29.20
C LEU B 367 -2.72 19.22 29.57
N ILE B 368 -3.52 19.64 28.59
CA ILE B 368 -4.51 20.70 28.81
C ILE B 368 -5.43 20.34 29.96
N LEU B 369 -5.70 19.04 30.15
CA LEU B 369 -6.49 18.61 31.29
C LEU B 369 -5.64 18.47 32.55
N SER B 370 -4.45 17.88 32.42
CA SER B 370 -3.64 17.58 33.60
C SER B 370 -3.10 18.85 34.25
N ILE B 371 -2.98 19.94 33.49
CA ILE B 371 -2.45 21.19 34.00
C ILE B 371 -3.58 21.93 34.71
N ARG B 372 -4.79 21.37 34.66
CA ARG B 372 -5.95 22.09 35.17
C ARG B 372 -5.83 22.44 36.65
N HIS B 373 -5.03 21.70 37.41
CA HIS B 373 -4.77 22.06 38.80
C HIS B 373 -3.50 22.91 38.92
N GLN B 374 -3.39 23.92 38.06
CA GLN B 374 -2.33 24.91 38.17
C GLN B 374 -2.80 26.34 37.92
N LEU B 375 -3.98 26.54 37.37
CA LEU B 375 -4.56 27.83 37.06
C LEU B 375 -5.53 28.25 38.15
N PRO B 376 -5.91 29.53 38.20
CA PRO B 376 -6.92 29.96 39.17
C PRO B 376 -8.22 29.18 39.01
N LYS B 377 -9.06 29.27 40.04
CA LYS B 377 -10.29 28.49 40.09
C LYS B 377 -11.22 28.83 38.93
N GLU B 378 -11.32 30.12 38.59
CA GLU B 378 -12.17 30.53 37.48
C GLU B 378 -11.66 29.98 36.15
N TYR B 379 -10.35 29.74 36.05
CA TYR B 379 -9.76 29.19 34.84
C TYR B 379 -9.62 27.66 34.89
N SER B 380 -10.13 27.02 35.93
CA SER B 380 -10.01 25.57 36.09
C SER B 380 -11.32 24.83 35.88
N SER B 381 -12.42 25.31 36.43
CA SER B 381 -13.71 24.65 36.25
C SER B 381 -14.18 24.70 34.80
N GLU B 382 -13.65 25.61 33.99
CA GLU B 382 -13.95 25.67 32.58
C GLU B 382 -13.19 24.62 31.77
N LEU B 383 -12.27 23.90 32.40
CA LEU B 383 -11.39 22.98 31.70
C LEU B 383 -11.89 21.54 31.70
N LEU B 384 -13.04 21.28 32.31
CA LEU B 384 -13.65 19.95 32.31
C LEU B 384 -14.66 19.78 31.19
N CYS B 385 -14.25 20.06 29.95
CA CYS B 385 -15.17 19.93 28.82
C CYS B 385 -14.39 19.65 27.54
N PRO B 386 -14.63 18.50 26.90
CA PRO B 386 -13.90 18.19 25.66
C PRO B 386 -14.18 19.16 24.53
N ARG B 387 -15.32 19.85 24.55
CA ARG B 387 -15.58 20.85 23.52
C ARG B 387 -14.79 22.13 23.74
N LYS B 388 -14.42 22.44 24.99
CA LYS B 388 -13.55 23.56 25.30
C LYS B 388 -12.12 23.12 25.58
N ARG B 389 -11.78 21.86 25.35
CA ARG B 389 -10.41 21.38 25.48
C ARG B 389 -9.76 21.11 24.14
N LYS B 390 -10.52 21.16 23.06
CA LYS B 390 -9.94 21.20 21.71
C LYS B 390 -9.84 22.61 21.16
N THR B 391 -10.57 23.55 21.76
CA THR B 391 -10.37 24.96 21.44
C THR B 391 -9.04 25.46 21.99
N VAL B 392 -8.69 25.05 23.21
CA VAL B 392 -7.41 25.47 23.79
C VAL B 392 -6.25 24.85 23.02
N GLU B 393 -6.39 23.59 22.59
CA GLU B 393 -5.33 22.99 21.80
C GLU B 393 -5.24 23.61 20.41
N ALA B 394 -6.38 24.06 19.86
CA ALA B 394 -6.35 24.79 18.60
C ALA B 394 -5.63 26.13 18.75
N ASN B 395 -5.90 26.84 19.84
CA ASN B 395 -5.22 28.10 20.09
C ASN B 395 -3.73 27.88 20.33
N ILE B 396 -3.37 26.84 21.07
CA ILE B 396 -1.97 26.55 21.35
C ILE B 396 -1.23 26.16 20.09
N ARG B 397 -1.89 25.41 19.20
CA ARG B 397 -1.25 24.95 17.98
C ARG B 397 -0.93 26.08 17.01
N ASP B 398 -1.46 27.28 17.24
CA ASP B 398 -1.15 28.44 16.41
C ASP B 398 -0.20 29.41 17.09
N MET B 399 0.33 29.06 18.26
CA MET B 399 1.35 29.87 18.91
C MET B 399 2.71 29.22 18.95
N LEU B 400 2.83 27.97 18.49
CA LEU B 400 4.11 27.27 18.46
C LEU B 400 4.68 27.42 17.04
N VAL B 401 5.31 28.57 16.80
CA VAL B 401 5.82 28.92 15.48
C VAL B 401 7.27 28.49 15.35
N ASP B 402 8.03 28.58 16.44
CA ASP B 402 9.46 28.27 16.43
C ASP B 402 9.67 26.80 16.80
N SER B 403 10.82 26.26 16.42
CA SER B 403 11.15 24.88 16.76
C SER B 403 12.25 24.85 17.82
N VAL B 404 12.21 23.82 18.65
CA VAL B 404 13.16 23.65 19.75
C VAL B 404 13.87 22.32 19.57
N GLU B 405 15.20 22.37 19.57
CA GLU B 405 15.99 21.15 19.42
C GLU B 405 15.86 20.26 20.65
N THR B 406 15.78 18.96 20.43
CA THR B 406 15.54 17.98 21.49
C THR B 406 16.63 16.93 21.50
N ASP B 407 16.83 16.35 22.68
CA ASP B 407 17.82 15.28 22.91
C ASP B 407 19.23 15.76 22.53
N THR B 408 19.69 16.76 23.27
CA THR B 408 21.03 17.31 23.07
C THR B 408 22.04 16.81 24.10
N TYR B 409 21.64 16.71 25.36
CA TYR B 409 22.54 16.23 26.39
C TYR B 409 22.78 14.74 26.22
N PRO B 410 24.03 14.29 26.05
CA PRO B 410 24.26 12.86 25.78
C PRO B 410 24.37 12.01 27.04
N ASP B 411 24.83 12.59 28.14
CA ASP B 411 25.05 11.81 29.36
C ASP B 411 23.88 11.99 30.34
N LYS B 412 22.71 11.54 29.90
CA LYS B 412 21.51 11.52 30.74
C LYS B 412 20.72 10.28 30.42
N LEU B 413 19.94 9.81 31.39
CA LEU B 413 19.10 8.62 31.20
C LEU B 413 17.67 8.94 31.62
N PRO B 414 16.73 9.03 30.68
CA PRO B 414 15.37 9.44 31.04
C PRO B 414 14.47 8.29 31.45
N PHE B 415 13.90 8.34 32.64
CA PHE B 415 12.90 7.38 33.10
C PHE B 415 11.53 8.03 33.10
N LYS B 416 10.50 7.18 33.14
CA LYS B 416 9.13 7.63 32.99
C LYS B 416 8.69 8.54 34.15
N ASN B 417 9.58 8.79 35.10
CA ASN B 417 9.27 9.72 36.18
C ASN B 417 10.42 10.66 36.50
N GLY B 418 11.39 10.82 35.61
CA GLY B 418 12.47 11.76 35.86
C GLY B 418 13.61 11.54 34.88
N VAL B 419 14.76 12.10 35.24
CA VAL B 419 15.99 11.91 34.48
C VAL B 419 17.14 11.67 35.45
N LEU B 420 17.98 10.70 35.14
CA LEU B 420 19.11 10.33 35.97
C LEU B 420 20.39 10.85 35.33
N ASP B 421 21.19 11.56 36.11
CA ASP B 421 22.47 12.07 35.64
C ASP B 421 23.54 10.99 35.78
N LEU B 422 24.28 10.76 34.71
CA LEU B 422 25.27 9.69 34.68
C LEU B 422 26.60 10.10 35.28
N VAL B 423 26.95 11.40 35.20
CA VAL B 423 28.25 11.84 35.69
C VAL B 423 28.32 11.85 37.20
N ASP B 424 27.18 11.83 37.89
CA ASP B 424 27.15 11.87 39.35
C ASP B 424 26.23 10.84 39.98
N GLY B 425 25.39 10.16 39.20
CA GLY B 425 24.47 9.20 39.77
C GLY B 425 23.28 9.82 40.46
N MET B 426 23.10 11.14 40.35
CA MET B 426 21.97 11.80 40.98
C MET B 426 20.71 11.64 40.12
N PHE B 427 19.57 11.57 40.80
CA PHE B 427 18.28 11.41 40.15
C PHE B 427 17.54 12.75 40.17
N TYR B 428 17.12 13.21 39.01
CA TYR B 428 16.44 14.49 38.86
C TYR B 428 14.98 14.25 38.47
N SER B 429 14.09 15.05 39.03
CA SER B 429 12.68 14.98 38.72
C SER B 429 12.08 16.38 38.80
N GLY B 430 10.86 16.51 38.28
CA GLY B 430 10.21 17.81 38.32
C GLY B 430 10.85 18.78 37.33
N ASP B 431 10.90 20.06 37.72
CA ASP B 431 11.44 21.08 36.83
C ASP B 431 12.89 20.81 36.47
N ASP B 432 13.66 20.26 37.41
CA ASP B 432 15.06 19.94 37.12
C ASP B 432 15.19 18.91 36.01
N ALA B 433 14.16 18.08 35.81
CA ALA B 433 14.16 17.13 34.72
C ALA B 433 13.69 17.75 33.41
N LYS B 434 13.05 18.92 33.45
CA LYS B 434 12.49 19.52 32.25
C LYS B 434 13.57 20.14 31.37
N LYS B 435 14.67 20.61 31.97
CA LYS B 435 15.70 21.31 31.20
C LYS B 435 16.30 20.42 30.13
N TYR B 436 16.61 19.17 30.47
CA TYR B 436 17.13 18.22 29.49
C TYR B 436 15.94 17.62 28.75
N THR B 437 15.70 18.12 27.54
CA THR B 437 14.56 17.67 26.74
C THR B 437 14.90 16.31 26.15
N CYS B 438 14.49 15.26 26.84
CA CYS B 438 14.72 13.88 26.43
C CYS B 438 13.37 13.26 26.08
N THR B 439 13.05 13.25 24.78
CA THR B 439 11.74 12.77 24.34
C THR B 439 11.56 11.28 24.59
N VAL B 440 12.58 10.48 24.33
CA VAL B 440 12.51 9.03 24.46
C VAL B 440 12.96 8.65 25.86
N SER B 441 12.14 7.86 26.56
CA SER B 441 12.41 7.46 27.93
C SER B 441 12.48 5.94 28.02
N THR B 442 12.94 5.45 29.17
CA THR B 442 13.06 4.02 29.40
C THR B 442 11.70 3.33 29.40
N GLY B 443 10.69 3.95 30.01
CA GLY B 443 9.35 3.41 30.04
C GLY B 443 8.88 2.91 31.39
N PHE B 444 9.73 2.95 32.41
CA PHE B 444 9.35 2.52 33.74
C PHE B 444 9.80 3.55 34.77
N LYS B 445 9.13 3.55 35.91
CA LYS B 445 9.46 4.46 36.98
C LYS B 445 10.79 4.07 37.61
N PHE B 446 11.43 5.04 38.26
CA PHE B 446 12.71 4.83 38.93
C PHE B 446 12.46 4.67 40.42
N ASP B 447 12.42 3.41 40.87
CA ASP B 447 12.23 3.15 42.30
C ASP B 447 13.51 3.46 43.05
N ASP B 448 13.38 4.25 44.13
CA ASP B 448 14.56 4.72 44.84
C ASP B 448 15.19 3.61 45.68
N THR B 449 14.37 2.81 46.35
CA THR B 449 14.90 1.76 47.22
C THR B 449 15.13 0.45 46.48
N LYS B 450 15.76 0.57 45.31
CA LYS B 450 16.35 -0.57 44.59
C LYS B 450 17.72 -0.27 44.02
N PHE B 451 18.07 1.00 43.83
CA PHE B 451 19.36 1.41 43.26
C PHE B 451 20.44 1.38 44.34
N VAL B 452 20.66 0.19 44.89
CA VAL B 452 21.57 -0.02 46.00
C VAL B 452 22.58 -1.11 45.62
N GLU B 453 23.70 -1.11 46.35
CA GLU B 453 24.78 -2.05 46.08
C GLU B 453 24.65 -3.36 46.84
N ASP B 454 23.99 -3.35 48.00
CA ASP B 454 23.84 -4.54 48.82
C ASP B 454 22.41 -5.03 48.73
N SER B 455 22.22 -6.19 48.10
CA SER B 455 20.92 -6.82 47.92
C SER B 455 21.11 -8.23 47.38
N PRO B 456 20.22 -9.17 47.69
CA PRO B 456 20.35 -10.51 47.10
C PRO B 456 20.30 -10.50 45.59
N GLU B 457 19.47 -9.62 45.00
CA GLU B 457 19.41 -9.51 43.56
C GLU B 457 20.76 -9.11 42.99
N MET B 458 21.42 -8.12 43.61
CA MET B 458 22.73 -7.69 43.13
C MET B 458 23.76 -8.82 43.24
N GLU B 459 23.75 -9.55 44.35
CA GLU B 459 24.71 -10.64 44.53
C GLU B 459 24.51 -11.73 43.48
N GLU B 460 23.26 -12.14 43.26
CA GLU B 460 23.03 -13.22 42.31
C GLU B 460 23.25 -12.75 40.88
N LEU B 461 22.97 -11.48 40.58
CA LEU B 461 23.29 -10.95 39.25
C LEU B 461 24.80 -10.90 39.03
N MET B 462 25.56 -10.51 40.06
CA MET B 462 27.01 -10.52 39.93
C MET B 462 27.54 -11.92 39.70
N ASN B 463 26.98 -12.91 40.40
CA ASN B 463 27.36 -14.30 40.15
C ASN B 463 27.03 -14.70 38.71
N ILE B 464 25.86 -14.30 38.23
CA ILE B 464 25.43 -14.65 36.88
C ILE B 464 26.40 -14.06 35.85
N ILE B 465 26.75 -12.78 36.02
CA ILE B 465 27.62 -12.12 35.06
C ILE B 465 29.03 -12.71 35.12
N ASN B 466 29.52 -13.00 36.32
CA ASN B 466 30.83 -13.63 36.44
C ASN B 466 30.84 -15.02 35.83
N ASP B 467 29.69 -15.70 35.83
CA ASP B 467 29.59 -16.97 35.11
C ASP B 467 29.62 -16.75 33.61
N ILE B 468 28.92 -15.73 33.12
CA ILE B 468 28.90 -15.46 31.68
C ILE B 468 30.27 -15.01 31.19
N GLN B 469 30.89 -14.08 31.90
CA GLN B 469 32.23 -13.59 31.55
C GLN B 469 33.12 -13.67 32.79
N PRO B 470 33.90 -14.75 32.93
CA PRO B 470 34.73 -14.90 34.13
C PRO B 470 35.85 -13.86 34.18
N LEU B 471 36.27 -13.56 35.41
CA LEU B 471 37.34 -12.59 35.65
C LEU B 471 38.70 -13.28 35.75
N THR B 472 39.04 -14.07 34.74
CA THR B 472 40.33 -14.75 34.70
C THR B 472 41.40 -13.78 34.18
N ASP B 473 42.60 -14.30 33.92
CA ASP B 473 43.67 -13.47 33.38
C ASP B 473 43.67 -13.45 31.86
N GLU B 474 43.36 -14.58 31.23
CA GLU B 474 43.24 -14.60 29.77
C GLU B 474 41.93 -13.97 29.29
N ASN B 475 40.96 -13.79 30.19
CA ASN B 475 39.68 -13.17 29.86
C ASN B 475 39.55 -11.81 30.53
N LYS B 476 40.66 -11.06 30.57
CA LYS B 476 40.66 -9.73 31.18
C LYS B 476 40.31 -8.64 30.16
N LYS B 477 40.98 -8.63 29.02
CA LYS B 477 40.67 -7.64 27.99
C LYS B 477 39.25 -7.82 27.47
N ASN B 478 38.83 -9.08 27.27
CA ASN B 478 37.48 -9.35 26.81
C ASN B 478 36.44 -8.87 27.81
N ARG B 479 36.70 -9.08 29.10
CA ARG B 479 35.76 -8.63 30.12
C ARG B 479 35.63 -7.12 30.14
N GLU B 480 36.75 -6.41 30.03
CA GLU B 480 36.70 -4.95 30.01
C GLU B 480 35.97 -4.44 28.77
N LEU B 481 36.23 -5.05 27.61
CA LEU B 481 35.54 -4.64 26.39
C LEU B 481 34.04 -4.93 26.49
N TYR B 482 33.67 -6.07 27.09
CA TYR B 482 32.27 -6.40 27.30
C TYR B 482 31.60 -5.38 28.20
N GLU B 483 32.27 -5.00 29.30
CA GLU B 483 31.71 -3.99 30.19
C GLU B 483 31.56 -2.65 29.48
N LYS B 484 32.57 -2.26 28.70
CA LYS B 484 32.50 -0.99 27.98
C LYS B 484 31.34 -0.98 26.99
N THR B 485 31.21 -2.05 26.21
CA THR B 485 30.14 -2.11 25.22
C THR B 485 28.77 -2.10 25.88
N LEU B 486 28.60 -2.85 26.97
CA LEU B 486 27.30 -2.88 27.64
C LEU B 486 26.98 -1.52 28.28
N SER B 487 27.97 -0.87 28.89
CA SER B 487 27.72 0.40 29.54
C SER B 487 27.53 1.54 28.55
N SER B 488 28.04 1.39 27.33
CA SER B 488 27.87 2.45 26.33
C SER B 488 26.41 2.63 25.92
N CYS B 489 25.54 1.66 26.22
CA CYS B 489 24.13 1.80 25.88
C CYS B 489 23.41 2.61 26.95
N LEU B 490 23.99 3.76 27.32
CA LEU B 490 23.34 4.71 28.21
C LEU B 490 23.47 6.15 27.76
N CYS B 491 24.45 6.49 26.93
CA CYS B 491 24.71 7.86 26.51
C CYS B 491 24.15 8.11 25.12
N GLY B 492 23.69 9.34 24.90
CA GLY B 492 23.01 9.70 23.66
C GLY B 492 23.91 10.18 22.56
N ALA B 493 25.21 9.93 22.68
CA ALA B 493 26.14 10.27 21.61
C ALA B 493 26.00 9.25 20.46
N THR B 494 26.84 9.41 19.44
CA THR B 494 26.87 8.50 18.32
C THR B 494 28.08 7.58 18.44
N LYS B 495 27.86 6.30 18.16
CA LYS B 495 28.90 5.29 18.29
C LYS B 495 29.40 4.88 16.91
N GLY B 496 30.71 4.98 16.70
CA GLY B 496 31.29 4.66 15.42
C GLY B 496 31.97 3.30 15.40
N CYS B 497 31.37 2.33 16.08
CA CYS B 497 31.94 0.99 16.16
C CYS B 497 30.82 -0.02 16.34
N LEU B 498 30.84 -1.07 15.54
CA LEU B 498 29.88 -2.16 15.65
C LEU B 498 30.49 -3.30 16.47
N THR B 499 29.73 -3.82 17.42
CA THR B 499 30.20 -4.86 18.32
C THR B 499 29.47 -6.16 18.00
N PHE B 500 30.25 -7.21 17.73
CA PHE B 500 29.69 -8.52 17.50
C PHE B 500 29.67 -9.32 18.80
N PHE B 501 28.74 -10.27 18.88
CA PHE B 501 28.56 -11.12 20.05
C PHE B 501 28.87 -12.58 19.70
N PHE B 502 29.98 -12.80 18.99
CA PHE B 502 30.30 -14.13 18.50
C PHE B 502 30.50 -15.11 19.65
N GLY B 503 30.00 -16.32 19.46
CA GLY B 503 30.12 -17.35 20.47
C GLY B 503 29.26 -18.54 20.08
N GLU B 504 29.64 -19.70 20.61
CA GLU B 504 28.95 -20.94 20.27
C GLU B 504 27.61 -21.00 20.99
N THR B 505 26.92 -22.14 20.88
CA THR B 505 25.57 -22.25 21.41
C THR B 505 25.57 -22.45 22.92
N ALA B 506 24.43 -22.12 23.53
CA ALA B 506 24.24 -22.21 24.98
C ALA B 506 25.38 -21.52 25.73
N THR B 507 25.57 -20.24 25.45
CA THR B 507 26.73 -19.53 25.95
C THR B 507 26.33 -18.29 26.74
N GLY B 508 25.23 -17.64 26.35
CA GLY B 508 24.73 -16.53 27.13
C GLY B 508 24.56 -15.22 26.40
N LYS B 509 24.50 -15.25 25.07
CA LYS B 509 24.25 -14.04 24.31
C LYS B 509 22.83 -13.53 24.53
N SER B 510 21.85 -14.43 24.41
CA SER B 510 20.47 -14.03 24.61
C SER B 510 20.21 -13.62 26.06
N THR B 511 20.91 -14.22 27.01
CA THR B 511 20.76 -13.81 28.41
C THR B 511 21.22 -12.37 28.60
N THR B 512 22.35 -12.00 28.00
CA THR B 512 22.82 -10.62 28.07
C THR B 512 21.84 -9.67 27.36
N LYS B 513 21.31 -10.10 26.22
CA LYS B 513 20.33 -9.26 25.52
C LYS B 513 19.10 -9.03 26.40
N ARG B 514 18.60 -10.08 27.05
CA ARG B 514 17.40 -9.95 27.87
C ARG B 514 17.68 -9.11 29.12
N LEU B 515 18.86 -9.28 29.72
CA LEU B 515 19.21 -8.43 30.85
C LEU B 515 19.29 -6.97 30.45
N LEU B 516 19.89 -6.68 29.30
CA LEU B 516 19.98 -5.31 28.83
C LEU B 516 18.59 -4.73 28.56
N LYS B 517 17.72 -5.53 27.92
CA LYS B 517 16.37 -5.05 27.63
C LYS B 517 15.59 -4.78 28.91
N SER B 518 15.72 -5.66 29.91
CA SER B 518 15.06 -5.41 31.18
C SER B 518 15.67 -4.21 31.91
N ALA B 519 16.93 -3.91 31.63
CA ALA B 519 17.58 -2.79 32.31
C ALA B 519 17.16 -1.45 31.73
N ILE B 520 17.23 -1.28 30.41
CA ILE B 520 16.98 0.02 29.81
C ILE B 520 15.59 0.19 29.23
N GLY B 521 14.87 -0.90 28.98
CA GLY B 521 13.47 -0.79 28.58
C GLY B 521 13.24 -0.34 27.15
N ASP B 522 12.60 0.82 26.99
CA ASP B 522 12.16 1.26 25.66
C ASP B 522 13.37 1.65 24.81
N LEU B 523 14.40 2.24 25.41
CA LEU B 523 15.56 2.63 24.62
C LEU B 523 16.38 1.41 24.24
N PHE B 524 15.74 0.46 23.56
CA PHE B 524 16.34 -0.79 23.14
C PHE B 524 15.44 -1.44 22.11
N VAL B 525 15.95 -1.66 20.90
CA VAL B 525 15.17 -2.34 19.87
C VAL B 525 16.03 -3.41 19.22
N GLU B 526 15.37 -4.36 18.58
CA GLU B 526 16.03 -5.36 17.77
C GLU B 526 15.38 -5.41 16.40
N THR B 527 16.21 -5.49 15.37
CA THR B 527 15.76 -5.48 13.99
C THR B 527 16.27 -6.73 13.28
N GLY B 528 15.86 -6.89 12.03
CA GLY B 528 16.32 -8.01 11.23
C GLY B 528 17.70 -7.77 10.66
N GLN B 529 18.24 -8.81 10.02
CA GLN B 529 19.55 -8.73 9.41
C GLN B 529 19.51 -8.08 8.03
N THR B 530 18.37 -7.55 7.62
CA THR B 530 18.30 -6.81 6.36
C THR B 530 19.17 -5.56 6.42
N ILE B 531 19.14 -4.84 7.55
CA ILE B 531 19.90 -3.61 7.67
C ILE B 531 21.39 -3.86 7.52
N LEU B 532 21.84 -5.08 7.84
CA LEU B 532 23.25 -5.42 7.67
C LEU B 532 23.57 -5.74 6.22
N THR B 533 22.73 -6.55 5.57
CA THR B 533 22.95 -6.98 4.19
C THR B 533 21.70 -6.74 3.35
N ASP B 534 21.51 -5.48 2.95
CA ASP B 534 20.47 -5.05 2.01
C ASP B 534 20.67 -3.55 1.78
N VAL B 535 20.09 -3.07 0.68
CA VAL B 535 20.11 -1.65 0.37
C VAL B 535 18.92 -1.02 1.10
N LEU B 536 19.20 -0.33 2.20
CA LEU B 536 18.14 0.24 3.03
C LEU B 536 17.64 1.59 2.50
N ASP B 537 17.34 1.65 1.20
CA ASP B 537 16.89 2.87 0.55
C ASP B 537 15.68 2.61 -0.32
N LYS B 538 15.56 1.38 -0.83
CA LYS B 538 14.54 1.04 -1.81
C LYS B 538 13.20 0.85 -1.08
N GLY B 539 12.30 1.81 -1.26
CA GLY B 539 10.99 1.74 -0.65
C GLY B 539 11.03 1.99 0.83
N PRO B 540 9.89 1.84 1.50
CA PRO B 540 9.87 2.02 2.96
C PRO B 540 10.68 0.95 3.66
N ASN B 541 11.28 1.33 4.78
CA ASN B 541 12.08 0.41 5.59
C ASN B 541 11.88 0.78 7.05
N PRO B 542 10.85 0.23 7.69
CA PRO B 542 10.58 0.59 9.10
C PRO B 542 11.70 0.20 10.04
N PHE B 543 12.51 -0.81 9.70
CA PHE B 543 13.60 -1.21 10.58
C PHE B 543 14.57 -0.06 10.82
N ILE B 544 14.93 0.66 9.75
CA ILE B 544 15.73 1.86 9.91
C ILE B 544 14.92 2.97 10.56
N ALA B 545 13.61 3.01 10.28
CA ALA B 545 12.78 4.11 10.76
C ALA B 545 12.52 4.05 12.25
N ASN B 546 12.65 2.88 12.88
CA ASN B 546 12.37 2.74 14.30
C ASN B 546 13.59 2.99 15.18
N MET B 547 14.79 2.97 14.61
CA MET B 547 16.02 3.22 15.38
C MET B 547 16.35 4.72 15.43
N HIS B 548 15.35 5.52 15.76
CA HIS B 548 15.49 6.96 15.91
C HIS B 548 15.53 7.28 17.39
N LEU B 549 16.67 7.77 17.87
CA LEU B 549 16.95 8.10 19.26
C LEU B 549 17.02 6.87 20.16
N LYS B 550 16.98 5.67 19.60
CA LYS B 550 17.20 4.46 20.40
C LYS B 550 18.68 4.36 20.75
N ARG B 551 18.95 3.90 21.97
CA ARG B 551 20.31 3.84 22.48
C ARG B 551 20.93 2.45 22.40
N SER B 552 20.20 1.45 21.90
CA SER B 552 20.75 0.12 21.74
C SER B 552 19.94 -0.64 20.70
N VAL B 553 20.64 -1.26 19.74
CA VAL B 553 20.01 -1.99 18.66
C VAL B 553 20.68 -3.34 18.53
N PHE B 554 19.93 -4.41 18.72
CA PHE B 554 20.42 -5.77 18.56
C PHE B 554 19.98 -6.33 17.21
N CYS B 555 20.84 -7.13 16.60
CA CYS B 555 20.54 -7.74 15.31
C CYS B 555 20.87 -9.23 15.37
N SER B 556 19.85 -10.04 15.62
CA SER B 556 19.99 -11.49 15.59
C SER B 556 19.77 -11.97 14.15
N GLU B 557 19.61 -13.29 13.98
CA GLU B 557 19.44 -13.91 12.67
C GLU B 557 20.64 -13.60 11.77
N LEU B 558 21.78 -14.16 12.16
CA LEU B 558 22.99 -14.10 11.34
C LEU B 558 23.23 -15.48 10.72
N PRO B 559 22.64 -15.77 9.57
CA PRO B 559 22.84 -17.08 8.96
C PRO B 559 24.28 -17.26 8.52
N ASP B 560 24.73 -18.51 8.55
CA ASP B 560 26.07 -18.83 8.07
C ASP B 560 26.16 -18.50 6.58
N PHE B 561 27.18 -17.73 6.22
CA PHE B 561 27.36 -17.30 4.84
C PHE B 561 28.21 -18.27 4.04
N ALA B 562 28.73 -19.34 4.67
CA ALA B 562 29.46 -20.36 3.93
C ALA B 562 28.55 -21.16 3.00
N CYS B 563 27.24 -21.15 3.25
CA CYS B 563 26.30 -21.85 2.39
C CYS B 563 26.10 -21.11 1.08
N SER B 564 25.70 -21.86 0.05
CA SER B 564 25.45 -21.28 -1.26
C SER B 564 24.19 -20.42 -1.24
N GLY B 565 24.23 -19.34 -2.00
CA GLY B 565 23.10 -18.43 -2.11
C GLY B 565 22.98 -17.43 -0.98
N SER B 566 23.81 -17.52 0.05
CA SER B 566 23.76 -16.55 1.14
C SER B 566 24.48 -15.27 0.74
N LYS B 567 23.83 -14.13 0.98
CA LYS B 567 24.39 -12.84 0.63
C LYS B 567 25.25 -12.32 1.78
N LYS B 568 26.46 -11.89 1.46
CA LYS B 568 27.40 -11.44 2.47
C LYS B 568 26.95 -10.12 3.07
N ILE B 569 27.56 -9.76 4.20
CA ILE B 569 27.22 -8.52 4.88
C ILE B 569 27.68 -7.34 4.04
N ARG B 570 26.76 -6.41 3.76
CA ARG B 570 27.09 -5.24 2.97
C ARG B 570 28.06 -4.35 3.74
N SER B 571 29.24 -4.12 3.18
CA SER B 571 30.28 -3.38 3.89
C SER B 571 29.91 -1.92 4.10
N ASP B 572 29.17 -1.32 3.16
CA ASP B 572 28.82 0.09 3.28
C ASP B 572 27.68 0.33 4.27
N ASN B 573 26.89 -0.69 4.58
CA ASN B 573 25.90 -0.54 5.64
C ASN B 573 26.57 -0.30 6.98
N ILE B 574 27.73 -0.92 7.22
CA ILE B 574 28.50 -0.66 8.43
C ILE B 574 28.90 0.81 8.50
N LYS B 575 29.33 1.36 7.36
CA LYS B 575 29.68 2.78 7.32
C LYS B 575 28.46 3.66 7.59
N LYS B 576 27.31 3.29 7.05
CA LYS B 576 26.09 4.06 7.30
C LYS B 576 25.70 4.04 8.77
N LEU B 577 25.75 2.86 9.40
CA LEU B 577 25.24 2.73 10.76
C LEU B 577 26.06 3.50 11.79
N THR B 578 27.27 3.93 11.45
CA THR B 578 28.09 4.75 12.33
C THR B 578 27.97 6.24 12.04
N GLU B 579 27.17 6.61 11.04
CA GLU B 579 27.01 8.04 10.78
C GLU B 579 26.07 8.66 11.80
N PRO B 580 26.25 9.95 12.12
CA PRO B 580 25.39 10.60 13.12
C PRO B 580 23.93 10.66 12.71
N CYS B 581 23.62 10.55 11.42
CA CYS B 581 22.24 10.58 10.95
C CYS B 581 22.10 9.60 9.80
N VAL B 582 21.05 8.80 9.81
CA VAL B 582 20.86 7.76 8.82
C VAL B 582 19.64 8.08 7.97
N ILE B 583 19.62 7.54 6.76
CA ILE B 583 18.57 7.79 5.78
C ILE B 583 17.75 6.53 5.63
N GLY B 584 16.46 6.62 5.95
CA GLY B 584 15.55 5.50 5.85
C GLY B 584 14.11 5.93 6.05
N ARG B 585 13.22 5.45 5.19
CA ARG B 585 11.91 6.05 5.33
C ARG B 585 10.93 5.12 6.05
N PRO B 586 10.02 5.67 6.83
CA PRO B 586 8.96 4.87 7.44
C PRO B 586 7.82 4.68 6.45
N CYS B 587 6.75 4.05 6.94
CA CYS B 587 5.55 3.84 6.14
C CYS B 587 4.55 4.95 6.40
N PHE B 588 3.94 5.44 5.31
CA PHE B 588 2.94 6.52 5.37
C PHE B 588 3.52 7.77 6.02
N SER B 589 4.77 8.08 5.69
CA SER B 589 5.42 9.29 6.18
C SER B 589 6.57 9.62 5.24
N ASN B 590 7.18 10.80 5.44
CA ASN B 590 8.20 11.27 4.52
C ASN B 590 9.41 11.89 5.23
N LYS B 591 9.78 11.38 6.40
CA LYS B 591 10.99 11.82 7.09
C LYS B 591 12.10 10.81 6.85
N ILE B 592 13.18 11.25 6.21
CA ILE B 592 14.30 10.38 5.88
C ILE B 592 15.52 10.65 6.75
N ASN B 593 15.38 11.48 7.79
CA ASN B 593 16.48 11.79 8.69
C ASN B 593 16.21 11.14 10.04
N ASN B 594 17.03 10.15 10.40
CA ASN B 594 16.89 9.46 11.67
C ASN B 594 18.16 9.67 12.48
N ARG B 595 18.01 10.16 13.71
CA ARG B 595 19.16 10.36 14.58
C ARG B 595 19.69 9.02 15.07
N ASN B 596 21.01 8.91 15.14
CA ASN B 596 21.68 7.64 15.44
C ASN B 596 22.40 7.77 16.78
N HIS B 597 21.69 7.42 17.86
CA HIS B 597 22.28 7.28 19.18
C HIS B 597 22.56 5.83 19.55
N ALA B 598 22.37 4.91 18.60
CA ALA B 598 22.29 3.49 18.91
C ALA B 598 23.66 2.84 18.96
N THR B 599 23.85 1.98 19.95
CA THR B 599 24.96 1.03 19.97
C THR B 599 24.48 -0.24 19.26
N ILE B 600 25.12 -0.60 18.17
CA ILE B 600 24.70 -1.73 17.36
C ILE B 600 25.46 -2.97 17.83
N ILE B 601 24.72 -3.98 18.27
CA ILE B 601 25.29 -5.24 18.72
C ILE B 601 24.67 -6.35 17.88
N ILE B 602 25.51 -7.22 17.34
CA ILE B 602 25.10 -8.24 16.38
C ILE B 602 25.24 -9.59 17.06
N ASP B 603 24.12 -10.14 17.53
CA ASP B 603 24.11 -11.46 18.15
C ASP B 603 24.26 -12.49 17.04
N THR B 604 25.46 -13.01 16.88
CA THR B 604 25.77 -13.97 15.83
C THR B 604 26.20 -15.30 16.44
N ASN B 605 26.37 -16.30 15.57
CA ASN B 605 26.80 -17.63 15.99
C ASN B 605 28.02 -18.14 15.22
N TYR B 606 28.34 -17.54 14.06
CA TYR B 606 29.50 -17.92 13.27
C TYR B 606 30.28 -16.66 12.91
N LYS B 607 31.52 -16.86 12.47
CA LYS B 607 32.35 -15.74 12.08
C LYS B 607 31.76 -15.07 10.85
N PRO B 608 31.46 -13.77 10.89
CA PRO B 608 30.85 -13.11 9.74
C PRO B 608 31.85 -12.86 8.62
N VAL B 609 31.32 -12.74 7.41
CA VAL B 609 32.10 -12.41 6.22
C VAL B 609 31.46 -11.21 5.54
N PHE B 610 32.27 -10.51 4.75
CA PHE B 610 31.85 -9.30 4.08
C PHE B 610 32.17 -9.39 2.60
N ASP B 611 31.52 -8.51 1.81
CA ASP B 611 31.80 -8.46 0.37
C ASP B 611 33.25 -8.07 0.13
N ARG B 612 33.71 -7.00 0.76
CA ARG B 612 35.08 -6.54 0.63
C ARG B 612 35.61 -6.13 1.99
N ILE B 613 36.93 -6.23 2.15
CA ILE B 613 37.61 -5.87 3.39
C ILE B 613 38.54 -4.71 3.10
N ASP B 614 38.42 -3.63 3.87
CA ASP B 614 39.22 -2.44 3.67
C ASP B 614 39.45 -1.76 5.01
N ASN B 615 40.44 -0.86 5.03
CA ASN B 615 40.73 -0.12 6.25
C ASN B 615 39.57 0.78 6.67
N ALA B 616 38.64 1.08 5.76
CA ALA B 616 37.44 1.80 6.12
C ALA B 616 36.43 0.94 6.87
N LEU B 617 36.65 -0.36 6.94
CA LEU B 617 35.80 -1.31 7.65
C LEU B 617 36.46 -1.84 8.91
N MET B 618 37.78 -2.09 8.87
CA MET B 618 38.50 -2.63 10.01
C MET B 618 38.59 -1.66 11.18
N ARG B 619 38.31 -0.38 10.97
CA ARG B 619 38.31 0.61 12.04
C ARG B 619 36.91 0.90 12.56
N ARG B 620 35.96 0.00 12.32
CA ARG B 620 34.59 0.18 12.76
C ARG B 620 34.03 -1.05 13.48
N ILE B 621 34.87 -2.07 13.72
CA ILE B 621 34.38 -3.37 14.16
C ILE B 621 35.16 -3.80 15.41
N ALA B 622 34.42 -4.16 16.46
CA ALA B 622 34.98 -4.74 17.67
C ALA B 622 34.23 -6.02 17.98
N VAL B 623 34.95 -7.00 18.53
CA VAL B 623 34.39 -8.34 18.76
C VAL B 623 34.67 -8.76 20.19
N VAL B 624 33.63 -9.21 20.87
CA VAL B 624 33.77 -9.85 22.18
C VAL B 624 33.52 -11.34 22.00
N ARG B 625 34.05 -12.13 22.93
CA ARG B 625 33.95 -13.58 22.86
C ARG B 625 33.24 -14.11 24.09
N PHE B 626 32.23 -14.94 23.88
CA PHE B 626 31.52 -15.63 24.95
C PHE B 626 32.01 -17.06 25.00
N ARG B 627 32.53 -17.49 26.15
CA ARG B 627 33.21 -18.77 26.26
C ARG B 627 32.53 -19.78 27.17
N THR B 628 32.04 -19.36 28.33
CA THR B 628 31.45 -20.30 29.27
C THR B 628 30.18 -20.91 28.69
N HIS B 629 30.06 -22.23 28.83
CA HIS B 629 28.95 -23.00 28.25
C HIS B 629 28.05 -23.51 29.36
N PHE B 630 26.74 -23.47 29.11
CA PHE B 630 25.73 -23.92 30.06
C PHE B 630 24.98 -25.10 29.47
N SER B 631 24.90 -26.20 30.23
CA SER B 631 24.32 -27.41 29.71
C SER B 631 23.71 -28.23 30.84
N GLN B 632 22.82 -29.15 30.46
CA GLN B 632 22.29 -30.13 31.38
C GLN B 632 23.31 -31.24 31.63
N PRO B 633 23.21 -31.93 32.76
CA PRO B 633 24.21 -32.97 33.06
C PRO B 633 24.25 -34.12 32.07
N SER B 634 23.18 -34.33 31.29
CA SER B 634 23.15 -35.43 30.35
C SER B 634 24.23 -35.29 29.29
N GLY B 635 24.41 -34.08 28.77
CA GLY B 635 25.40 -33.84 27.72
C GLY B 635 26.62 -33.08 28.20
N ARG B 636 26.88 -33.11 29.51
CA ARG B 636 27.99 -32.35 30.06
C ARG B 636 29.33 -32.86 29.52
N GLU B 637 29.49 -34.18 29.42
CA GLU B 637 30.76 -34.73 28.97
C GLU B 637 31.04 -34.39 27.51
N ALA B 638 30.00 -34.31 26.69
CA ALA B 638 30.19 -33.97 25.28
C ALA B 638 30.62 -32.52 25.09
N ALA B 639 30.47 -31.68 26.12
CA ALA B 639 30.87 -30.28 26.02
C ALA B 639 32.21 -29.99 26.71
N GLU B 640 32.66 -30.87 27.60
CA GLU B 640 33.94 -30.64 28.27
C GLU B 640 35.10 -30.71 27.28
N ASN B 641 35.06 -31.66 26.35
CA ASN B 641 36.14 -31.85 25.40
C ASN B 641 36.09 -30.87 24.23
N ASN B 642 34.99 -30.13 24.07
CA ASN B 642 34.90 -29.17 22.98
C ASN B 642 35.89 -28.03 23.19
N ASP B 643 36.51 -27.59 22.09
CA ASP B 643 37.50 -26.52 22.16
C ASP B 643 36.87 -25.14 22.11
N ALA B 644 35.57 -25.03 21.85
CA ALA B 644 34.91 -23.74 21.78
C ALA B 644 34.43 -23.24 23.13
N TYR B 645 34.62 -24.02 24.20
CA TYR B 645 34.24 -23.65 25.55
C TYR B 645 35.44 -23.74 26.47
N ASP B 646 35.67 -22.69 27.26
CA ASP B 646 36.72 -22.68 28.25
C ASP B 646 36.22 -23.02 29.65
N LYS B 647 34.92 -23.28 29.80
CA LYS B 647 34.32 -23.63 31.08
C LYS B 647 32.89 -24.11 30.81
N VAL B 648 32.47 -25.12 31.57
CA VAL B 648 31.12 -25.66 31.45
C VAL B 648 30.43 -25.46 32.78
N LYS B 649 29.27 -24.79 32.75
CA LYS B 649 28.48 -24.53 33.94
C LYS B 649 27.13 -25.22 33.84
N LEU B 650 26.51 -25.45 34.99
CA LEU B 650 25.22 -26.11 35.07
C LEU B 650 24.11 -25.13 34.71
N LEU B 651 23.25 -25.53 33.78
CA LEU B 651 22.16 -24.67 33.34
C LEU B 651 21.16 -24.44 34.47
N ASP B 652 20.66 -23.22 34.55
CA ASP B 652 19.62 -22.85 35.52
C ASP B 652 18.32 -22.77 34.74
N GLU B 653 17.41 -23.72 35.01
CA GLU B 653 16.16 -23.78 34.27
C GLU B 653 15.29 -22.56 34.54
N GLY B 654 15.24 -22.11 35.79
CA GLY B 654 14.37 -21.02 36.17
C GLY B 654 14.92 -19.62 35.95
N LEU B 655 16.14 -19.49 35.45
CA LEU B 655 16.71 -18.16 35.23
C LEU B 655 15.95 -17.39 34.16
N ASP B 656 15.61 -18.05 33.06
CA ASP B 656 14.89 -17.37 31.98
C ASP B 656 13.52 -16.89 32.44
N GLY B 657 13.00 -17.42 33.55
CA GLY B 657 11.74 -16.97 34.09
C GLY B 657 11.87 -15.67 34.85
N LYS B 658 12.81 -15.59 35.79
CA LYS B 658 12.98 -14.38 36.59
C LYS B 658 13.91 -13.38 35.92
N ILE B 659 13.67 -13.13 34.63
CA ILE B 659 14.28 -12.03 33.91
C ILE B 659 13.15 -11.23 33.29
N GLN B 660 12.20 -11.94 32.67
CA GLN B 660 10.96 -11.31 32.25
C GLN B 660 10.15 -10.81 33.43
N ASN B 661 10.45 -11.29 34.63
CA ASN B 661 9.86 -10.78 35.85
C ASN B 661 10.56 -9.51 36.35
N ASN B 662 11.60 -9.08 35.65
CA ASN B 662 12.33 -7.85 35.97
C ASN B 662 12.94 -7.90 37.37
N ARG B 663 13.44 -9.09 37.74
CA ARG B 663 14.11 -9.23 39.03
C ARG B 663 15.45 -8.51 39.04
N TYR B 664 16.17 -8.55 37.91
CA TYR B 664 17.51 -7.97 37.81
C TYR B 664 17.52 -6.67 37.05
N ARG B 665 16.48 -5.84 37.20
CA ARG B 665 16.37 -4.63 36.41
C ARG B 665 17.22 -3.50 37.00
N PHE B 666 16.90 -3.09 38.23
CA PHE B 666 17.64 -1.99 38.83
C PHE B 666 19.03 -2.40 39.25
N ALA B 667 19.24 -3.68 39.57
CA ALA B 667 20.59 -4.16 39.87
C ALA B 667 21.48 -4.05 38.64
N PHE B 668 20.98 -4.48 37.48
CA PHE B 668 21.75 -4.33 36.24
C PHE B 668 21.90 -2.87 35.86
N LEU B 669 20.91 -2.03 36.16
CA LEU B 669 21.07 -0.61 35.91
C LEU B 669 22.19 -0.02 36.75
N TYR B 670 22.26 -0.40 38.02
CA TYR B 670 23.36 0.04 38.88
C TYR B 670 24.70 -0.45 38.35
N LEU B 671 24.76 -1.71 37.91
CA LEU B 671 26.00 -2.23 37.35
C LEU B 671 26.42 -1.45 36.11
N LEU B 672 25.46 -1.16 35.23
CA LEU B 672 25.77 -0.40 34.01
C LEU B 672 26.25 1.00 34.35
N VAL B 673 25.63 1.66 35.32
CA VAL B 673 26.07 3.00 35.70
C VAL B 673 27.46 2.97 36.32
N LYS B 674 27.74 1.95 37.15
CA LYS B 674 29.05 1.83 37.76
C LYS B 674 30.13 1.59 36.70
N TRP B 675 29.82 0.80 35.68
CA TRP B 675 30.77 0.61 34.59
C TRP B 675 30.91 1.87 33.75
N TYR B 676 29.81 2.62 33.57
CA TYR B 676 29.87 3.84 32.77
C TYR B 676 30.77 4.87 33.41
N LYS B 677 30.65 5.07 34.73
CA LYS B 677 31.56 6.01 35.38
C LYS B 677 32.87 5.29 35.72
N LYS B 678 33.38 4.51 34.76
CA LYS B 678 34.71 3.93 34.86
C LYS B 678 35.51 4.00 33.58
N TYR B 679 34.87 4.12 32.42
CA TYR B 679 35.56 4.18 31.14
C TYR B 679 35.09 5.29 30.21
N HIS B 680 33.94 5.92 30.48
CA HIS B 680 33.37 6.91 29.58
C HIS B 680 33.17 8.27 30.25
N ILE B 681 33.89 8.54 31.34
CA ILE B 681 33.69 9.79 32.08
C ILE B 681 34.28 10.97 31.30
N PRO B 682 35.58 10.97 30.92
CA PRO B 682 36.11 12.12 30.19
C PRO B 682 35.44 12.32 28.83
N ILE B 683 35.46 11.28 28.00
CA ILE B 683 34.87 11.31 26.68
C ILE B 683 34.48 9.89 26.28
N MET B 684 33.43 9.78 25.47
CA MET B 684 32.93 8.50 24.99
C MET B 684 33.54 8.19 23.63
N LYS B 685 34.09 6.98 23.49
CA LYS B 685 34.60 6.51 22.21
C LYS B 685 34.78 5.00 22.28
N LEU B 686 34.30 4.30 21.26
CA LEU B 686 34.42 2.85 21.17
C LEU B 686 35.46 2.51 20.12
N TYR B 687 36.56 1.85 20.56
CA TYR B 687 37.67 1.47 19.71
C TYR B 687 37.39 0.15 19.01
N PRO B 688 38.01 -0.07 17.84
CA PRO B 688 37.91 -1.36 17.17
C PRO B 688 39.00 -2.33 17.61
N THR B 689 38.73 -3.61 17.40
CA THR B 689 39.68 -4.69 17.69
C THR B 689 39.83 -5.52 16.43
N PRO B 690 40.68 -5.08 15.50
CA PRO B 690 40.76 -5.76 14.20
C PRO B 690 41.49 -7.09 14.23
N GLU B 691 42.25 -7.39 15.28
CA GLU B 691 43.07 -8.59 15.32
C GLU B 691 42.27 -9.85 15.66
N GLU B 692 40.97 -9.71 15.98
CA GLU B 692 40.17 -10.84 16.42
C GLU B 692 39.40 -11.51 15.29
N ILE B 693 39.62 -11.11 14.04
CA ILE B 693 38.92 -11.70 12.91
C ILE B 693 39.96 -12.27 11.94
N PRO B 694 39.78 -13.50 11.43
CA PRO B 694 40.81 -14.11 10.57
C PRO B 694 41.17 -13.31 9.33
N ASP B 695 40.19 -12.96 8.51
CA ASP B 695 40.48 -12.19 7.31
C ASP B 695 41.03 -10.80 7.66
N PHE B 696 40.47 -10.17 8.69
CA PHE B 696 41.03 -8.91 9.16
C PHE B 696 42.48 -9.08 9.60
N ALA B 697 42.76 -10.16 10.33
CA ALA B 697 44.14 -10.46 10.72
C ALA B 697 45.04 -10.65 9.51
N PHE B 698 44.52 -11.21 8.42
CA PHE B 698 45.31 -11.35 7.20
C PHE B 698 45.57 -9.99 6.55
N TYR B 699 44.59 -9.08 6.63
CA TYR B 699 44.70 -7.85 5.86
C TYR B 699 45.67 -6.84 6.46
N LEU B 700 45.99 -6.94 7.76
CA LEU B 700 46.99 -6.02 8.31
C LEU B 700 48.37 -6.27 7.73
N LYS B 701 48.74 -7.52 7.50
CA LYS B 701 50.07 -7.85 6.99
C LYS B 701 50.08 -7.89 5.47
N GLY C 323 -46.60 13.85 8.85
CA GLY C 323 -45.44 13.02 8.61
C GLY C 323 -44.21 13.82 8.19
N ASN C 324 -43.57 13.39 7.12
CA ASN C 324 -42.39 14.05 6.59
C ASN C 324 -42.59 14.36 5.11
N LYS C 325 -42.39 15.62 4.74
CA LYS C 325 -42.31 15.95 3.32
C LYS C 325 -41.10 15.30 2.68
N LEU C 326 -39.98 15.29 3.38
CA LEU C 326 -38.72 14.74 2.88
C LEU C 326 -38.79 13.23 2.70
N PHE C 327 -39.79 12.56 3.27
CA PHE C 327 -40.00 11.13 3.08
C PHE C 327 -40.98 10.83 1.95
N ASN C 328 -42.07 11.61 1.87
CA ASN C 328 -43.00 11.43 0.76
C ASN C 328 -42.34 11.78 -0.57
N ILE C 329 -41.39 12.73 -0.56
CA ILE C 329 -40.65 13.05 -1.78
C ILE C 329 -39.86 11.84 -2.25
N ALA C 330 -39.17 11.17 -1.33
CA ALA C 330 -38.42 9.97 -1.68
C ALA C 330 -39.34 8.85 -2.15
N GLN C 331 -40.49 8.69 -1.49
CA GLN C 331 -41.45 7.67 -1.92
C GLN C 331 -41.94 7.95 -3.34
N ARG C 332 -42.26 9.20 -3.66
CA ARG C 332 -42.68 9.55 -5.01
C ARG C 332 -41.57 9.30 -6.02
N ILE C 333 -40.33 9.65 -5.67
CA ILE C 333 -39.22 9.45 -6.60
C ILE C 333 -39.03 7.97 -6.88
N LEU C 334 -39.11 7.12 -5.85
CA LEU C 334 -39.00 5.70 -6.10
C LEU C 334 -40.23 5.13 -6.80
N ASP C 335 -41.38 5.81 -6.71
CA ASP C 335 -42.58 5.33 -7.41
C ASP C 335 -42.39 5.34 -8.91
N THR C 336 -41.75 6.39 -9.45
CA THR C 336 -41.53 6.50 -10.89
C THR C 336 -40.47 5.54 -11.40
N ASN C 337 -39.76 4.83 -10.52
CA ASN C 337 -38.73 3.87 -10.90
C ASN C 337 -37.64 4.56 -11.72
N SER C 338 -37.06 5.59 -11.10
CA SER C 338 -35.95 6.32 -11.70
C SER C 338 -34.58 5.91 -11.17
N VAL C 339 -34.51 5.40 -9.95
CA VAL C 339 -33.27 4.94 -9.34
C VAL C 339 -33.37 3.45 -9.08
N LEU C 340 -32.33 2.72 -9.44
CA LEU C 340 -32.28 1.27 -9.25
C LEU C 340 -30.91 0.88 -8.71
N LEU C 341 -30.90 -0.22 -7.96
CA LEU C 341 -29.68 -0.77 -7.38
C LEU C 341 -29.32 -2.07 -8.08
N THR C 342 -28.05 -2.24 -8.42
CA THR C 342 -27.58 -3.41 -9.14
C THR C 342 -26.84 -4.36 -8.21
N GLU C 343 -26.66 -5.60 -8.68
CA GLU C 343 -25.95 -6.61 -7.92
C GLU C 343 -24.46 -6.32 -7.80
N ARG C 344 -23.94 -5.35 -8.56
CA ARG C 344 -22.54 -4.97 -8.49
C ARG C 344 -22.27 -3.89 -7.45
N GLY C 345 -23.29 -3.47 -6.70
CA GLY C 345 -23.13 -2.44 -5.70
C GLY C 345 -23.31 -1.02 -6.19
N ASP C 346 -23.93 -0.83 -7.35
CA ASP C 346 -24.08 0.47 -7.96
C ASP C 346 -25.50 0.99 -7.78
N HIS C 347 -25.65 2.30 -7.93
CA HIS C 347 -26.95 2.97 -7.91
C HIS C 347 -27.13 3.66 -9.26
N ILE C 348 -27.65 2.91 -10.24
CA ILE C 348 -27.90 3.50 -11.55
C ILE C 348 -29.02 4.52 -11.45
N VAL C 349 -28.87 5.64 -12.14
CA VAL C 349 -29.79 6.75 -12.07
C VAL C 349 -30.23 7.13 -13.48
N TRP C 350 -31.40 7.74 -13.60
CA TRP C 350 -32.05 7.97 -14.88
C TRP C 350 -32.26 9.46 -15.09
N ILE C 351 -31.38 10.09 -15.86
CA ILE C 351 -31.53 11.47 -16.29
C ILE C 351 -31.10 11.58 -17.75
N ASN C 352 -31.72 12.52 -18.47
CA ASN C 352 -31.44 12.74 -19.89
C ASN C 352 -31.68 11.47 -20.70
N ASN C 353 -32.72 10.73 -20.32
CA ASN C 353 -33.17 9.54 -21.06
C ASN C 353 -32.03 8.53 -21.25
N SER C 354 -31.23 8.34 -20.21
CA SER C 354 -30.13 7.39 -20.27
C SER C 354 -29.81 6.91 -18.86
N TRP C 355 -29.69 5.59 -18.70
CA TRP C 355 -29.34 5.01 -17.42
C TRP C 355 -27.85 5.19 -17.14
N LYS C 356 -27.44 6.36 -16.69
CA LYS C 356 -26.05 6.64 -16.41
C LYS C 356 -25.72 6.33 -14.96
N PHE C 357 -24.61 5.62 -14.74
CA PHE C 357 -24.21 5.20 -13.41
C PHE C 357 -22.72 5.40 -13.24
N ASN C 358 -22.31 5.73 -12.02
CA ASN C 358 -20.90 5.90 -11.70
C ASN C 358 -20.74 5.77 -10.19
N SER C 359 -20.09 4.69 -9.74
CA SER C 359 -19.86 4.53 -8.31
C SER C 359 -18.61 5.28 -7.88
N GLU C 360 -18.50 6.54 -8.31
CA GLU C 360 -17.50 7.46 -7.82
C GLU C 360 -18.06 8.87 -7.60
N GLU C 361 -19.24 9.16 -8.14
CA GLU C 361 -19.88 10.47 -7.98
C GLU C 361 -21.34 10.21 -7.63
N PRO C 362 -21.82 10.68 -6.48
CA PRO C 362 -23.22 10.42 -6.10
C PRO C 362 -24.19 11.24 -6.94
N LEU C 363 -24.52 10.72 -8.12
CA LEU C 363 -25.40 11.40 -9.07
C LEU C 363 -26.83 11.54 -8.56
N ILE C 364 -27.21 10.82 -7.50
CA ILE C 364 -28.60 10.74 -7.08
C ILE C 364 -29.16 12.14 -6.82
N THR C 365 -28.36 12.98 -6.16
CA THR C 365 -28.80 14.36 -5.82
C THR C 365 -29.27 15.10 -7.07
N LYS C 366 -28.56 14.93 -8.19
CA LYS C 366 -28.95 15.59 -9.43
C LYS C 366 -30.37 15.20 -9.82
N LEU C 367 -30.70 13.91 -9.73
CA LEU C 367 -32.07 13.48 -10.05
C LEU C 367 -33.07 14.12 -9.10
N ILE C 368 -32.69 14.30 -7.84
CA ILE C 368 -33.59 14.95 -6.89
C ILE C 368 -33.95 16.34 -7.39
N LEU C 369 -33.01 17.00 -8.09
CA LEU C 369 -33.33 18.27 -8.73
C LEU C 369 -34.00 18.05 -10.08
N SER C 370 -33.57 17.02 -10.81
CA SER C 370 -34.09 16.79 -12.16
C SER C 370 -35.57 16.44 -12.14
N ILE C 371 -35.99 15.60 -11.20
CA ILE C 371 -37.38 15.21 -11.05
C ILE C 371 -38.14 16.34 -10.37
N ARG C 372 -37.44 17.41 -10.03
CA ARG C 372 -38.04 18.55 -9.34
C ARG C 372 -39.26 19.07 -10.06
N HIS C 373 -39.21 19.12 -11.39
CA HIS C 373 -40.37 19.57 -12.16
C HIS C 373 -41.27 18.41 -12.56
N GLN C 374 -41.57 17.55 -11.59
CA GLN C 374 -42.59 16.51 -11.74
C GLN C 374 -43.47 16.35 -10.52
N LEU C 375 -43.14 16.97 -9.40
CA LEU C 375 -43.83 16.81 -8.13
C LEU C 375 -44.72 18.02 -7.87
N PRO C 376 -45.63 17.93 -6.90
CA PRO C 376 -46.41 19.10 -6.52
C PRO C 376 -45.52 20.24 -6.06
N LYS C 377 -45.99 21.47 -6.27
CA LYS C 377 -45.17 22.64 -6.01
C LYS C 377 -44.76 22.75 -4.55
N GLU C 378 -45.61 22.30 -3.63
CA GLU C 378 -45.23 22.29 -2.22
C GLU C 378 -44.08 21.31 -1.97
N TYR C 379 -44.09 20.18 -2.67
CA TYR C 379 -42.98 19.22 -2.61
C TYR C 379 -41.82 19.63 -3.50
N SER C 380 -42.01 20.60 -4.39
CA SER C 380 -40.97 21.01 -5.33
C SER C 380 -40.23 22.26 -4.89
N SER C 381 -40.83 23.09 -4.04
CA SER C 381 -40.16 24.29 -3.57
C SER C 381 -39.20 24.02 -2.41
N GLU C 382 -39.26 22.83 -1.82
CA GLU C 382 -38.33 22.46 -0.77
C GLU C 382 -37.15 21.65 -1.28
N LEU C 383 -37.06 21.43 -2.58
CA LEU C 383 -35.89 20.80 -3.18
C LEU C 383 -34.83 21.81 -3.60
N LEU C 384 -35.07 23.10 -3.37
CA LEU C 384 -34.08 24.14 -3.64
C LEU C 384 -33.21 24.40 -2.42
N CYS C 385 -32.66 23.33 -1.86
CA CYS C 385 -31.80 23.44 -0.68
C CYS C 385 -30.88 22.24 -0.62
N PRO C 386 -29.56 22.44 -0.70
CA PRO C 386 -28.65 21.29 -0.66
C PRO C 386 -28.70 20.51 0.65
N ARG C 387 -29.01 21.17 1.77
CA ARG C 387 -29.08 20.46 3.04
C ARG C 387 -30.33 19.62 3.17
N LYS C 388 -31.37 19.92 2.38
CA LYS C 388 -32.59 19.10 2.34
C LYS C 388 -32.65 18.25 1.08
N ARG C 389 -31.55 18.13 0.34
CA ARG C 389 -31.46 17.22 -0.78
C ARG C 389 -30.47 16.10 -0.54
N LYS C 390 -29.68 16.16 0.53
CA LYS C 390 -29.00 14.98 1.03
C LYS C 390 -29.84 14.21 2.04
N THR C 391 -30.98 14.77 2.45
CA THR C 391 -31.94 14.03 3.26
C THR C 391 -32.80 13.12 2.41
N VAL C 392 -33.31 13.63 1.29
CA VAL C 392 -34.04 12.79 0.34
C VAL C 392 -33.11 11.72 -0.23
N GLU C 393 -31.86 12.09 -0.53
CA GLU C 393 -30.90 11.12 -1.02
C GLU C 393 -30.63 10.04 0.04
N ALA C 394 -30.53 10.44 1.31
CA ALA C 394 -30.33 9.47 2.38
C ALA C 394 -31.52 8.53 2.51
N ASN C 395 -32.74 9.07 2.43
CA ASN C 395 -33.92 8.23 2.52
C ASN C 395 -34.00 7.25 1.36
N ILE C 396 -33.72 7.72 0.14
CA ILE C 396 -33.74 6.83 -1.02
C ILE C 396 -32.67 5.76 -0.91
N ARG C 397 -31.48 6.14 -0.45
CA ARG C 397 -30.35 5.21 -0.44
C ARG C 397 -30.60 4.02 0.47
N ASP C 398 -31.27 4.23 1.61
CA ASP C 398 -31.59 3.14 2.53
C ASP C 398 -33.02 2.65 2.34
N MET C 399 -33.62 2.90 1.17
CA MET C 399 -34.89 2.33 0.81
C MET C 399 -34.79 1.28 -0.29
N LEU C 400 -33.67 1.22 -0.99
CA LEU C 400 -33.47 0.29 -2.10
C LEU C 400 -32.80 -0.96 -1.55
N VAL C 401 -33.62 -1.92 -1.13
CA VAL C 401 -33.09 -3.13 -0.52
C VAL C 401 -32.79 -4.22 -1.54
N ASP C 402 -33.65 -4.39 -2.54
CA ASP C 402 -33.55 -5.50 -3.48
C ASP C 402 -32.79 -5.05 -4.73
N SER C 403 -31.71 -5.75 -5.04
CA SER C 403 -30.92 -5.44 -6.23
C SER C 403 -31.70 -5.83 -7.49
N VAL C 404 -31.22 -5.31 -8.62
CA VAL C 404 -31.81 -5.61 -9.92
C VAL C 404 -30.69 -6.04 -10.86
N GLU C 405 -31.06 -6.85 -11.85
CA GLU C 405 -30.13 -7.30 -12.86
C GLU C 405 -30.29 -6.48 -14.13
N THR C 406 -29.20 -6.34 -14.88
CA THR C 406 -29.15 -5.43 -16.01
C THR C 406 -28.73 -6.17 -17.28
N ASP C 407 -29.13 -5.61 -18.42
CA ASP C 407 -28.78 -6.14 -19.75
C ASP C 407 -29.26 -7.58 -19.91
N THR C 408 -30.57 -7.74 -19.86
CA THR C 408 -31.21 -9.05 -20.01
C THR C 408 -31.77 -9.29 -21.41
N TYR C 409 -31.73 -8.29 -22.28
CA TYR C 409 -32.24 -8.43 -23.65
C TYR C 409 -31.09 -8.28 -24.64
N PRO C 410 -30.54 -9.38 -25.15
CA PRO C 410 -29.41 -9.28 -26.09
C PRO C 410 -29.72 -8.45 -27.33
N ASP C 411 -30.92 -8.56 -27.89
CA ASP C 411 -31.23 -7.95 -29.18
C ASP C 411 -31.77 -6.53 -29.01
N LYS C 412 -30.92 -5.68 -28.46
CA LYS C 412 -31.21 -4.26 -28.30
C LYS C 412 -29.95 -3.45 -28.56
N LEU C 413 -30.13 -2.19 -28.91
CA LEU C 413 -29.01 -1.28 -29.13
C LEU C 413 -29.27 0.04 -28.41
N PRO C 414 -28.54 0.35 -27.35
CA PRO C 414 -28.82 1.59 -26.60
C PRO C 414 -28.14 2.81 -27.18
N PHE C 415 -28.94 3.76 -27.69
CA PHE C 415 -28.45 5.05 -28.12
C PHE C 415 -28.76 6.08 -27.03
N LYS C 416 -27.99 7.18 -27.03
CA LYS C 416 -28.13 8.16 -25.96
C LYS C 416 -29.52 8.79 -25.89
N ASN C 417 -30.41 8.48 -26.85
CA ASN C 417 -31.77 9.01 -26.80
C ASN C 417 -32.80 7.90 -27.00
N GLY C 418 -32.48 6.67 -26.64
CA GLY C 418 -33.46 5.62 -26.67
C GLY C 418 -32.82 4.25 -26.86
N VAL C 419 -33.67 3.29 -27.21
CA VAL C 419 -33.25 1.92 -27.45
C VAL C 419 -33.80 1.48 -28.81
N LEU C 420 -32.92 0.93 -29.65
CA LEU C 420 -33.30 0.42 -30.96
C LEU C 420 -33.51 -1.08 -30.86
N ASP C 421 -34.71 -1.52 -31.22
CA ASP C 421 -35.00 -2.96 -31.29
C ASP C 421 -34.32 -3.55 -32.52
N LEU C 422 -33.72 -4.72 -32.35
CA LEU C 422 -33.00 -5.37 -33.45
C LEU C 422 -33.82 -6.44 -34.15
N VAL C 423 -34.91 -6.90 -33.55
CA VAL C 423 -35.71 -7.95 -34.18
C VAL C 423 -36.47 -7.41 -35.39
N ASP C 424 -36.86 -6.14 -35.37
CA ASP C 424 -37.64 -5.60 -36.47
C ASP C 424 -37.06 -4.29 -37.00
N GLY C 425 -36.46 -3.49 -36.12
CA GLY C 425 -35.87 -2.23 -36.49
C GLY C 425 -36.58 -0.98 -36.01
N MET C 426 -37.69 -1.11 -35.29
CA MET C 426 -38.33 0.04 -34.68
C MET C 426 -37.44 0.65 -33.60
N PHE C 427 -37.58 1.97 -33.41
CA PHE C 427 -36.80 2.73 -32.44
C PHE C 427 -37.72 3.25 -31.35
N TYR C 428 -37.24 3.17 -30.11
CA TYR C 428 -38.00 3.62 -28.95
C TYR C 428 -37.23 4.68 -28.20
N SER C 429 -37.96 5.46 -27.40
CA SER C 429 -37.36 6.50 -26.58
C SER C 429 -38.27 6.80 -25.39
N GLY C 430 -37.67 7.26 -24.31
CA GLY C 430 -38.42 7.66 -23.13
C GLY C 430 -38.73 6.54 -22.17
N ASP C 431 -39.96 6.53 -21.64
CA ASP C 431 -40.36 5.53 -20.64
C ASP C 431 -40.27 4.12 -21.21
N ASP C 432 -40.74 3.93 -22.45
CA ASP C 432 -40.61 2.63 -23.10
C ASP C 432 -39.15 2.27 -23.34
N ALA C 433 -38.28 3.26 -23.46
CA ALA C 433 -36.84 2.99 -23.48
C ALA C 433 -36.27 2.74 -22.10
N LYS C 434 -36.98 3.15 -21.05
CA LYS C 434 -36.51 2.93 -19.68
C LYS C 434 -36.61 1.46 -19.29
N LYS C 435 -37.54 0.72 -19.89
CA LYS C 435 -37.74 -0.67 -19.50
C LYS C 435 -36.49 -1.51 -19.75
N TYR C 436 -35.83 -1.30 -20.89
CA TYR C 436 -34.59 -2.00 -21.19
C TYR C 436 -33.47 -1.39 -20.36
N THR C 437 -33.06 -2.09 -19.32
CA THR C 437 -32.05 -1.60 -18.38
C THR C 437 -30.65 -1.81 -18.96
N CYS C 438 -30.34 -0.99 -19.96
CA CYS C 438 -29.05 -1.00 -20.63
C CYS C 438 -28.19 0.12 -20.05
N THR C 439 -26.98 -0.24 -19.59
CA THR C 439 -26.10 0.71 -18.94
C THR C 439 -25.11 1.36 -19.90
N VAL C 440 -24.58 0.60 -20.85
CA VAL C 440 -23.57 1.09 -21.79
C VAL C 440 -24.26 1.48 -23.09
N SER C 441 -24.15 2.75 -23.45
CA SER C 441 -24.74 3.27 -24.68
C SER C 441 -23.71 3.31 -25.79
N THR C 442 -24.16 3.72 -26.98
CA THR C 442 -23.28 3.76 -28.14
C THR C 442 -22.33 4.95 -28.13
N GLY C 443 -22.69 6.04 -27.46
CA GLY C 443 -21.86 7.22 -27.38
C GLY C 443 -22.31 8.40 -28.22
N PHE C 444 -23.25 8.22 -29.14
CA PHE C 444 -23.77 9.31 -29.94
C PHE C 444 -25.28 9.23 -30.03
N LYS C 445 -25.91 10.37 -30.25
CA LYS C 445 -27.35 10.43 -30.40
C LYS C 445 -27.79 9.78 -31.71
N PHE C 446 -29.09 9.54 -31.83
CA PHE C 446 -29.67 8.89 -33.00
C PHE C 446 -30.45 9.91 -33.80
N ASP C 447 -29.89 10.33 -34.94
CA ASP C 447 -30.58 11.25 -35.83
C ASP C 447 -31.71 10.51 -36.55
N ASP C 448 -32.95 10.99 -36.36
CA ASP C 448 -34.09 10.29 -36.94
C ASP C 448 -34.06 10.32 -38.47
N THR C 449 -33.74 11.47 -39.04
CA THR C 449 -33.76 11.61 -40.51
C THR C 449 -32.39 11.30 -41.13
N LYS C 450 -31.79 10.20 -40.68
CA LYS C 450 -30.60 9.64 -41.34
C LYS C 450 -30.66 8.14 -41.53
N PHE C 451 -31.45 7.42 -40.73
CA PHE C 451 -31.58 5.96 -40.86
C PHE C 451 -32.53 5.63 -42.01
N VAL C 452 -32.12 6.05 -43.21
CA VAL C 452 -32.93 5.91 -44.41
C VAL C 452 -32.16 5.11 -45.44
N GLU C 453 -32.91 4.55 -46.40
CA GLU C 453 -32.31 3.67 -47.40
C GLU C 453 -31.52 4.47 -48.45
N ASP C 454 -32.08 5.58 -48.92
CA ASP C 454 -31.50 6.34 -50.01
C ASP C 454 -30.73 7.53 -49.46
N SER C 455 -29.40 7.54 -49.68
CA SER C 455 -28.54 8.65 -49.29
C SER C 455 -27.29 8.58 -50.15
N PRO C 456 -26.80 9.71 -50.67
CA PRO C 456 -25.54 9.67 -51.43
C PRO C 456 -24.39 9.10 -50.65
N GLU C 457 -24.31 9.41 -49.35
CA GLU C 457 -23.31 8.80 -48.50
C GLU C 457 -23.48 7.29 -48.43
N MET C 458 -24.74 6.82 -48.46
CA MET C 458 -24.96 5.37 -48.45
C MET C 458 -24.48 4.75 -49.76
N GLU C 459 -24.67 5.43 -50.89
CA GLU C 459 -24.10 4.94 -52.14
C GLU C 459 -22.58 4.87 -52.05
N GLU C 460 -21.95 5.92 -51.51
CA GLU C 460 -20.50 5.93 -51.39
C GLU C 460 -20.01 4.79 -50.50
N LEU C 461 -20.66 4.58 -49.36
CA LEU C 461 -20.28 3.52 -48.44
C LEU C 461 -20.49 2.15 -49.08
N MET C 462 -21.58 1.98 -49.82
CA MET C 462 -21.83 0.72 -50.52
C MET C 462 -20.73 0.44 -51.53
N ASN C 463 -20.32 1.47 -52.27
CA ASN C 463 -19.22 1.32 -53.21
C ASN C 463 -17.91 0.96 -52.51
N ILE C 464 -17.64 1.60 -51.37
CA ILE C 464 -16.43 1.29 -50.61
C ILE C 464 -16.44 -0.16 -50.15
N ILE C 465 -17.60 -0.63 -49.66
CA ILE C 465 -17.71 -2.01 -49.21
C ILE C 465 -17.49 -2.97 -50.37
N ASN C 466 -18.06 -2.67 -51.54
CA ASN C 466 -17.85 -3.52 -52.71
C ASN C 466 -16.37 -3.55 -53.09
N ASP C 467 -15.70 -2.40 -53.03
CA ASP C 467 -14.27 -2.36 -53.34
C ASP C 467 -13.47 -3.21 -52.35
N ILE C 468 -13.82 -3.13 -51.07
CA ILE C 468 -13.11 -3.91 -50.06
C ILE C 468 -13.39 -5.40 -50.25
N GLN C 469 -14.67 -5.76 -50.40
CA GLN C 469 -15.09 -7.15 -50.57
C GLN C 469 -15.95 -7.26 -51.83
N PRO C 470 -15.36 -7.63 -52.97
CA PRO C 470 -16.17 -7.81 -54.18
C PRO C 470 -17.17 -8.94 -54.02
N LEU C 471 -18.33 -8.77 -54.65
CA LEU C 471 -19.42 -9.75 -54.58
C LEU C 471 -19.32 -10.77 -55.70
N THR C 472 -18.17 -11.43 -55.81
CA THR C 472 -17.95 -12.42 -56.86
C THR C 472 -18.41 -13.79 -56.39
N ASP C 473 -18.44 -14.75 -57.32
CA ASP C 473 -18.88 -16.10 -56.99
C ASP C 473 -17.85 -16.85 -56.17
N GLU C 474 -16.56 -16.74 -56.53
CA GLU C 474 -15.51 -17.38 -55.75
C GLU C 474 -15.34 -16.73 -54.38
N ASN C 475 -15.77 -15.48 -54.22
CA ASN C 475 -15.70 -14.77 -52.95
C ASN C 475 -17.09 -14.60 -52.35
N LYS C 476 -17.96 -15.58 -52.57
CA LYS C 476 -19.32 -15.52 -52.01
C LYS C 476 -19.35 -16.05 -50.58
N LYS C 477 -18.73 -17.20 -50.33
CA LYS C 477 -18.64 -17.72 -48.97
C LYS C 477 -17.83 -16.78 -48.09
N ASN C 478 -16.73 -16.25 -48.60
CA ASN C 478 -15.94 -15.30 -47.85
C ASN C 478 -16.74 -14.05 -47.51
N ARG C 479 -17.47 -13.51 -48.49
CA ARG C 479 -18.27 -12.32 -48.22
C ARG C 479 -19.46 -12.63 -47.34
N GLU C 480 -20.04 -13.83 -47.44
CA GLU C 480 -21.13 -14.20 -46.55
C GLU C 480 -20.65 -14.30 -45.10
N LEU C 481 -19.48 -14.91 -44.90
CA LEU C 481 -18.93 -14.99 -43.55
C LEU C 481 -18.53 -13.61 -43.03
N TYR C 482 -18.03 -12.75 -43.92
CA TYR C 482 -17.74 -11.37 -43.55
C TYR C 482 -19.00 -10.66 -43.09
N GLU C 483 -20.09 -10.82 -43.83
CA GLU C 483 -21.36 -10.20 -43.46
C GLU C 483 -21.86 -10.72 -42.12
N LYS C 484 -21.79 -12.04 -41.91
CA LYS C 484 -22.24 -12.63 -40.65
C LYS C 484 -21.39 -12.14 -39.48
N THR C 485 -20.06 -12.12 -39.65
CA THR C 485 -19.17 -11.69 -38.59
C THR C 485 -19.41 -10.22 -38.23
N LEU C 486 -19.60 -9.38 -39.24
CA LEU C 486 -19.91 -7.98 -38.96
C LEU C 486 -21.25 -7.83 -38.25
N SER C 487 -22.27 -8.58 -38.72
CA SER C 487 -23.59 -8.50 -38.11
C SER C 487 -23.60 -9.02 -36.68
N SER C 488 -22.66 -9.90 -36.32
CA SER C 488 -22.61 -10.42 -34.96
C SER C 488 -22.36 -9.32 -33.95
N CYS C 489 -21.62 -8.27 -34.32
CA CYS C 489 -21.31 -7.20 -33.40
C CYS C 489 -22.44 -6.18 -33.32
N LEU C 490 -23.67 -6.66 -33.13
CA LEU C 490 -24.82 -5.79 -32.93
C LEU C 490 -25.75 -6.24 -31.81
N CYS C 491 -25.71 -7.49 -31.40
CA CYS C 491 -26.63 -8.05 -30.41
C CYS C 491 -25.84 -8.49 -29.18
N GLY C 492 -26.46 -8.37 -28.01
CA GLY C 492 -25.80 -8.50 -26.74
C GLY C 492 -25.67 -9.89 -26.17
N ALA C 493 -25.88 -10.94 -26.96
CA ALA C 493 -25.77 -12.30 -26.46
C ALA C 493 -24.30 -12.68 -26.31
N THR C 494 -24.04 -13.92 -25.93
CA THR C 494 -22.69 -14.42 -25.68
C THR C 494 -22.23 -15.22 -26.89
N LYS C 495 -21.36 -14.61 -27.70
CA LYS C 495 -20.84 -15.29 -28.88
C LYS C 495 -19.82 -16.34 -28.47
N GLY C 496 -19.72 -17.39 -29.29
CA GLY C 496 -18.83 -18.49 -28.99
C GLY C 496 -17.95 -18.92 -30.15
N CYS C 497 -17.53 -17.97 -30.98
CA CYS C 497 -16.66 -18.29 -32.11
C CYS C 497 -15.76 -17.10 -32.40
N LEU C 498 -14.46 -17.37 -32.53
CA LEU C 498 -13.47 -16.36 -32.85
C LEU C 498 -13.30 -16.28 -34.37
N THR C 499 -13.17 -15.05 -34.87
CA THR C 499 -13.04 -14.80 -36.29
C THR C 499 -11.70 -14.14 -36.56
N PHE C 500 -11.05 -14.54 -37.65
CA PHE C 500 -9.75 -14.03 -38.04
C PHE C 500 -9.86 -13.10 -39.24
N PHE C 501 -8.95 -12.14 -39.31
CA PHE C 501 -8.91 -11.20 -40.42
C PHE C 501 -7.58 -11.30 -41.16
N PHE C 502 -7.15 -12.52 -41.46
CA PHE C 502 -5.87 -12.72 -42.12
C PHE C 502 -5.86 -12.06 -43.49
N GLY C 503 -5.01 -11.06 -43.67
CA GLY C 503 -4.92 -10.36 -44.93
C GLY C 503 -3.65 -9.53 -44.98
N GLU C 504 -3.26 -9.18 -46.20
CA GLU C 504 -2.03 -8.43 -46.43
C GLU C 504 -2.24 -6.95 -46.13
N THR C 505 -1.14 -6.19 -46.16
CA THR C 505 -1.21 -4.77 -45.89
C THR C 505 -1.86 -4.03 -47.06
N ALA C 506 -2.37 -2.84 -46.77
CA ALA C 506 -3.07 -2.01 -47.75
C ALA C 506 -4.23 -2.77 -48.38
N THR C 507 -5.16 -3.21 -47.53
CA THR C 507 -6.29 -4.01 -47.98
C THR C 507 -7.64 -3.50 -47.46
N GLY C 508 -7.67 -2.78 -46.35
CA GLY C 508 -8.91 -2.21 -45.84
C GLY C 508 -9.39 -2.74 -44.50
N LYS C 509 -8.59 -3.56 -43.81
CA LYS C 509 -9.00 -4.04 -42.50
C LYS C 509 -9.11 -2.90 -41.49
N SER C 510 -8.12 -2.00 -41.47
CA SER C 510 -8.16 -0.87 -40.56
C SER C 510 -9.28 0.11 -40.95
N THR C 511 -9.52 0.27 -42.25
CA THR C 511 -10.66 1.08 -42.68
C THR C 511 -11.97 0.48 -42.21
N THR C 512 -12.09 -0.85 -42.29
CA THR C 512 -13.28 -1.52 -41.79
C THR C 512 -13.44 -1.31 -40.30
N LYS C 513 -12.33 -1.39 -39.55
CA LYS C 513 -12.39 -1.15 -38.11
C LYS C 513 -12.84 0.27 -37.81
N ARG C 514 -12.32 1.25 -38.55
CA ARG C 514 -12.71 2.64 -38.33
C ARG C 514 -14.18 2.86 -38.66
N LEU C 515 -14.66 2.28 -39.76
CA LEU C 515 -16.08 2.38 -40.07
C LEU C 515 -16.94 1.74 -38.99
N LEU C 516 -16.52 0.58 -38.48
CA LEU C 516 -17.27 -0.07 -37.41
C LEU C 516 -17.28 0.78 -36.15
N LYS C 517 -16.14 1.38 -35.79
CA LYS C 517 -16.09 2.21 -34.60
C LYS C 517 -16.97 3.44 -34.74
N SER C 518 -16.96 4.08 -35.92
CA SER C 518 -17.88 5.19 -36.15
C SER C 518 -19.32 4.72 -36.10
N ALA C 519 -19.58 3.47 -36.52
CA ALA C 519 -20.94 2.96 -36.56
C ALA C 519 -21.50 2.73 -35.16
N ILE C 520 -20.78 1.99 -34.32
CA ILE C 520 -21.31 1.57 -33.03
C ILE C 520 -20.74 2.34 -31.84
N GLY C 521 -19.55 2.91 -31.97
CA GLY C 521 -19.07 3.85 -30.98
C GLY C 521 -18.52 3.26 -29.70
N ASP C 522 -19.15 3.63 -28.58
CA ASP C 522 -18.61 3.28 -27.26
C ASP C 522 -18.58 1.76 -27.07
N LEU C 523 -19.61 1.06 -27.53
CA LEU C 523 -19.71 -0.38 -27.32
C LEU C 523 -18.85 -1.16 -28.32
N PHE C 524 -17.61 -0.70 -28.52
CA PHE C 524 -16.68 -1.42 -29.39
C PHE C 524 -15.27 -1.00 -28.98
N VAL C 525 -14.54 -1.89 -28.31
CA VAL C 525 -13.19 -1.60 -27.86
C VAL C 525 -12.29 -2.83 -28.04
N MET C 547 -13.29 -4.69 -20.63
CA MET C 547 -14.00 -5.42 -21.67
C MET C 547 -15.28 -6.05 -21.11
N HIS C 548 -16.00 -5.29 -20.29
CA HIS C 548 -17.25 -5.72 -19.69
C HIS C 548 -18.39 -4.97 -20.37
N LEU C 549 -19.42 -5.71 -20.77
CA LEU C 549 -20.62 -5.20 -21.44
C LEU C 549 -20.31 -4.60 -22.81
N LYS C 550 -19.17 -4.95 -23.41
CA LYS C 550 -18.83 -4.48 -24.74
C LYS C 550 -19.16 -5.55 -25.77
N ARG C 551 -19.50 -5.10 -26.99
CA ARG C 551 -20.06 -5.99 -27.99
C ARG C 551 -19.09 -6.37 -29.10
N SER C 552 -17.89 -5.78 -29.14
CA SER C 552 -16.92 -6.11 -30.17
C SER C 552 -15.52 -5.79 -29.67
N VAL C 553 -14.58 -6.69 -29.94
CA VAL C 553 -13.20 -6.57 -29.47
C VAL C 553 -12.28 -6.76 -30.67
N PHE C 554 -11.31 -5.84 -30.81
CA PHE C 554 -10.32 -5.94 -31.87
C PHE C 554 -8.97 -6.35 -31.28
N CYS C 555 -8.20 -7.09 -32.07
CA CYS C 555 -6.85 -7.46 -31.68
C CYS C 555 -6.02 -7.85 -32.91
N ASP C 572 -5.66 -22.04 -23.83
CA ASP C 572 -6.80 -21.90 -22.94
C ASP C 572 -7.46 -20.53 -23.09
N ASN C 573 -6.74 -19.60 -23.73
CA ASN C 573 -7.27 -18.26 -23.95
C ASN C 573 -8.47 -18.29 -24.89
N ILE C 574 -8.41 -19.13 -25.93
CA ILE C 574 -9.53 -19.22 -26.86
C ILE C 574 -10.76 -19.79 -26.18
N LYS C 575 -10.57 -20.52 -25.08
CA LYS C 575 -11.70 -20.99 -24.29
C LYS C 575 -12.09 -19.97 -23.22
N LYS C 576 -11.11 -19.30 -22.62
CA LYS C 576 -11.38 -18.26 -21.63
C LYS C 576 -12.02 -17.02 -22.24
N LEU C 577 -12.04 -16.91 -23.57
CA LEU C 577 -12.66 -15.79 -24.24
C LEU C 577 -13.97 -16.15 -24.95
N THR C 578 -14.51 -17.36 -24.72
CA THR C 578 -15.70 -17.82 -25.40
C THR C 578 -16.68 -18.49 -24.42
N GLU C 579 -16.84 -17.90 -23.25
CA GLU C 579 -17.77 -18.36 -22.23
C GLU C 579 -18.56 -17.18 -21.70
N PRO C 580 -19.76 -17.42 -21.15
CA PRO C 580 -20.64 -16.30 -20.78
C PRO C 580 -20.03 -15.32 -19.78
N CYS C 581 -19.25 -15.79 -18.81
CA CYS C 581 -18.72 -14.93 -17.77
C CYS C 581 -17.20 -15.03 -17.73
N VAL C 582 -16.53 -13.88 -17.82
CA VAL C 582 -15.07 -13.84 -17.79
C VAL C 582 -14.59 -13.15 -16.52
N ARG C 595 -19.35 -10.57 -17.65
CA ARG C 595 -20.08 -11.03 -18.82
C ARG C 595 -19.31 -10.69 -20.10
N ASN C 596 -19.39 -11.57 -21.08
CA ASN C 596 -18.65 -11.44 -22.34
C ASN C 596 -19.65 -11.36 -23.49
N HIS C 597 -19.97 -10.13 -23.89
CA HIS C 597 -20.90 -9.87 -24.99
C HIS C 597 -20.19 -9.53 -26.30
N ALA C 598 -18.87 -9.69 -26.36
CA ALA C 598 -18.08 -9.16 -27.46
C ALA C 598 -17.67 -10.26 -28.43
N THR C 599 -17.86 -10.00 -29.71
CA THR C 599 -17.24 -10.81 -30.76
C THR C 599 -15.78 -10.40 -30.88
N ILE C 600 -14.87 -11.36 -30.78
CA ILE C 600 -13.44 -11.09 -30.74
C ILE C 600 -12.87 -11.37 -32.12
N ILE C 601 -12.29 -10.34 -32.74
CA ILE C 601 -11.70 -10.46 -34.07
C ILE C 601 -10.26 -9.98 -33.99
N ILE C 602 -9.34 -10.78 -34.53
CA ILE C 602 -7.92 -10.48 -34.50
C ILE C 602 -7.51 -9.95 -35.87
N ASP C 603 -7.00 -8.72 -35.91
CA ASP C 603 -6.53 -8.12 -37.15
C ASP C 603 -5.06 -8.47 -37.32
N THR C 604 -4.79 -9.48 -38.15
CA THR C 604 -3.45 -10.01 -38.35
C THR C 604 -3.02 -9.81 -39.80
N ASN C 605 -1.70 -9.88 -40.01
CA ASN C 605 -1.13 -9.69 -41.34
C ASN C 605 -0.74 -11.04 -41.95
N ASP C 614 -5.85 -29.18 -31.38
CA ASP C 614 -6.80 -30.15 -30.86
C ASP C 614 -8.20 -29.91 -31.42
N ASN C 615 -9.05 -30.93 -31.32
CA ASN C 615 -10.42 -30.80 -31.82
C ASN C 615 -11.19 -29.73 -31.06
N ALA C 616 -10.85 -29.50 -29.80
CA ALA C 616 -11.48 -28.44 -29.01
C ALA C 616 -11.13 -27.04 -29.53
N LEU C 617 -10.11 -26.92 -30.38
CA LEU C 617 -9.70 -25.63 -30.91
C LEU C 617 -10.29 -25.34 -32.28
N MET C 618 -10.54 -26.36 -33.11
CA MET C 618 -11.08 -26.11 -34.44
C MET C 618 -12.53 -25.67 -34.40
N ARG C 619 -13.25 -25.99 -33.34
CA ARG C 619 -14.67 -25.68 -33.23
C ARG C 619 -14.93 -24.26 -32.74
N ARG C 620 -13.92 -23.38 -32.77
CA ARG C 620 -14.09 -22.02 -32.30
C ARG C 620 -13.42 -20.98 -33.20
N ILE C 621 -12.90 -21.37 -34.35
CA ILE C 621 -12.12 -20.48 -35.21
C ILE C 621 -12.77 -20.42 -36.58
N ALA C 622 -13.02 -19.20 -37.07
CA ALA C 622 -13.50 -18.95 -38.42
C ALA C 622 -12.58 -17.94 -39.08
N VAL C 623 -12.28 -18.15 -40.36
CA VAL C 623 -11.30 -17.36 -41.08
C VAL C 623 -11.96 -16.72 -42.29
N VAL C 624 -11.75 -15.41 -42.45
CA VAL C 624 -12.14 -14.70 -43.66
C VAL C 624 -10.92 -13.97 -44.19
N ARG C 625 -10.74 -13.98 -45.50
CA ARG C 625 -9.55 -13.46 -46.15
C ARG C 625 -9.84 -12.13 -46.83
N PHE C 626 -8.96 -11.17 -46.62
CA PHE C 626 -9.03 -9.86 -47.26
C PHE C 626 -8.04 -9.84 -48.42
N ARG C 627 -8.52 -9.53 -49.62
CA ARG C 627 -7.73 -9.67 -50.84
C ARG C 627 -7.40 -8.34 -51.50
N THR C 628 -8.41 -7.52 -51.79
CA THR C 628 -8.20 -6.28 -52.52
C THR C 628 -7.45 -5.25 -51.67
N TYR C 664 -20.65 8.37 -42.75
CA TYR C 664 -21.20 7.09 -43.19
C TYR C 664 -21.42 6.17 -41.98
N ARG C 665 -22.02 6.72 -40.93
CA ARG C 665 -22.23 6.00 -39.68
C ARG C 665 -23.62 5.36 -39.62
N PHE C 666 -24.66 6.16 -39.83
CA PHE C 666 -26.02 5.63 -39.72
C PHE C 666 -26.36 4.71 -40.88
N ALA C 667 -25.83 4.99 -42.08
CA ALA C 667 -26.01 4.05 -43.18
C ALA C 667 -25.32 2.73 -42.89
N PHE C 668 -24.14 2.78 -42.27
CA PHE C 668 -23.45 1.57 -41.87
C PHE C 668 -24.28 0.80 -40.84
N LEU C 669 -24.87 1.50 -39.88
CA LEU C 669 -25.77 0.83 -38.93
C LEU C 669 -26.97 0.21 -39.64
N TYR C 670 -27.54 0.92 -40.61
CA TYR C 670 -28.70 0.41 -41.34
C TYR C 670 -28.35 -0.88 -42.07
N LEU C 671 -27.21 -0.90 -42.77
CA LEU C 671 -26.87 -2.12 -43.54
C LEU C 671 -26.51 -3.22 -42.54
N LEU C 672 -25.83 -2.87 -41.43
CA LEU C 672 -25.58 -3.88 -40.40
C LEU C 672 -26.88 -4.52 -39.92
N VAL C 673 -27.91 -3.71 -39.70
CA VAL C 673 -29.19 -4.24 -39.24
C VAL C 673 -29.80 -5.13 -40.31
N LYS C 674 -29.73 -4.71 -41.58
CA LYS C 674 -30.24 -5.54 -42.66
C LYS C 674 -29.49 -6.86 -42.76
N TRP C 675 -28.16 -6.82 -42.60
CA TRP C 675 -27.37 -8.05 -42.59
C TRP C 675 -27.76 -8.94 -41.42
N TYR C 676 -28.00 -8.35 -40.25
CA TYR C 676 -28.40 -9.13 -39.09
C TYR C 676 -29.74 -9.80 -39.32
N LYS C 677 -30.69 -9.10 -39.92
CA LYS C 677 -31.99 -9.74 -40.15
C LYS C 677 -31.97 -10.51 -41.46
N LYS C 678 -30.92 -11.32 -41.65
CA LYS C 678 -30.81 -12.28 -42.75
C LYS C 678 -30.38 -13.67 -42.31
N TYR C 679 -29.62 -13.80 -41.22
CA TYR C 679 -29.13 -15.10 -40.76
C TYR C 679 -29.32 -15.34 -39.28
N HIS C 680 -29.61 -14.33 -38.47
CA HIS C 680 -29.70 -14.48 -37.02
C HIS C 680 -31.09 -14.18 -36.47
N ILE C 681 -32.12 -14.13 -37.33
CA ILE C 681 -33.46 -13.81 -36.85
C ILE C 681 -33.97 -14.85 -35.84
N PRO C 682 -33.93 -16.17 -36.13
CA PRO C 682 -34.38 -17.13 -35.10
C PRO C 682 -33.48 -17.14 -33.87
N ILE C 683 -32.19 -17.42 -34.06
CA ILE C 683 -31.21 -17.49 -32.98
C ILE C 683 -29.89 -16.90 -33.48
N MET C 684 -28.98 -16.65 -32.55
CA MET C 684 -27.62 -16.28 -32.87
C MET C 684 -26.69 -17.44 -32.53
N LYS C 685 -25.84 -17.81 -33.47
CA LYS C 685 -24.75 -18.75 -33.24
C LYS C 685 -23.85 -18.72 -34.47
N LEU C 686 -22.55 -18.62 -34.22
CA LEU C 686 -21.57 -18.49 -35.29
C LEU C 686 -20.85 -19.81 -35.49
N TYR C 687 -20.87 -20.29 -36.75
CA TYR C 687 -20.16 -21.52 -37.10
C TYR C 687 -18.67 -21.27 -37.18
N PRO C 688 -17.84 -22.27 -36.83
CA PRO C 688 -16.38 -22.13 -36.92
C PRO C 688 -15.86 -22.26 -38.35
N GLY D 323 -38.22 33.94 -4.04
CA GLY D 323 -38.30 32.50 -3.81
C GLY D 323 -37.22 31.97 -2.91
N ASN D 324 -36.01 31.84 -3.44
CA ASN D 324 -34.87 31.36 -2.66
C ASN D 324 -33.64 32.13 -3.14
N LYS D 325 -33.08 32.94 -2.25
CA LYS D 325 -31.95 33.81 -2.63
C LYS D 325 -30.72 32.99 -3.02
N LEU D 326 -30.38 31.99 -2.21
CA LEU D 326 -29.18 31.20 -2.46
C LEU D 326 -29.32 30.31 -3.70
N PHE D 327 -30.53 30.15 -4.23
CA PHE D 327 -30.74 29.40 -5.46
C PHE D 327 -30.87 30.31 -6.68
N ASN D 328 -31.49 31.49 -6.52
CA ASN D 328 -31.47 32.48 -7.59
C ASN D 328 -30.05 32.93 -7.88
N ILE D 329 -29.21 33.04 -6.84
CA ILE D 329 -27.81 33.39 -7.05
C ILE D 329 -27.13 32.33 -7.92
N ALA D 330 -27.35 31.05 -7.61
CA ALA D 330 -26.76 29.98 -8.39
C ALA D 330 -27.26 29.97 -9.82
N GLN D 331 -28.56 30.18 -10.02
CA GLN D 331 -29.10 30.23 -11.37
C GLN D 331 -28.54 31.40 -12.16
N ARG D 332 -28.36 32.55 -11.52
CA ARG D 332 -27.76 33.69 -12.22
C ARG D 332 -26.31 33.42 -12.57
N ILE D 333 -25.56 32.78 -11.67
CA ILE D 333 -24.16 32.45 -11.97
C ILE D 333 -24.10 31.46 -13.13
N LEU D 334 -25.03 30.51 -13.18
CA LEU D 334 -25.07 29.59 -14.31
C LEU D 334 -25.59 30.23 -15.58
N ASP D 335 -26.29 31.36 -15.48
CA ASP D 335 -26.76 32.07 -16.67
C ASP D 335 -25.59 32.65 -17.46
N THR D 336 -24.58 33.17 -16.76
CA THR D 336 -23.42 33.76 -17.41
C THR D 336 -22.54 32.73 -18.10
N ASN D 337 -22.79 31.44 -17.89
CA ASN D 337 -21.99 30.36 -18.46
C ASN D 337 -20.53 30.47 -18.05
N SER D 338 -20.29 30.94 -16.83
CA SER D 338 -18.92 31.00 -16.31
C SER D 338 -18.41 29.64 -15.89
N VAL D 339 -19.30 28.72 -15.52
CA VAL D 339 -18.94 27.37 -15.11
C VAL D 339 -19.50 26.39 -16.12
N LEU D 340 -18.69 25.39 -16.48
CA LEU D 340 -19.11 24.33 -17.38
C LEU D 340 -18.57 23.00 -16.86
N LEU D 341 -19.26 21.92 -17.22
CA LEU D 341 -18.87 20.58 -16.83
C LEU D 341 -18.29 19.85 -18.04
N THR D 342 -17.08 19.35 -17.89
CA THR D 342 -16.38 18.64 -18.95
C THR D 342 -16.66 17.14 -18.84
N GLU D 343 -16.65 16.46 -19.98
CA GLU D 343 -16.98 15.04 -20.05
C GLU D 343 -16.03 14.21 -19.19
N ARG D 344 -14.85 14.75 -18.89
CA ARG D 344 -13.92 14.08 -17.99
C ARG D 344 -14.35 14.14 -16.53
N GLY D 345 -15.49 14.74 -16.24
CA GLY D 345 -15.98 14.81 -14.87
C GLY D 345 -15.45 15.96 -14.05
N ASP D 346 -14.74 16.90 -14.66
CA ASP D 346 -14.17 18.04 -13.95
C ASP D 346 -14.91 19.31 -14.34
N HIS D 347 -15.10 20.18 -13.34
CA HIS D 347 -15.80 21.45 -13.53
C HIS D 347 -14.76 22.52 -13.84
N ILE D 348 -14.96 23.22 -14.95
CA ILE D 348 -14.04 24.27 -15.37
C ILE D 348 -14.57 25.62 -14.95
N VAL D 349 -13.66 26.52 -14.62
CA VAL D 349 -13.97 27.81 -14.00
C VAL D 349 -13.38 28.93 -14.84
N TRP D 350 -14.14 30.02 -14.96
CA TRP D 350 -13.74 31.17 -15.78
C TRP D 350 -13.52 32.37 -14.86
N ILE D 351 -12.26 32.64 -14.53
CA ILE D 351 -11.88 33.82 -13.77
C ILE D 351 -10.57 34.35 -14.32
N ASN D 352 -10.41 35.67 -14.29
CA ASN D 352 -9.23 36.35 -14.83
C ASN D 352 -9.03 36.01 -16.30
N ASN D 353 -10.12 35.98 -17.06
CA ASN D 353 -10.09 35.80 -18.51
C ASN D 353 -9.35 34.53 -18.93
N SER D 354 -9.58 33.45 -18.20
CA SER D 354 -8.97 32.17 -18.56
C SER D 354 -9.78 31.04 -17.94
N TRP D 355 -9.94 29.95 -18.69
CA TRP D 355 -10.66 28.77 -18.23
C TRP D 355 -9.69 27.88 -17.45
N LYS D 356 -9.95 27.68 -16.16
CA LYS D 356 -9.10 26.85 -15.32
C LYS D 356 -9.90 25.71 -14.72
N PHE D 357 -9.18 24.64 -14.39
CA PHE D 357 -9.75 23.50 -13.70
C PHE D 357 -8.68 22.88 -12.81
N ASN D 358 -9.13 22.21 -11.75
CA ASN D 358 -8.23 21.50 -10.86
C ASN D 358 -9.02 20.41 -10.16
N SER D 359 -8.76 19.15 -10.51
CA SER D 359 -9.54 18.07 -9.94
C SER D 359 -9.01 17.66 -8.58
N GLU D 360 -8.82 18.66 -7.70
CA GLU D 360 -8.38 18.37 -6.31
C GLU D 360 -8.89 19.49 -5.41
N GLU D 361 -9.56 20.50 -5.99
CA GLU D 361 -10.07 21.65 -5.20
C GLU D 361 -11.36 22.20 -5.83
N PRO D 362 -12.31 22.76 -5.05
CA PRO D 362 -13.54 23.35 -5.59
C PRO D 362 -13.29 24.76 -6.12
N LEU D 363 -12.50 24.90 -7.19
CA LEU D 363 -12.23 26.21 -7.78
C LEU D 363 -13.52 27.01 -7.93
N ILE D 364 -14.66 26.32 -7.93
CA ILE D 364 -15.95 26.99 -8.08
C ILE D 364 -16.15 28.03 -6.99
N THR D 365 -15.76 27.70 -5.75
CA THR D 365 -15.91 28.65 -4.65
C THR D 365 -15.07 29.89 -4.84
N LYS D 366 -14.03 29.83 -5.68
CA LYS D 366 -13.35 31.06 -6.09
C LYS D 366 -14.25 31.92 -6.96
N LEU D 367 -14.86 31.32 -7.98
CA LEU D 367 -15.68 32.09 -8.91
C LEU D 367 -16.81 32.80 -8.19
N ILE D 368 -17.49 32.10 -7.29
CA ILE D 368 -18.63 32.68 -6.58
C ILE D 368 -18.25 33.95 -5.84
N LEU D 369 -16.96 34.17 -5.58
CA LEU D 369 -16.54 35.42 -4.98
C LEU D 369 -16.23 36.48 -6.04
N SER D 370 -15.54 36.08 -7.12
CA SER D 370 -15.16 37.01 -8.17
C SER D 370 -16.37 37.61 -8.87
N ILE D 371 -17.40 36.80 -9.11
CA ILE D 371 -18.57 37.25 -9.87
C ILE D 371 -19.38 38.15 -8.93
N ARG D 372 -18.90 38.32 -7.70
CA ARG D 372 -19.63 39.14 -6.73
C ARG D 372 -19.89 40.55 -7.25
N HIS D 373 -18.99 41.09 -8.07
CA HIS D 373 -19.22 42.39 -8.69
C HIS D 373 -19.90 42.25 -10.05
N GLN D 374 -20.94 41.42 -10.11
CA GLN D 374 -21.80 41.32 -11.28
C GLN D 374 -23.27 41.18 -10.93
N LEU D 375 -23.61 40.86 -9.70
CA LEU D 375 -24.97 40.73 -9.21
C LEU D 375 -25.39 42.00 -8.48
N PRO D 376 -26.70 42.21 -8.32
CA PRO D 376 -27.16 43.41 -7.60
C PRO D 376 -26.58 43.51 -6.19
N LYS D 377 -26.73 44.70 -5.61
CA LYS D 377 -26.12 44.97 -4.31
C LYS D 377 -26.67 44.04 -3.23
N GLU D 378 -27.99 43.82 -3.23
CA GLU D 378 -28.58 42.92 -2.25
C GLU D 378 -28.16 41.47 -2.47
N TYR D 379 -27.75 41.11 -3.69
CA TYR D 379 -27.26 39.77 -3.99
C TYR D 379 -25.75 39.66 -3.88
N SER D 380 -25.06 40.72 -3.48
CA SER D 380 -23.61 40.72 -3.40
C SER D 380 -23.09 40.70 -1.97
N SER D 381 -23.77 41.37 -1.04
CA SER D 381 -23.31 41.40 0.34
C SER D 381 -23.46 40.05 1.03
N GLU D 382 -24.21 39.12 0.43
CA GLU D 382 -24.41 37.80 1.00
C GLU D 382 -23.33 36.81 0.58
N LEU D 383 -22.40 37.22 -0.28
CA LEU D 383 -21.36 36.32 -0.77
C LEU D 383 -20.04 36.50 -0.05
N LEU D 384 -19.98 37.33 0.98
CA LEU D 384 -18.78 37.45 1.82
C LEU D 384 -18.86 36.52 3.02
N CYS D 385 -19.18 35.26 2.79
CA CYS D 385 -19.38 34.34 3.89
C CYS D 385 -19.10 32.90 3.42
N PRO D 386 -18.02 32.29 3.90
CA PRO D 386 -17.66 30.95 3.38
C PRO D 386 -18.73 29.89 3.63
N ARG D 387 -19.47 29.99 4.73
CA ARG D 387 -20.56 29.03 4.96
C ARG D 387 -21.69 29.19 3.96
N LYS D 388 -21.87 30.39 3.41
CA LYS D 388 -22.87 30.64 2.39
C LYS D 388 -22.30 30.58 0.98
N ARG D 389 -20.99 30.37 0.83
CA ARG D 389 -20.38 30.21 -0.48
C ARG D 389 -20.13 28.74 -0.81
N LYS D 390 -20.56 27.82 0.05
CA LYS D 390 -20.57 26.41 -0.28
C LYS D 390 -21.98 25.86 -0.45
N THR D 391 -23.00 26.57 0.02
CA THR D 391 -24.38 26.23 -0.32
C THR D 391 -24.64 26.50 -1.79
N VAL D 392 -24.29 27.70 -2.25
CA VAL D 392 -24.49 28.06 -3.66
C VAL D 392 -23.60 27.20 -4.54
N GLU D 393 -22.40 26.86 -4.08
CA GLU D 393 -21.55 25.95 -4.84
C GLU D 393 -22.18 24.58 -4.96
N ALA D 394 -22.80 24.08 -3.89
CA ALA D 394 -23.49 22.80 -3.97
C ALA D 394 -24.66 22.86 -4.95
N ASN D 395 -25.42 23.96 -4.91
CA ASN D 395 -26.49 24.15 -5.88
C ASN D 395 -25.95 24.09 -7.31
N ILE D 396 -24.87 24.85 -7.57
CA ILE D 396 -24.30 24.88 -8.91
C ILE D 396 -23.83 23.49 -9.32
N ARG D 397 -23.19 22.76 -8.41
CA ARG D 397 -22.75 21.41 -8.72
C ARG D 397 -23.93 20.48 -8.99
N ASP D 398 -25.12 20.80 -8.46
CA ASP D 398 -26.29 19.96 -8.68
C ASP D 398 -27.13 20.35 -9.90
N MET D 399 -26.77 21.41 -10.62
CA MET D 399 -27.44 21.73 -11.88
C MET D 399 -26.60 21.43 -13.11
N LEU D 400 -25.30 21.18 -12.97
CA LEU D 400 -24.45 20.91 -14.13
C LEU D 400 -24.59 19.44 -14.50
N VAL D 401 -25.60 19.16 -15.31
CA VAL D 401 -25.89 17.81 -15.77
C VAL D 401 -25.37 17.56 -17.18
N ASP D 402 -25.59 18.51 -18.08
CA ASP D 402 -25.20 18.35 -19.48
C ASP D 402 -23.72 18.69 -19.64
N SER D 403 -22.95 17.73 -20.17
CA SER D 403 -21.54 17.95 -20.42
C SER D 403 -21.35 18.81 -21.68
N VAL D 404 -20.22 19.51 -21.72
CA VAL D 404 -19.87 20.36 -22.86
C VAL D 404 -18.43 20.06 -23.24
N GLU D 405 -18.19 19.83 -24.53
CA GLU D 405 -16.85 19.52 -25.00
C GLU D 405 -15.93 20.72 -24.85
N THR D 406 -14.64 20.45 -24.69
CA THR D 406 -13.64 21.48 -24.44
C THR D 406 -12.46 21.30 -25.39
N ASP D 407 -11.83 22.43 -25.72
CA ASP D 407 -10.62 22.47 -26.55
C ASP D 407 -10.87 21.82 -27.91
N THR D 408 -11.78 22.41 -28.68
CA THR D 408 -12.09 21.92 -30.01
C THR D 408 -11.41 22.73 -31.11
N TYR D 409 -11.00 23.96 -30.84
CA TYR D 409 -10.26 24.75 -31.82
C TYR D 409 -8.77 24.43 -31.72
N PRO D 410 -8.15 23.89 -32.77
CA PRO D 410 -6.72 23.58 -32.69
C PRO D 410 -5.82 24.77 -32.99
N ASP D 411 -6.31 25.73 -33.76
CA ASP D 411 -5.50 26.89 -34.13
C ASP D 411 -5.67 28.04 -33.14
N LYS D 412 -5.47 27.76 -31.86
CA LYS D 412 -5.54 28.77 -30.81
C LYS D 412 -4.44 28.52 -29.80
N LEU D 413 -3.97 29.60 -29.18
CA LEU D 413 -2.95 29.51 -28.13
C LEU D 413 -3.43 30.28 -26.92
N PRO D 414 -3.72 29.62 -25.80
CA PRO D 414 -4.28 30.33 -24.65
C PRO D 414 -3.24 30.85 -23.68
N PHE D 415 -3.31 32.14 -23.35
CA PHE D 415 -2.48 32.75 -22.33
C PHE D 415 -3.33 33.06 -21.11
N LYS D 416 -2.64 33.25 -19.97
CA LYS D 416 -3.29 33.49 -18.69
C LYS D 416 -4.24 34.69 -18.73
N ASN D 417 -4.23 35.49 -19.79
CA ASN D 417 -5.11 36.65 -19.89
C ASN D 417 -5.81 36.75 -21.23
N GLY D 418 -5.88 35.67 -22.01
CA GLY D 418 -6.60 35.74 -23.27
C GLY D 418 -6.29 34.55 -24.16
N VAL D 419 -6.59 34.72 -25.44
CA VAL D 419 -6.37 33.69 -26.45
C VAL D 419 -5.83 34.37 -27.71
N LEU D 420 -4.80 33.78 -28.29
CA LEU D 420 -4.19 34.29 -29.52
C LEU D 420 -4.52 33.36 -30.68
N ASP D 421 -5.05 33.93 -31.76
CA ASP D 421 -5.31 33.16 -32.96
C ASP D 421 -4.04 33.03 -33.80
N LEU D 422 -3.88 31.87 -34.42
CA LEU D 422 -2.68 31.57 -35.19
C LEU D 422 -2.82 31.88 -36.67
N VAL D 423 -4.02 31.75 -37.23
CA VAL D 423 -4.22 32.05 -38.64
C VAL D 423 -4.04 33.55 -38.90
N ASP D 424 -4.38 34.39 -37.93
CA ASP D 424 -4.32 35.83 -38.10
C ASP D 424 -3.27 36.51 -37.22
N GLY D 425 -3.01 36.00 -36.02
CA GLY D 425 -2.14 36.66 -35.09
C GLY D 425 -2.82 37.67 -34.18
N MET D 426 -4.14 37.78 -34.24
CA MET D 426 -4.87 38.71 -33.40
C MET D 426 -5.07 38.10 -32.02
N PHE D 427 -4.91 38.92 -30.98
CA PHE D 427 -4.99 38.47 -29.60
C PHE D 427 -6.38 38.77 -29.05
N TYR D 428 -7.10 37.72 -28.65
CA TYR D 428 -8.45 37.85 -28.14
C TYR D 428 -8.44 37.85 -26.60
N SER D 429 -9.17 38.79 -26.02
CA SER D 429 -9.26 38.89 -24.57
C SER D 429 -10.69 39.27 -24.19
N GLY D 430 -11.05 38.96 -22.95
CA GLY D 430 -12.40 39.25 -22.49
C GLY D 430 -13.39 38.22 -22.97
N ASP D 431 -14.62 38.69 -23.24
CA ASP D 431 -15.68 37.79 -23.68
C ASP D 431 -15.31 37.06 -24.97
N ASP D 432 -14.57 37.72 -25.86
CA ASP D 432 -14.13 37.07 -27.09
C ASP D 432 -13.29 35.83 -26.80
N ALA D 433 -12.52 35.86 -25.71
CA ALA D 433 -11.74 34.69 -25.33
C ALA D 433 -12.58 33.59 -24.70
N LYS D 434 -13.79 33.92 -24.23
CA LYS D 434 -14.61 32.92 -23.56
C LYS D 434 -15.18 31.90 -24.54
N LYS D 435 -15.39 32.31 -25.80
CA LYS D 435 -16.04 31.41 -26.76
C LYS D 435 -15.23 30.14 -26.99
N TYR D 436 -13.92 30.26 -27.11
CA TYR D 436 -13.05 29.10 -27.28
C TYR D 436 -12.76 28.50 -25.92
N THR D 437 -13.38 27.35 -25.62
CA THR D 437 -13.20 26.72 -24.32
C THR D 437 -11.83 26.06 -24.25
N CYS D 438 -10.83 26.82 -23.85
CA CYS D 438 -9.46 26.35 -23.71
C CYS D 438 -9.17 26.14 -22.23
N THR D 439 -9.33 24.90 -21.77
CA THR D 439 -9.16 24.59 -20.36
C THR D 439 -7.70 24.64 -19.93
N VAL D 440 -6.76 24.57 -20.87
CA VAL D 440 -5.33 24.66 -20.57
C VAL D 440 -4.84 26.02 -21.04
N SER D 441 -3.71 26.46 -20.48
CA SER D 441 -3.16 27.76 -20.79
C SER D 441 -1.65 27.74 -20.57
N THR D 442 -0.97 28.74 -21.14
CA THR D 442 0.48 28.84 -21.02
C THR D 442 0.90 29.24 -19.62
N GLY D 443 0.08 30.01 -18.90
CA GLY D 443 0.33 30.34 -17.52
C GLY D 443 0.89 31.72 -17.26
N PHE D 444 1.24 32.47 -18.30
CA PHE D 444 1.77 33.83 -18.13
C PHE D 444 0.94 34.82 -18.92
N LYS D 445 0.82 36.03 -18.38
CA LYS D 445 0.07 37.07 -19.05
C LYS D 445 0.77 37.51 -20.34
N PHE D 446 -0.04 37.71 -21.38
CA PHE D 446 0.48 38.09 -22.70
C PHE D 446 0.73 39.59 -22.71
N ASP D 447 1.99 39.96 -22.47
CA ASP D 447 2.36 41.37 -22.54
C ASP D 447 2.28 41.85 -23.99
N ASP D 448 1.56 42.95 -24.21
CA ASP D 448 1.30 43.39 -25.57
C ASP D 448 2.56 43.96 -26.22
N THR D 449 3.30 44.80 -25.50
CA THR D 449 4.47 45.45 -26.08
C THR D 449 5.72 44.58 -25.97
N LYS D 450 5.56 43.30 -26.33
CA LYS D 450 6.69 42.40 -26.54
C LYS D 450 6.55 41.53 -27.78
N PHE D 451 5.34 41.33 -28.29
CA PHE D 451 5.11 40.53 -29.49
C PHE D 451 5.33 41.37 -30.74
N VAL D 452 6.58 41.79 -30.92
CA VAL D 452 6.97 42.68 -32.01
C VAL D 452 7.97 41.97 -32.90
N GLU D 453 8.18 42.55 -34.09
CA GLU D 453 9.11 41.96 -35.05
C GLU D 453 10.54 42.42 -34.79
N ASP D 454 10.74 43.70 -34.51
CA ASP D 454 12.07 44.28 -34.36
C ASP D 454 12.32 44.60 -32.90
N SER D 455 13.38 44.01 -32.34
CA SER D 455 13.82 44.22 -30.98
C SER D 455 15.19 43.57 -30.81
N PRO D 456 16.10 44.16 -30.02
CA PRO D 456 17.45 43.56 -29.91
C PRO D 456 17.43 42.12 -29.42
N GLU D 457 16.52 41.80 -28.50
CA GLU D 457 16.40 40.41 -28.04
C GLU D 457 16.01 39.50 -29.20
N MET D 458 15.14 39.99 -30.09
CA MET D 458 14.79 39.21 -31.28
C MET D 458 16.00 38.99 -32.17
N GLU D 459 16.83 40.02 -32.35
CA GLU D 459 18.02 39.87 -33.19
C GLU D 459 18.98 38.85 -32.60
N GLU D 460 19.26 38.93 -31.30
CA GLU D 460 20.21 37.98 -30.72
C GLU D 460 19.65 36.57 -30.70
N LEU D 461 18.34 36.43 -30.47
CA LEU D 461 17.71 35.11 -30.56
C LEU D 461 17.81 34.55 -31.97
N MET D 462 17.59 35.40 -32.98
CA MET D 462 17.65 34.94 -34.36
C MET D 462 19.07 34.48 -34.68
N ASN D 463 20.06 35.22 -34.16
CA ASN D 463 21.46 34.83 -34.32
C ASN D 463 21.73 33.48 -33.66
N ILE D 464 21.18 33.28 -32.45
CA ILE D 464 21.36 32.00 -31.77
C ILE D 464 20.77 30.86 -32.59
N ILE D 465 19.58 31.08 -33.15
CA ILE D 465 18.92 30.05 -33.95
C ILE D 465 19.73 29.74 -35.20
N ASN D 466 20.28 30.78 -35.85
CA ASN D 466 21.16 30.55 -36.99
C ASN D 466 22.40 29.77 -36.58
N ASP D 467 22.96 30.07 -35.41
CA ASP D 467 24.13 29.34 -34.94
C ASP D 467 23.81 27.87 -34.72
N ILE D 468 22.64 27.58 -34.13
CA ILE D 468 22.27 26.19 -33.88
C ILE D 468 22.03 25.46 -35.19
N GLN D 469 21.31 26.09 -36.12
CA GLN D 469 20.98 25.50 -37.41
C GLN D 469 21.25 26.51 -38.52
N PRO D 470 22.44 26.50 -39.11
CA PRO D 470 22.74 27.45 -40.19
C PRO D 470 21.90 27.18 -41.43
N LEU D 471 21.61 28.24 -42.16
CA LEU D 471 20.82 28.15 -43.39
C LEU D 471 21.70 27.91 -44.60
N THR D 472 22.53 26.88 -44.54
CA THR D 472 23.42 26.56 -45.66
C THR D 472 22.65 25.82 -46.75
N ASP D 473 23.27 25.72 -47.92
CA ASP D 473 22.65 25.03 -49.05
C ASP D 473 22.41 23.56 -48.73
N GLU D 474 23.30 22.94 -47.96
CA GLU D 474 23.09 21.56 -47.55
C GLU D 474 22.05 21.42 -46.44
N ASN D 475 22.00 22.36 -45.51
CA ASN D 475 21.15 22.28 -44.32
C ASN D 475 19.88 23.11 -44.48
N LYS D 476 19.37 23.23 -45.69
CA LYS D 476 18.11 23.94 -45.89
C LYS D 476 16.90 23.05 -45.63
N LYS D 477 16.94 21.80 -46.12
CA LYS D 477 15.86 20.86 -45.82
C LYS D 477 15.81 20.55 -44.33
N ASN D 478 16.97 20.34 -43.71
CA ASN D 478 17.01 20.10 -42.27
C ASN D 478 16.48 21.29 -41.49
N ARG D 479 16.86 22.51 -41.90
CA ARG D 479 16.35 23.71 -41.24
C ARG D 479 14.84 23.82 -41.42
N GLU D 480 14.33 23.45 -42.61
CA GLU D 480 12.89 23.50 -42.85
C GLU D 480 12.13 22.48 -42.00
N LEU D 481 12.70 21.28 -41.83
CA LEU D 481 12.06 20.28 -41.00
C LEU D 481 12.09 20.68 -39.52
N TYR D 482 13.20 21.23 -39.06
CA TYR D 482 13.28 21.77 -37.70
C TYR D 482 12.26 22.88 -37.52
N GLU D 483 12.11 23.72 -38.56
CA GLU D 483 11.11 24.77 -38.58
C GLU D 483 9.71 24.22 -38.37
N LYS D 484 9.35 23.22 -39.18
CA LYS D 484 8.00 22.65 -39.11
C LYS D 484 7.76 22.00 -37.75
N THR D 485 8.73 21.24 -37.25
CA THR D 485 8.57 20.56 -35.99
C THR D 485 8.41 21.55 -34.83
N LEU D 486 9.23 22.60 -34.79
CA LEU D 486 9.12 23.56 -33.71
C LEU D 486 7.82 24.36 -33.81
N SER D 487 7.44 24.77 -35.02
CA SER D 487 6.18 25.51 -35.18
C SER D 487 4.97 24.64 -34.89
N SER D 488 5.11 23.31 -34.97
CA SER D 488 4.02 22.41 -34.64
C SER D 488 3.65 22.43 -33.17
N CYS D 489 4.50 22.98 -32.30
CA CYS D 489 4.18 23.05 -30.87
C CYS D 489 3.30 24.25 -30.59
N LEU D 490 2.25 24.43 -31.38
CA LEU D 490 1.29 25.50 -31.16
C LEU D 490 -0.15 25.08 -31.40
N CYS D 491 -0.42 23.95 -32.03
CA CYS D 491 -1.77 23.56 -32.42
C CYS D 491 -2.32 22.52 -31.45
N GLY D 492 -3.63 22.60 -31.23
CA GLY D 492 -4.30 21.72 -30.29
C GLY D 492 -4.89 20.48 -30.92
N ALA D 493 -4.42 20.11 -32.10
CA ALA D 493 -4.86 18.90 -32.76
C ALA D 493 -3.88 17.76 -32.48
N THR D 494 -4.17 16.59 -33.03
CA THR D 494 -3.36 15.40 -32.80
C THR D 494 -2.46 15.17 -34.01
N LYS D 495 -1.15 15.19 -33.79
CA LYS D 495 -0.18 14.93 -34.84
C LYS D 495 0.01 13.42 -35.01
N GLY D 496 0.66 13.05 -36.12
CA GLY D 496 0.86 11.65 -36.42
C GLY D 496 2.29 11.28 -36.76
N CYS D 497 3.25 11.92 -36.10
CA CYS D 497 4.65 11.64 -36.36
C CYS D 497 5.48 12.02 -35.14
N LEU D 498 6.48 11.21 -34.82
CA LEU D 498 7.38 11.45 -33.70
C LEU D 498 8.70 12.00 -34.22
N THR D 499 9.17 13.06 -33.59
CA THR D 499 10.40 13.75 -34.00
C THR D 499 11.53 13.39 -33.06
N PHE D 500 12.69 13.08 -33.63
CA PHE D 500 13.89 12.78 -32.86
C PHE D 500 14.85 13.97 -32.88
N PHE D 501 15.69 14.05 -31.84
CA PHE D 501 16.70 15.10 -31.76
C PHE D 501 18.09 14.49 -31.73
N PHE D 502 18.37 13.56 -32.65
CA PHE D 502 19.69 12.93 -32.69
C PHE D 502 20.78 13.98 -32.88
N GLY D 503 21.83 13.85 -32.10
CA GLY D 503 22.95 14.78 -32.21
C GLY D 503 23.99 14.47 -31.14
N GLU D 504 25.19 15.01 -31.36
CA GLU D 504 26.29 14.81 -30.43
C GLU D 504 26.14 15.77 -29.25
N THR D 505 27.19 15.90 -28.45
CA THR D 505 27.13 16.77 -27.28
C THR D 505 27.34 18.23 -27.69
N ALA D 506 26.79 19.12 -26.87
CA ALA D 506 26.92 20.57 -27.05
C ALA D 506 26.51 21.00 -28.45
N THR D 507 25.27 20.65 -28.82
CA THR D 507 24.72 20.99 -30.12
C THR D 507 23.49 21.88 -30.04
N GLY D 508 22.85 22.01 -28.89
CA GLY D 508 21.72 22.89 -28.73
C GLY D 508 20.38 22.22 -28.50
N LYS D 509 20.35 20.92 -28.27
CA LYS D 509 19.07 20.24 -28.02
C LYS D 509 18.41 20.76 -26.74
N SER D 510 19.16 20.76 -25.63
CA SER D 510 18.63 21.30 -24.40
C SER D 510 18.37 22.80 -24.49
N THR D 511 19.20 23.51 -25.26
CA THR D 511 18.96 24.93 -25.48
C THR D 511 17.64 25.15 -26.20
N THR D 512 17.36 24.35 -27.22
CA THR D 512 16.08 24.45 -27.92
C THR D 512 14.92 24.11 -26.99
N LYS D 513 15.09 23.08 -26.15
CA LYS D 513 14.03 22.71 -25.22
C LYS D 513 13.75 23.84 -24.24
N ARG D 514 14.79 24.47 -23.72
CA ARG D 514 14.61 25.56 -22.76
C ARG D 514 14.02 26.80 -23.42
N LEU D 515 14.43 27.09 -24.66
CA LEU D 515 13.83 28.19 -25.40
C LEU D 515 12.34 27.95 -25.61
N LEU D 516 11.97 26.72 -25.97
CA LEU D 516 10.55 26.42 -26.16
C LEU D 516 9.79 26.47 -24.85
N LYS D 517 10.46 26.15 -23.73
CA LYS D 517 9.80 26.27 -22.43
C LYS D 517 9.52 27.72 -22.10
N SER D 518 10.50 28.59 -22.35
CA SER D 518 10.27 30.02 -22.16
C SER D 518 9.17 30.53 -23.09
N ALA D 519 9.07 29.96 -24.28
CA ALA D 519 8.07 30.44 -25.25
C ALA D 519 6.66 30.00 -24.89
N ILE D 520 6.41 28.69 -24.86
CA ILE D 520 5.05 28.19 -24.71
C ILE D 520 4.65 27.92 -23.26
N GLY D 521 5.59 27.94 -22.33
CA GLY D 521 5.25 27.84 -20.92
C GLY D 521 4.69 26.50 -20.46
N ASP D 522 3.43 26.52 -20.00
CA ASP D 522 2.87 25.36 -19.31
C ASP D 522 2.60 24.21 -20.28
N LEU D 523 2.31 24.50 -21.54
CA LEU D 523 2.01 23.45 -22.50
C LEU D 523 3.29 22.69 -22.86
N PHE D 524 3.86 22.03 -21.85
CA PHE D 524 5.20 21.47 -21.86
C PHE D 524 5.36 20.46 -20.73
N VAL D 525 5.62 19.20 -21.09
CA VAL D 525 5.95 18.17 -20.11
C VAL D 525 7.07 17.29 -20.67
N GLU D 526 7.96 16.87 -19.77
CA GLU D 526 8.99 15.91 -20.11
C GLU D 526 8.84 14.71 -19.19
N THR D 527 8.85 13.51 -19.77
CA THR D 527 8.63 12.26 -19.05
C THR D 527 9.87 11.39 -19.15
N GLY D 528 9.77 10.17 -18.60
CA GLY D 528 10.86 9.22 -18.64
C GLY D 528 10.85 8.38 -19.91
N GLN D 529 11.78 7.43 -19.95
CA GLN D 529 11.94 6.55 -21.10
C GLN D 529 10.98 5.35 -21.06
N THR D 530 10.17 5.24 -20.00
CA THR D 530 9.23 4.13 -19.90
C THR D 530 8.23 4.14 -21.04
N ILE D 531 7.76 5.34 -21.44
CA ILE D 531 6.75 5.45 -22.47
C ILE D 531 7.25 4.89 -23.80
N LEU D 532 8.49 5.21 -24.15
CA LEU D 532 9.08 4.69 -25.39
C LEU D 532 9.23 3.17 -25.35
N PHE D 543 2.59 10.18 -15.34
CA PHE D 543 3.34 10.43 -16.57
C PHE D 543 2.38 10.53 -17.76
N ILE D 544 1.78 9.41 -18.15
CA ILE D 544 0.79 9.43 -19.21
C ILE D 544 -0.42 10.27 -18.78
N ALA D 545 -0.79 10.20 -17.50
CA ALA D 545 -1.89 10.99 -16.99
C ALA D 545 -1.62 12.49 -17.09
N ASN D 546 -0.36 12.89 -17.20
CA ASN D 546 -0.01 14.30 -17.35
C ASN D 546 -0.03 14.76 -18.81
N MET D 547 0.10 13.85 -19.76
CA MET D 547 0.10 14.23 -21.17
C MET D 547 -1.34 14.35 -21.68
N HIS D 548 -2.17 15.03 -20.89
CA HIS D 548 -3.56 15.29 -21.25
C HIS D 548 -3.70 16.74 -21.67
N LEU D 549 -4.10 16.95 -22.93
CA LEU D 549 -4.35 18.27 -23.49
C LEU D 549 -3.09 19.14 -23.51
N LYS D 550 -1.94 18.55 -23.21
CA LYS D 550 -0.68 19.24 -23.39
C LYS D 550 -0.37 19.37 -24.88
N ARG D 551 0.49 20.34 -25.21
CA ARG D 551 0.85 20.59 -26.59
C ARG D 551 2.28 20.23 -26.95
N SER D 552 3.10 19.81 -25.98
CA SER D 552 4.46 19.42 -26.29
C SER D 552 5.00 18.50 -25.19
N VAL D 553 5.42 17.30 -25.60
CA VAL D 553 5.96 16.30 -24.67
C VAL D 553 7.33 15.88 -25.18
N PHE D 554 8.28 15.73 -24.26
CA PHE D 554 9.64 15.32 -24.59
C PHE D 554 10.16 14.24 -23.65
N CYS D 555 11.14 13.49 -24.17
CA CYS D 555 11.80 12.44 -23.40
C CYS D 555 13.28 12.47 -23.74
N SER D 556 14.11 12.96 -22.81
CA SER D 556 15.55 13.00 -22.99
C SER D 556 16.16 11.68 -22.53
N GLU D 557 17.49 11.68 -22.38
CA GLU D 557 18.28 10.55 -21.85
C GLU D 557 17.85 9.21 -22.45
N LEU D 558 18.13 9.07 -23.75
CA LEU D 558 17.93 7.80 -24.44
C LEU D 558 19.25 7.06 -24.52
N PRO D 559 19.45 5.96 -23.80
CA PRO D 559 20.68 5.17 -23.85
C PRO D 559 20.65 4.09 -24.94
N ARG D 570 10.37 0.38 -28.12
CA ARG D 570 9.21 -0.43 -28.50
C ARG D 570 8.49 0.19 -29.69
N SER D 571 8.35 -0.59 -30.77
CA SER D 571 7.67 -0.09 -31.96
C SER D 571 6.18 0.10 -31.71
N ASP D 572 5.58 -0.74 -30.87
CA ASP D 572 4.15 -0.64 -30.61
C ASP D 572 3.80 0.64 -29.87
N ASN D 573 4.72 1.15 -29.04
CA ASN D 573 4.45 2.38 -28.31
C ASN D 573 4.33 3.58 -29.25
N ILE D 574 5.07 3.57 -30.37
CA ILE D 574 4.94 4.66 -31.33
C ILE D 574 3.51 4.70 -31.89
N LYS D 575 2.96 3.53 -32.23
CA LYS D 575 1.58 3.49 -32.71
C LYS D 575 0.59 3.86 -31.60
N LYS D 576 0.86 3.42 -30.37
CA LYS D 576 -0.05 3.73 -29.26
C LYS D 576 -0.02 5.21 -28.89
N LEU D 577 1.04 5.94 -29.25
CA LEU D 577 1.15 7.35 -28.90
C LEU D 577 0.53 8.28 -29.94
N THR D 578 0.53 7.89 -31.22
CA THR D 578 0.04 8.74 -32.29
C THR D 578 -1.47 8.66 -32.48
N GLU D 579 -2.19 8.12 -31.49
CA GLU D 579 -3.64 8.00 -31.55
C GLU D 579 -4.30 9.13 -30.76
N PRO D 580 -5.51 9.55 -31.14
CA PRO D 580 -6.12 10.73 -30.50
C PRO D 580 -6.74 10.45 -29.14
N CYS D 581 -6.54 9.25 -28.57
CA CYS D 581 -7.04 8.94 -27.23
C CYS D 581 -6.05 7.98 -26.59
N VAL D 582 -5.24 8.50 -25.66
CA VAL D 582 -4.26 7.69 -24.97
C VAL D 582 -4.56 7.66 -23.48
N ASN D 594 -7.65 10.82 -21.90
CA ASN D 594 -6.55 11.73 -22.20
C ASN D 594 -6.49 12.02 -23.70
N ARG D 595 -6.43 13.29 -24.05
CA ARG D 595 -6.35 13.70 -25.45
C ARG D 595 -4.88 13.94 -25.82
N ASN D 596 -4.43 13.24 -26.86
CA ASN D 596 -3.04 13.32 -27.30
C ASN D 596 -2.91 14.44 -28.33
N HIS D 597 -2.95 15.67 -27.84
CA HIS D 597 -2.84 16.85 -28.67
C HIS D 597 -1.40 17.37 -28.76
N ALA D 598 -0.46 16.69 -28.15
CA ALA D 598 0.93 17.13 -28.09
C ALA D 598 1.78 16.40 -29.12
N THR D 599 2.88 17.02 -29.51
CA THR D 599 3.90 16.36 -30.31
C THR D 599 4.99 15.82 -29.40
N ILE D 600 5.51 14.66 -29.76
CA ILE D 600 6.49 13.94 -28.95
C ILE D 600 7.86 14.17 -29.58
N ILE D 601 8.81 14.67 -28.78
CA ILE D 601 10.18 14.86 -29.22
C ILE D 601 11.13 14.14 -28.27
N ILE D 602 12.11 13.45 -28.85
CA ILE D 602 13.02 12.58 -28.13
C ILE D 602 14.40 13.20 -28.19
N ASP D 603 15.00 13.44 -27.04
CA ASP D 603 16.34 14.01 -26.95
C ASP D 603 17.31 12.85 -26.72
N THR D 604 18.04 12.48 -27.76
CA THR D 604 18.98 11.37 -27.71
C THR D 604 20.36 11.84 -28.17
N ASN D 605 21.33 10.94 -28.09
CA ASN D 605 22.69 11.21 -28.53
C ASN D 605 23.22 10.22 -29.55
N TYR D 606 22.67 9.02 -29.63
CA TYR D 606 23.09 8.01 -30.61
C TYR D 606 21.92 7.66 -31.52
N LYS D 607 22.21 6.86 -32.53
CA LYS D 607 21.19 6.43 -33.46
C LYS D 607 20.27 5.40 -32.80
N PRO D 608 18.95 5.64 -32.74
CA PRO D 608 18.01 4.72 -32.11
C PRO D 608 17.68 3.51 -32.99
N LEU D 617 5.75 1.91 -38.99
CA LEU D 617 6.70 2.54 -38.09
C LEU D 617 7.59 3.52 -38.86
N MET D 618 8.06 3.09 -40.04
CA MET D 618 8.89 3.96 -40.87
C MET D 618 8.12 5.16 -41.40
N ARG D 619 6.78 5.10 -41.39
CA ARG D 619 5.94 6.20 -41.83
C ARG D 619 5.45 7.06 -40.67
N ARG D 620 6.09 6.95 -39.50
CA ARG D 620 5.67 7.72 -38.34
C ARG D 620 6.84 8.33 -37.58
N ILE D 621 8.05 8.32 -38.15
CA ILE D 621 9.25 8.77 -37.46
C ILE D 621 9.96 9.81 -38.32
N ALA D 622 10.29 10.95 -37.71
CA ALA D 622 11.05 12.01 -38.36
C ALA D 622 12.26 12.33 -37.50
N VAL D 623 13.39 12.63 -38.15
CA VAL D 623 14.64 12.92 -37.47
C VAL D 623 15.19 14.23 -37.99
N VAL D 624 15.60 15.11 -37.08
CA VAL D 624 16.29 16.35 -37.40
C VAL D 624 17.65 16.33 -36.73
N ARG D 625 18.69 16.64 -37.50
CA ARG D 625 20.07 16.50 -37.05
C ARG D 625 20.65 17.83 -36.63
N PHE D 626 21.51 17.80 -35.62
CA PHE D 626 22.22 18.97 -35.13
C PHE D 626 23.70 18.80 -35.45
N ARG D 627 24.28 19.78 -36.14
CA ARG D 627 25.68 19.72 -36.56
C ARG D 627 26.58 20.69 -35.81
N THR D 628 26.09 21.86 -35.46
CA THR D 628 26.93 22.87 -34.82
C THR D 628 27.36 22.40 -33.44
N HIS D 629 28.64 22.65 -33.11
CA HIS D 629 29.20 22.30 -31.81
C HIS D 629 29.67 23.57 -31.12
N PHE D 630 29.38 23.66 -29.82
CA PHE D 630 29.80 24.79 -28.99
C PHE D 630 30.88 24.32 -28.02
N SER D 631 31.98 25.05 -27.96
CA SER D 631 33.09 24.64 -27.13
C SER D 631 33.89 25.87 -26.69
N GLN D 632 34.62 25.69 -25.59
CA GLN D 632 35.52 26.71 -25.09
C GLN D 632 36.77 26.79 -25.96
N PRO D 633 37.51 27.90 -25.91
CA PRO D 633 38.73 28.00 -26.72
C PRO D 633 39.75 26.92 -26.43
N SER D 634 39.77 26.38 -25.20
CA SER D 634 40.73 25.33 -24.86
C SER D 634 40.51 24.08 -25.70
N GLY D 635 39.24 23.69 -25.89
CA GLY D 635 38.93 22.48 -26.63
C GLY D 635 38.47 22.73 -28.05
N ARG D 636 38.75 23.92 -28.58
CA ARG D 636 38.30 24.27 -29.93
C ARG D 636 38.94 23.36 -30.97
N GLU D 637 40.25 23.12 -30.85
CA GLU D 637 40.95 22.35 -31.87
C GLU D 637 40.51 20.88 -31.89
N ALA D 638 40.07 20.37 -30.74
CA ALA D 638 39.66 18.97 -30.66
C ALA D 638 38.38 18.67 -31.43
N ALA D 639 37.64 19.70 -31.87
CA ALA D 639 36.39 19.50 -32.57
C ALA D 639 36.45 19.86 -34.06
N GLU D 640 37.47 20.60 -34.49
CA GLU D 640 37.55 20.99 -35.90
C GLU D 640 37.73 19.78 -36.80
N ASN D 641 38.56 18.82 -36.41
CA ASN D 641 38.84 17.66 -37.24
C ASN D 641 37.77 16.59 -37.15
N ASN D 642 36.87 16.67 -36.17
CA ASN D 642 35.83 15.67 -36.02
C ASN D 642 34.78 15.80 -37.12
N ASP D 643 34.34 14.66 -37.65
CA ASP D 643 33.35 14.65 -38.71
C ASP D 643 31.92 14.81 -38.19
N ALA D 644 31.69 14.66 -36.90
CA ALA D 644 30.35 14.82 -36.35
C ALA D 644 29.88 16.26 -36.31
N TYR D 645 30.79 17.22 -36.53
CA TYR D 645 30.44 18.63 -36.54
C TYR D 645 30.89 19.26 -37.85
N ASP D 646 30.08 20.20 -38.34
CA ASP D 646 30.42 20.97 -39.53
C ASP D 646 30.95 22.36 -39.20
N LYS D 647 30.71 22.86 -38.00
CA LYS D 647 31.22 24.15 -37.58
C LYS D 647 31.29 24.18 -36.06
N VAL D 648 32.26 24.93 -35.53
CA VAL D 648 32.47 25.05 -34.10
C VAL D 648 32.45 26.53 -33.75
N LYS D 649 31.66 26.89 -32.74
CA LYS D 649 31.53 28.26 -32.29
C LYS D 649 31.83 28.34 -30.80
N LEU D 650 32.37 29.48 -30.37
CA LEU D 650 32.70 29.69 -28.96
C LEU D 650 31.45 29.59 -28.10
N LEU D 651 31.54 28.82 -27.02
CA LEU D 651 30.38 28.60 -26.16
C LEU D 651 30.03 29.88 -25.41
N ASP D 652 28.72 30.13 -25.27
CA ASP D 652 28.21 31.28 -24.56
C ASP D 652 27.90 30.84 -23.12
N GLU D 653 28.72 31.30 -22.17
CA GLU D 653 28.51 30.92 -20.78
C GLU D 653 27.29 31.61 -20.20
N GLY D 654 27.04 32.86 -20.57
CA GLY D 654 25.92 33.61 -20.02
C GLY D 654 24.59 33.40 -20.72
N LEU D 655 24.57 32.66 -21.83
CA LEU D 655 23.32 32.43 -22.54
C LEU D 655 22.34 31.63 -21.69
N ASP D 656 22.85 30.62 -20.98
CA ASP D 656 21.97 29.81 -20.14
C ASP D 656 21.33 30.63 -19.04
N GLY D 657 22.03 31.64 -18.52
CA GLY D 657 21.47 32.48 -17.47
C GLY D 657 20.25 33.26 -17.94
N LYS D 658 20.32 33.84 -19.13
CA LYS D 658 19.21 34.61 -19.67
C LYS D 658 18.25 33.73 -20.47
N ILE D 659 17.87 32.60 -19.88
CA ILE D 659 16.84 31.73 -20.43
C ILE D 659 15.80 31.50 -19.34
N GLN D 660 16.25 31.10 -18.15
CA GLN D 660 15.36 31.00 -17.00
C GLN D 660 14.80 32.35 -16.61
N ASN D 661 15.48 33.44 -16.96
CA ASN D 661 14.95 34.78 -16.79
C ASN D 661 13.84 35.05 -17.82
N ASN D 662 13.82 34.28 -18.91
CA ASN D 662 12.88 34.44 -20.02
C ASN D 662 13.10 35.76 -20.74
N ARG D 663 14.36 36.03 -21.09
CA ARG D 663 14.69 37.21 -21.88
C ARG D 663 14.24 37.04 -23.33
N TYR D 664 14.28 35.82 -23.85
CA TYR D 664 13.93 35.53 -25.23
C TYR D 664 12.61 34.77 -25.33
N ARG D 665 11.64 35.14 -24.49
CA ARG D 665 10.36 34.44 -24.47
C ARG D 665 9.46 34.90 -25.62
N PHE D 666 9.12 36.20 -25.63
CA PHE D 666 8.20 36.69 -26.66
C PHE D 666 8.85 36.73 -28.03
N ALA D 667 10.17 36.89 -28.09
CA ALA D 667 10.86 36.82 -29.37
C ALA D 667 10.68 35.44 -30.00
N PHE D 668 10.89 34.38 -29.22
CA PHE D 668 10.68 33.04 -29.74
C PHE D 668 9.21 32.76 -29.99
N LEU D 669 8.31 33.35 -29.21
CA LEU D 669 6.89 33.18 -29.48
C LEU D 669 6.50 33.79 -30.83
N TYR D 670 7.00 35.00 -31.11
CA TYR D 670 6.74 35.62 -32.41
C TYR D 670 7.37 34.84 -33.54
N LEU D 671 8.59 34.33 -33.32
CA LEU D 671 9.20 33.47 -34.32
C LEU D 671 8.36 32.24 -34.59
N LEU D 672 7.81 31.64 -33.52
CA LEU D 672 6.97 30.46 -33.69
C LEU D 672 5.67 30.78 -34.42
N VAL D 673 5.09 31.96 -34.15
CA VAL D 673 3.84 32.33 -34.83
C VAL D 673 4.09 32.57 -36.32
N LYS D 674 5.12 33.35 -36.64
CA LYS D 674 5.50 33.54 -38.05
C LYS D 674 5.87 32.21 -38.69
N TRP D 675 6.41 31.31 -37.90
CA TRP D 675 6.89 30.03 -38.39
C TRP D 675 5.72 29.10 -38.68
N TYR D 676 4.69 29.19 -37.85
CA TYR D 676 3.44 28.46 -38.05
C TYR D 676 2.70 28.97 -39.28
N LYS D 677 2.63 30.29 -39.45
CA LYS D 677 1.92 30.80 -40.63
C LYS D 677 2.83 30.74 -41.85
N LYS D 678 3.49 29.59 -42.03
CA LYS D 678 4.30 29.33 -43.21
C LYS D 678 4.14 27.93 -43.77
N TYR D 679 3.70 26.95 -42.97
CA TYR D 679 3.55 25.58 -43.43
C TYR D 679 2.25 24.92 -43.00
N HIS D 680 1.59 25.37 -41.93
CA HIS D 680 0.43 24.70 -41.39
C HIS D 680 -0.86 25.51 -41.54
N ILE D 681 -0.85 26.57 -42.35
CA ILE D 681 -2.04 27.40 -42.50
C ILE D 681 -3.20 26.63 -43.13
N PRO D 682 -3.03 25.94 -44.29
CA PRO D 682 -4.16 25.18 -44.83
C PRO D 682 -4.56 24.01 -43.95
N ILE D 683 -3.61 23.11 -43.70
CA ILE D 683 -3.82 21.97 -42.80
C ILE D 683 -2.51 21.74 -42.03
N MET D 684 -2.61 20.95 -40.97
CA MET D 684 -1.46 20.56 -40.17
C MET D 684 -1.17 19.09 -40.42
N LYS D 685 0.08 18.79 -40.76
CA LYS D 685 0.50 17.41 -40.99
C LYS D 685 2.01 17.33 -40.90
N LEU D 686 2.51 16.20 -40.41
CA LEU D 686 3.94 15.95 -40.29
C LEU D 686 4.31 14.77 -41.17
N TYR D 687 5.31 14.96 -42.03
CA TYR D 687 5.75 13.93 -42.96
C TYR D 687 7.00 13.25 -42.44
N PRO D 688 7.01 11.93 -42.32
CA PRO D 688 8.20 11.23 -41.87
C PRO D 688 9.32 11.30 -42.91
N THR D 689 10.55 11.21 -42.42
CA THR D 689 11.75 11.18 -43.26
C THR D 689 12.45 9.84 -43.04
N PRO D 690 12.28 8.90 -43.99
CA PRO D 690 12.90 7.58 -43.90
C PRO D 690 14.38 7.60 -44.33
N GLY E 323 -37.43 6.43 29.56
CA GLY E 323 -36.11 7.04 29.49
C GLY E 323 -35.87 7.78 28.19
N ASN E 324 -35.49 7.03 27.14
CA ASN E 324 -35.23 7.60 25.83
C ASN E 324 -36.00 6.79 24.79
N LYS E 325 -36.73 7.50 23.91
CA LYS E 325 -37.45 6.83 22.85
C LYS E 325 -36.48 6.15 21.87
N LEU E 326 -35.38 6.82 21.55
CA LEU E 326 -34.42 6.29 20.59
C LEU E 326 -33.66 5.08 21.14
N PHE E 327 -33.71 4.86 22.45
CA PHE E 327 -33.13 3.67 23.06
C PHE E 327 -34.15 2.57 23.26
N ASN E 328 -35.39 2.91 23.57
CA ASN E 328 -36.44 1.89 23.62
C ASN E 328 -36.66 1.28 22.24
N ILE E 329 -36.57 2.09 21.19
CA ILE E 329 -36.69 1.55 19.83
C ILE E 329 -35.55 0.57 19.55
N ALA E 330 -34.33 0.93 19.94
CA ALA E 330 -33.20 0.02 19.75
C ALA E 330 -33.36 -1.26 20.55
N GLN E 331 -33.86 -1.17 21.78
CA GLN E 331 -34.12 -2.37 22.58
C GLN E 331 -35.15 -3.27 21.90
N ARG E 332 -36.23 -2.67 21.39
CA ARG E 332 -37.24 -3.47 20.69
C ARG E 332 -36.66 -4.13 19.44
N ILE E 333 -35.85 -3.39 18.68
CA ILE E 333 -35.28 -3.96 17.46
C ILE E 333 -34.32 -5.09 17.78
N LEU E 334 -33.55 -4.95 18.86
CA LEU E 334 -32.67 -6.04 19.27
C LEU E 334 -33.42 -7.20 19.91
N ASP E 335 -34.65 -6.96 20.37
CA ASP E 335 -35.42 -8.04 20.99
C ASP E 335 -35.93 -9.04 19.95
N THR E 336 -36.09 -8.62 18.70
CA THR E 336 -36.54 -9.51 17.64
C THR E 336 -35.40 -10.30 17.00
N ASN E 337 -34.16 -10.06 17.42
CA ASN E 337 -33.00 -10.80 16.92
C ASN E 337 -32.87 -10.71 15.40
N SER E 338 -33.16 -9.53 14.85
CA SER E 338 -33.03 -9.31 13.42
C SER E 338 -31.64 -8.83 13.02
N VAL E 339 -30.81 -8.45 13.98
CA VAL E 339 -29.44 -8.00 13.73
C VAL E 339 -28.50 -8.80 14.61
N LEU E 340 -27.45 -9.36 14.01
CA LEU E 340 -26.46 -10.15 14.73
C LEU E 340 -25.06 -9.67 14.35
N LEU E 341 -24.12 -9.85 15.28
CA LEU E 341 -22.72 -9.54 15.06
C LEU E 341 -21.94 -10.84 14.97
N THR E 342 -21.13 -10.97 13.94
CA THR E 342 -20.44 -12.22 13.66
C THR E 342 -19.03 -12.20 14.24
N GLU E 343 -18.45 -13.40 14.39
CA GLU E 343 -17.06 -13.52 14.82
C GLU E 343 -16.09 -12.94 13.80
N ARG E 344 -16.50 -12.83 12.54
CA ARG E 344 -15.68 -12.26 11.49
C ARG E 344 -15.65 -10.74 11.50
N GLY E 345 -16.44 -10.11 12.38
CA GLY E 345 -16.50 -8.66 12.46
C GLY E 345 -17.52 -8.01 11.58
N ASP E 346 -18.51 -8.76 11.09
CA ASP E 346 -19.51 -8.25 10.16
C ASP E 346 -20.87 -8.24 10.83
N HIS E 347 -21.63 -7.16 10.64
CA HIS E 347 -22.98 -7.03 11.16
C HIS E 347 -23.95 -7.56 10.12
N ILE E 348 -24.44 -8.78 10.32
CA ILE E 348 -25.40 -9.37 9.39
C ILE E 348 -26.79 -8.83 9.69
N VAL E 349 -27.56 -8.65 8.62
CA VAL E 349 -28.88 -8.03 8.70
C VAL E 349 -29.91 -8.98 8.11
N TRP E 350 -31.13 -8.91 8.63
CA TRP E 350 -32.21 -9.82 8.24
C TRP E 350 -33.36 -9.00 7.65
N ILE E 351 -33.45 -8.98 6.33
CA ILE E 351 -34.54 -8.32 5.62
C ILE E 351 -34.92 -9.17 4.42
N ASN E 352 -36.20 -9.20 4.10
CA ASN E 352 -36.74 -9.97 2.97
C ASN E 352 -36.40 -11.46 3.10
N ASN E 353 -36.49 -11.97 4.32
CA ASN E 353 -36.32 -13.41 4.61
C ASN E 353 -34.98 -13.94 4.11
N SER E 354 -33.91 -13.16 4.33
CA SER E 354 -32.58 -13.58 3.91
C SER E 354 -31.55 -12.79 4.69
N TRP E 355 -30.64 -13.48 5.36
CA TRP E 355 -29.56 -12.84 6.11
C TRP E 355 -28.56 -12.25 5.13
N LYS E 356 -28.63 -10.95 4.90
CA LYS E 356 -27.70 -10.26 4.01
C LYS E 356 -26.79 -9.34 4.82
N PHE E 357 -25.61 -9.09 4.27
CA PHE E 357 -24.61 -8.25 4.91
C PHE E 357 -23.62 -7.76 3.87
N ASN E 358 -22.86 -6.73 4.24
CA ASN E 358 -21.82 -6.19 3.36
C ASN E 358 -20.86 -5.38 4.20
N SER E 359 -19.56 -5.64 4.06
CA SER E 359 -18.56 -4.94 4.86
C SER E 359 -18.01 -3.71 4.13
N GLU E 360 -18.91 -2.88 3.60
CA GLU E 360 -18.54 -1.53 3.19
C GLU E 360 -19.61 -0.49 3.51
N GLU E 361 -20.84 -0.91 3.85
CA GLU E 361 -21.94 0.00 4.11
C GLU E 361 -22.71 -0.52 5.30
N PRO E 362 -23.09 0.35 6.25
CA PRO E 362 -23.86 -0.08 7.44
C PRO E 362 -25.33 -0.34 7.12
N LEU E 363 -25.61 -1.56 6.66
CA LEU E 363 -26.96 -1.98 6.26
C LEU E 363 -27.98 -1.85 7.38
N ILE E 364 -27.54 -1.63 8.63
CA ILE E 364 -28.46 -1.60 9.76
C ILE E 364 -29.52 -0.52 9.56
N THR E 365 -29.10 0.61 8.99
CA THR E 365 -30.05 1.71 8.73
C THR E 365 -31.26 1.16 7.98
N LYS E 366 -31.02 0.33 6.96
CA LYS E 366 -32.13 -0.22 6.19
C LYS E 366 -33.08 -0.99 7.10
N LEU E 367 -32.55 -1.85 7.97
CA LEU E 367 -33.41 -2.66 8.82
C LEU E 367 -34.28 -1.79 9.72
N ILE E 368 -33.70 -0.72 10.29
CA ILE E 368 -34.48 0.17 11.14
C ILE E 368 -35.68 0.71 10.39
N LEU E 369 -35.53 0.97 9.10
CA LEU E 369 -36.68 1.36 8.28
C LEU E 369 -37.61 0.17 8.07
N SER E 370 -37.04 -0.98 7.69
CA SER E 370 -37.85 -2.13 7.31
C SER E 370 -38.70 -2.64 8.47
N ILE E 371 -38.12 -2.70 9.67
CA ILE E 371 -38.82 -3.28 10.83
C ILE E 371 -39.79 -2.23 11.35
N ARG E 372 -39.82 -1.06 10.68
CA ARG E 372 -40.65 0.04 11.14
C ARG E 372 -42.11 -0.38 11.30
N HIS E 373 -42.60 -1.28 10.45
CA HIS E 373 -43.96 -1.78 10.58
C HIS E 373 -44.04 -2.98 11.51
N GLN E 374 -43.39 -2.87 12.67
CA GLN E 374 -43.52 -3.85 13.74
C GLN E 374 -43.61 -3.22 15.12
N LEU E 375 -43.36 -1.92 15.25
CA LEU E 375 -43.31 -1.20 16.51
C LEU E 375 -44.57 -0.36 16.69
N PRO E 376 -44.85 0.09 17.92
CA PRO E 376 -46.01 0.96 18.14
C PRO E 376 -45.98 2.20 17.25
N LYS E 377 -47.15 2.83 17.13
CA LYS E 377 -47.30 3.95 16.20
C LYS E 377 -46.41 5.13 16.57
N GLU E 378 -46.29 5.44 17.87
CA GLU E 378 -45.44 6.55 18.29
C GLU E 378 -43.96 6.23 18.08
N TYR E 379 -43.59 4.96 18.01
CA TYR E 379 -42.20 4.58 17.74
C TYR E 379 -41.90 4.43 16.26
N SER E 380 -42.91 4.50 15.39
CA SER E 380 -42.73 4.27 13.97
C SER E 380 -42.53 5.55 13.18
N SER E 381 -43.24 6.63 13.53
CA SER E 381 -43.10 7.88 12.80
C SER E 381 -41.71 8.51 12.98
N GLU E 382 -41.02 8.21 14.07
CA GLU E 382 -39.69 8.76 14.30
C GLU E 382 -38.62 8.12 13.42
N LEU E 383 -38.95 7.06 12.69
CA LEU E 383 -37.99 6.40 11.82
C LEU E 383 -38.03 6.91 10.39
N LEU E 384 -38.93 7.85 10.07
CA LEU E 384 -38.89 8.57 8.81
C LEU E 384 -38.07 9.84 8.93
N CYS E 385 -36.87 9.71 9.49
CA CYS E 385 -36.00 10.85 9.74
C CYS E 385 -34.55 10.38 9.81
N PRO E 386 -33.76 10.59 8.75
CA PRO E 386 -32.41 10.00 8.74
C PRO E 386 -31.51 10.47 9.87
N ARG E 387 -31.79 11.63 10.48
CA ARG E 387 -30.98 12.09 11.60
C ARG E 387 -31.35 11.40 12.91
N LYS E 388 -32.50 10.71 12.97
CA LYS E 388 -32.86 9.90 14.12
C LYS E 388 -32.72 8.41 13.83
N ARG E 389 -32.10 8.04 12.70
CA ARG E 389 -31.84 6.66 12.37
C ARG E 389 -30.36 6.30 12.40
N LYS E 390 -29.48 7.30 12.44
CA LYS E 390 -28.09 7.06 12.80
C LYS E 390 -27.86 7.11 14.30
N THR E 391 -28.89 7.48 15.07
CA THR E 391 -28.87 7.39 16.53
C THR E 391 -29.34 6.01 17.00
N VAL E 392 -30.43 5.51 16.43
CA VAL E 392 -30.86 4.14 16.71
C VAL E 392 -29.75 3.16 16.30
N GLU E 393 -29.16 3.38 15.13
CA GLU E 393 -28.06 2.56 14.68
C GLU E 393 -26.87 2.67 15.62
N ALA E 394 -26.62 3.87 16.15
CA ALA E 394 -25.52 4.05 17.09
C ALA E 394 -25.74 3.27 18.38
N ASN E 395 -26.95 3.35 18.92
CA ASN E 395 -27.26 2.60 20.15
C ASN E 395 -27.22 1.10 19.91
N ILE E 396 -27.72 0.64 18.76
CA ILE E 396 -27.68 -0.78 18.44
C ILE E 396 -26.24 -1.26 18.29
N ARG E 397 -25.39 -0.44 17.67
CA ARG E 397 -24.03 -0.86 17.36
C ARG E 397 -23.23 -1.16 18.62
N ASP E 398 -23.38 -0.36 19.67
CA ASP E 398 -22.69 -0.59 20.93
C ASP E 398 -23.57 -1.30 21.95
N MET E 399 -24.51 -2.11 21.48
CA MET E 399 -25.27 -3.02 22.33
C MET E 399 -25.10 -4.47 21.89
N LEU E 400 -24.24 -4.76 20.93
CA LEU E 400 -23.98 -6.11 20.45
C LEU E 400 -22.56 -6.46 20.86
N VAL E 401 -22.42 -7.00 22.08
CA VAL E 401 -21.11 -7.32 22.64
C VAL E 401 -20.68 -8.76 22.38
N ASP E 402 -21.59 -9.63 21.95
CA ASP E 402 -21.33 -11.05 21.79
C ASP E 402 -21.45 -11.44 20.32
N SER E 403 -20.55 -12.31 19.87
CA SER E 403 -20.54 -12.78 18.51
C SER E 403 -21.35 -14.08 18.38
N VAL E 404 -21.74 -14.39 17.15
CA VAL E 404 -22.58 -15.55 16.85
C VAL E 404 -21.99 -16.29 15.67
N GLU E 405 -21.89 -17.61 15.78
CA GLU E 405 -21.41 -18.45 14.69
C GLU E 405 -22.45 -18.54 13.58
N THR E 406 -21.96 -18.59 12.34
CA THR E 406 -22.81 -18.61 11.16
C THR E 406 -22.55 -19.86 10.33
N ASP E 407 -23.60 -20.32 9.65
CA ASP E 407 -23.55 -21.50 8.78
C ASP E 407 -23.10 -22.73 9.57
N THR E 408 -23.90 -23.07 10.58
CA THR E 408 -23.64 -24.25 11.40
C THR E 408 -24.35 -25.48 10.89
N TYR E 409 -25.52 -25.30 10.28
CA TYR E 409 -26.27 -26.43 9.74
C TYR E 409 -25.78 -26.75 8.33
N PRO E 410 -25.31 -27.96 8.07
CA PRO E 410 -24.80 -28.27 6.73
C PRO E 410 -25.89 -28.70 5.76
N ASP E 411 -26.97 -29.27 6.26
CA ASP E 411 -28.02 -29.84 5.39
C ASP E 411 -29.15 -28.83 5.18
N LYS E 412 -28.79 -27.66 4.65
CA LYS E 412 -29.76 -26.63 4.31
C LYS E 412 -29.34 -25.96 3.01
N LEU E 413 -30.31 -25.51 2.24
CA LEU E 413 -30.06 -24.81 0.99
C LEU E 413 -30.76 -23.46 1.03
N PRO E 414 -30.04 -22.35 1.11
CA PRO E 414 -30.70 -21.05 1.28
C PRO E 414 -31.06 -20.38 -0.04
N PHE E 415 -32.32 -20.00 -0.20
CA PHE E 415 -32.78 -19.21 -1.33
C PHE E 415 -33.14 -17.81 -0.86
N LYS E 416 -33.22 -16.89 -1.84
CA LYS E 416 -33.48 -15.48 -1.53
C LYS E 416 -34.79 -15.25 -0.81
N ASN E 417 -35.61 -16.29 -0.61
CA ASN E 417 -36.87 -16.14 0.11
C ASN E 417 -37.08 -17.25 1.12
N GLY E 418 -36.01 -17.85 1.63
CA GLY E 418 -36.14 -18.81 2.70
C GLY E 418 -35.02 -19.82 2.70
N VAL E 419 -35.25 -20.92 3.39
CA VAL E 419 -34.30 -22.03 3.49
C VAL E 419 -35.03 -23.32 3.19
N LEU E 420 -34.49 -24.11 2.28
CA LEU E 420 -35.02 -25.42 1.92
C LEU E 420 -34.25 -26.49 2.67
N ASP E 421 -34.96 -27.30 3.46
CA ASP E 421 -34.35 -28.42 4.14
C ASP E 421 -34.15 -29.56 3.16
N LEU E 422 -32.98 -30.20 3.22
CA LEU E 422 -32.61 -31.23 2.26
C LEU E 422 -32.98 -32.63 2.70
N VAL E 423 -33.10 -32.88 4.01
CA VAL E 423 -33.38 -34.23 4.49
C VAL E 423 -34.78 -34.67 4.11
N ASP E 424 -35.74 -33.74 4.04
CA ASP E 424 -37.11 -34.09 3.70
C ASP E 424 -37.70 -33.26 2.58
N GLY E 425 -37.06 -32.16 2.19
CA GLY E 425 -37.54 -31.36 1.07
C GLY E 425 -38.56 -30.31 1.41
N MET E 426 -38.82 -30.05 2.69
CA MET E 426 -39.72 -28.98 3.07
C MET E 426 -39.05 -27.62 2.85
N PHE E 427 -39.89 -26.60 2.66
CA PHE E 427 -39.44 -25.23 2.44
C PHE E 427 -39.85 -24.37 3.63
N TYR E 428 -38.90 -23.63 4.19
CA TYR E 428 -39.12 -22.80 5.35
C TYR E 428 -38.94 -21.33 4.98
N SER E 429 -39.79 -20.48 5.57
CA SER E 429 -39.74 -19.06 5.32
C SER E 429 -40.06 -18.31 6.60
N GLY E 430 -39.58 -17.07 6.67
CA GLY E 430 -39.85 -16.26 7.85
C GLY E 430 -39.00 -16.68 9.03
N ASP E 431 -39.61 -16.68 10.22
CA ASP E 431 -38.90 -17.03 11.44
C ASP E 431 -38.31 -18.44 11.37
N ASP E 432 -39.00 -19.36 10.68
CA ASP E 432 -38.47 -20.71 10.53
C ASP E 432 -37.13 -20.71 9.80
N ALA E 433 -36.94 -19.78 8.85
CA ALA E 433 -35.68 -19.66 8.16
C ALA E 433 -34.65 -18.85 8.94
N LYS E 434 -35.06 -18.21 10.04
CA LYS E 434 -34.13 -17.38 10.80
C LYS E 434 -33.16 -18.19 11.63
N LYS E 435 -33.59 -19.35 12.14
CA LYS E 435 -32.74 -20.14 13.02
C LYS E 435 -31.45 -20.57 12.33
N TYR E 436 -31.55 -20.99 11.07
CA TYR E 436 -30.37 -21.38 10.30
C TYR E 436 -29.73 -20.13 9.73
N THR E 437 -28.70 -19.62 10.42
CA THR E 437 -28.03 -18.38 10.03
C THR E 437 -27.14 -18.68 8.81
N CYS E 438 -27.78 -18.70 7.64
CA CYS E 438 -27.10 -18.96 6.37
C CYS E 438 -26.82 -17.62 5.70
N THR E 439 -25.61 -17.11 5.87
CA THR E 439 -25.26 -15.81 5.32
C THR E 439 -25.12 -15.82 3.81
N VAL E 440 -24.79 -16.96 3.21
CA VAL E 440 -24.69 -17.11 1.77
C VAL E 440 -25.96 -17.73 1.25
N SER E 441 -26.39 -17.33 0.05
CA SER E 441 -27.65 -17.76 -0.52
C SER E 441 -27.47 -18.06 -2.00
N THR E 442 -28.46 -18.76 -2.57
CA THR E 442 -28.41 -19.12 -3.99
C THR E 442 -28.48 -17.90 -4.89
N GLY E 443 -29.18 -16.86 -4.46
CA GLY E 443 -29.30 -15.63 -5.22
C GLY E 443 -30.61 -15.45 -5.95
N PHE E 444 -31.49 -16.44 -5.95
CA PHE E 444 -32.78 -16.34 -6.62
C PHE E 444 -33.87 -16.89 -5.71
N LYS E 445 -35.11 -16.48 -5.99
CA LYS E 445 -36.26 -16.93 -5.22
C LYS E 445 -36.62 -18.36 -5.60
N PHE E 446 -37.32 -19.02 -4.69
CA PHE E 446 -37.74 -20.41 -4.86
C PHE E 446 -39.25 -20.42 -5.15
N ASP E 447 -39.60 -20.54 -6.42
CA ASP E 447 -41.00 -20.63 -6.81
C ASP E 447 -41.56 -21.99 -6.41
N ASP E 448 -42.71 -21.97 -5.73
CA ASP E 448 -43.25 -23.20 -5.18
C ASP E 448 -43.76 -24.13 -6.27
N THR E 449 -44.54 -23.62 -7.21
CA THR E 449 -45.21 -24.47 -8.20
C THR E 449 -44.32 -24.73 -9.42
N LYS E 450 -43.07 -25.10 -9.15
CA LYS E 450 -42.18 -25.65 -10.17
C LYS E 450 -41.35 -26.83 -9.69
N PHE E 451 -41.29 -27.08 -8.38
CA PHE E 451 -40.49 -28.15 -7.80
C PHE E 451 -41.26 -29.47 -7.83
N VAL E 452 -41.76 -29.85 -8.99
CA VAL E 452 -42.63 -31.01 -9.13
C VAL E 452 -41.92 -32.09 -9.92
N GLU E 453 -42.37 -33.34 -9.72
CA GLU E 453 -41.73 -34.48 -10.34
C GLU E 453 -42.04 -34.59 -11.82
N ASP E 454 -43.29 -34.36 -12.21
CA ASP E 454 -43.73 -34.55 -13.59
C ASP E 454 -43.96 -33.19 -14.25
N SER E 455 -43.26 -32.94 -15.35
CA SER E 455 -43.37 -31.71 -16.11
C SER E 455 -42.62 -31.86 -17.44
N PRO E 456 -43.07 -31.20 -18.51
CA PRO E 456 -42.35 -31.33 -19.79
C PRO E 456 -40.90 -30.88 -19.71
N GLU E 457 -40.62 -29.79 -18.97
CA GLU E 457 -39.23 -29.36 -18.82
C GLU E 457 -38.41 -30.40 -18.06
N MET E 458 -39.01 -31.02 -17.03
CA MET E 458 -38.35 -32.11 -16.34
C MET E 458 -38.11 -33.28 -17.29
N GLU E 459 -39.08 -33.56 -18.17
CA GLU E 459 -38.92 -34.66 -19.12
C GLU E 459 -37.74 -34.43 -20.06
N GLU E 460 -37.64 -33.22 -20.63
CA GLU E 460 -36.53 -32.95 -21.53
C GLU E 460 -35.20 -32.86 -20.78
N LEU E 461 -35.22 -32.37 -19.54
CA LEU E 461 -34.00 -32.39 -18.74
C LEU E 461 -33.53 -33.82 -18.49
N MET E 462 -34.47 -34.72 -18.17
CA MET E 462 -34.10 -36.12 -17.96
C MET E 462 -33.59 -36.75 -19.24
N ASN E 463 -34.19 -36.39 -20.38
CA ASN E 463 -33.69 -36.89 -21.66
C ASN E 463 -32.26 -36.41 -21.92
N ILE E 464 -31.99 -35.14 -21.62
CA ILE E 464 -30.63 -34.61 -21.79
C ILE E 464 -29.65 -35.34 -20.88
N ILE E 465 -30.04 -35.54 -19.62
CA ILE E 465 -29.15 -36.22 -18.67
C ILE E 465 -28.87 -37.64 -19.12
N ASN E 466 -29.90 -38.36 -19.58
CA ASN E 466 -29.71 -39.73 -20.05
C ASN E 466 -28.86 -39.76 -21.31
N ASP E 467 -28.96 -38.74 -22.17
CA ASP E 467 -28.10 -38.68 -23.35
C ASP E 467 -26.65 -38.43 -22.96
N ILE E 468 -26.42 -37.57 -21.96
CA ILE E 468 -25.06 -37.30 -21.51
C ILE E 468 -24.50 -38.52 -20.79
N GLN E 469 -25.28 -39.12 -19.90
CA GLN E 469 -24.85 -40.26 -19.09
C GLN E 469 -25.86 -41.38 -19.25
N PRO E 470 -25.64 -42.30 -20.19
CA PRO E 470 -26.59 -43.40 -20.38
C PRO E 470 -26.66 -44.32 -19.17
N LEU E 471 -27.83 -44.89 -18.95
CA LEU E 471 -28.07 -45.80 -17.83
C LEU E 471 -27.83 -47.25 -18.21
N THR E 472 -26.66 -47.54 -18.75
CA THR E 472 -26.31 -48.91 -19.13
C THR E 472 -25.63 -49.61 -17.95
N ASP E 473 -25.29 -50.89 -18.15
CA ASP E 473 -24.62 -51.65 -17.11
C ASP E 473 -23.12 -51.41 -17.07
N GLU E 474 -22.50 -51.15 -18.21
CA GLU E 474 -21.09 -50.79 -18.24
C GLU E 474 -20.84 -49.36 -17.78
N ASN E 475 -21.90 -48.57 -17.64
CA ASN E 475 -21.82 -47.18 -17.19
C ASN E 475 -22.76 -46.93 -16.01
N LYS E 476 -22.76 -47.85 -15.04
CA LYS E 476 -23.58 -47.70 -13.84
C LYS E 476 -22.80 -47.16 -12.65
N LYS E 477 -21.57 -47.65 -12.42
CA LYS E 477 -20.74 -47.07 -11.38
C LYS E 477 -20.36 -45.63 -11.72
N ASN E 478 -20.02 -45.38 -13.00
CA ASN E 478 -19.75 -44.02 -13.43
C ASN E 478 -20.97 -43.13 -13.26
N ARG E 479 -22.15 -43.63 -13.64
CA ARG E 479 -23.37 -42.84 -13.48
C ARG E 479 -23.68 -42.60 -12.01
N GLU E 480 -23.49 -43.61 -11.17
CA GLU E 480 -23.74 -43.45 -9.75
C GLU E 480 -22.80 -42.42 -9.14
N LEU E 481 -21.51 -42.46 -9.51
CA LEU E 481 -20.57 -41.49 -8.97
C LEU E 481 -20.84 -40.08 -9.48
N TYR E 482 -21.27 -39.97 -10.75
CA TYR E 482 -21.71 -38.70 -11.30
C TYR E 482 -22.88 -38.14 -10.49
N GLU E 483 -23.86 -39.00 -10.20
CA GLU E 483 -25.01 -38.61 -9.39
C GLU E 483 -24.58 -38.13 -8.01
N LYS E 484 -23.71 -38.90 -7.36
CA LYS E 484 -23.26 -38.56 -6.01
C LYS E 484 -22.50 -37.23 -5.99
N THR E 485 -21.58 -37.05 -6.95
CA THR E 485 -20.80 -35.83 -6.99
C THR E 485 -21.68 -34.62 -7.24
N LEU E 486 -22.62 -34.72 -8.18
CA LEU E 486 -23.50 -33.58 -8.43
C LEU E 486 -24.40 -33.30 -7.22
N SER E 487 -24.88 -34.35 -6.55
CA SER E 487 -25.74 -34.14 -5.40
C SER E 487 -24.99 -33.52 -4.23
N SER E 488 -23.68 -33.80 -4.12
CA SER E 488 -22.91 -33.28 -2.99
C SER E 488 -22.81 -31.76 -3.01
N CYS E 489 -23.03 -31.11 -4.15
CA CYS E 489 -22.93 -29.66 -4.22
C CYS E 489 -24.22 -29.00 -3.76
N LEU E 490 -24.73 -29.42 -2.60
CA LEU E 490 -25.93 -28.81 -2.03
C LEU E 490 -25.84 -28.59 -0.52
N CYS E 491 -24.89 -29.21 0.17
CA CYS E 491 -24.82 -29.14 1.62
C CYS E 491 -23.53 -28.47 2.06
N GLY E 492 -23.59 -27.76 3.19
CA GLY E 492 -22.55 -26.89 3.67
C GLY E 492 -21.47 -27.53 4.52
N ALA E 493 -21.34 -28.85 4.52
CA ALA E 493 -20.26 -29.50 5.23
C ALA E 493 -18.99 -29.40 4.39
N THR E 494 -17.92 -30.07 4.83
CA THR E 494 -16.64 -30.04 4.13
C THR E 494 -16.43 -31.38 3.44
N LYS E 495 -16.11 -31.33 2.15
CA LYS E 495 -15.87 -32.54 1.36
C LYS E 495 -14.37 -32.81 1.30
N GLY E 496 -13.98 -34.04 1.66
CA GLY E 496 -12.58 -34.39 1.71
C GLY E 496 -12.11 -35.23 0.54
N CYS E 497 -12.58 -34.91 -0.66
CA CYS E 497 -12.17 -35.65 -1.85
C CYS E 497 -12.31 -34.73 -3.07
N LEU E 498 -11.47 -34.96 -4.07
CA LEU E 498 -11.51 -34.20 -5.31
C LEU E 498 -12.01 -35.08 -6.45
N THR E 499 -12.71 -34.45 -7.39
CA THR E 499 -13.29 -35.16 -8.52
C THR E 499 -13.00 -34.44 -9.82
N PHE E 500 -12.85 -35.22 -10.88
CA PHE E 500 -12.56 -34.72 -12.21
C PHE E 500 -13.76 -34.94 -13.14
N PHE E 501 -13.74 -34.23 -14.26
CA PHE E 501 -14.71 -34.43 -15.33
C PHE E 501 -13.99 -34.86 -16.60
N PHE E 502 -13.09 -35.83 -16.48
CA PHE E 502 -12.27 -36.25 -17.60
C PHE E 502 -13.15 -36.70 -18.77
N GLY E 503 -13.00 -36.02 -19.90
CA GLY E 503 -13.77 -36.32 -21.09
C GLY E 503 -13.21 -35.60 -22.28
N GLU E 504 -13.69 -35.99 -23.46
CA GLU E 504 -13.23 -35.42 -24.71
C GLU E 504 -14.04 -34.18 -25.06
N THR E 505 -13.74 -33.58 -26.21
CA THR E 505 -14.42 -32.37 -26.62
C THR E 505 -15.87 -32.68 -27.03
N ALA E 506 -16.74 -31.69 -26.84
CA ALA E 506 -18.15 -31.78 -27.18
C ALA E 506 -18.79 -33.05 -26.61
N THR E 507 -18.77 -33.13 -25.28
CA THR E 507 -19.24 -34.33 -24.59
C THR E 507 -20.24 -34.05 -23.48
N GLY E 508 -20.42 -32.80 -23.06
CA GLY E 508 -21.41 -32.47 -22.06
C GLY E 508 -20.89 -31.88 -20.77
N LYS E 509 -19.57 -31.65 -20.65
CA LYS E 509 -19.02 -31.10 -19.42
C LYS E 509 -19.51 -29.67 -19.19
N SER E 510 -19.41 -28.82 -20.20
CA SER E 510 -19.83 -27.43 -20.04
C SER E 510 -21.34 -27.33 -19.86
N THR E 511 -22.10 -28.20 -20.53
CA THR E 511 -23.54 -28.20 -20.33
C THR E 511 -23.90 -28.59 -18.90
N THR E 512 -23.21 -29.58 -18.34
CA THR E 512 -23.44 -29.95 -16.95
C THR E 512 -23.06 -28.81 -16.01
N LYS E 513 -21.95 -28.14 -16.30
CA LYS E 513 -21.53 -27.01 -15.47
C LYS E 513 -22.56 -25.89 -15.50
N ARG E 514 -23.10 -25.58 -16.68
CA ARG E 514 -24.07 -24.51 -16.79
C ARG E 514 -25.41 -24.90 -16.18
N LEU E 515 -25.79 -26.17 -16.31
CA LEU E 515 -26.99 -26.66 -15.62
C LEU E 515 -26.84 -26.50 -14.12
N LEU E 516 -25.68 -26.89 -13.58
CA LEU E 516 -25.43 -26.75 -12.15
C LEU E 516 -25.46 -25.29 -11.73
N LYS E 517 -24.84 -24.41 -12.52
CA LYS E 517 -24.83 -22.99 -12.17
C LYS E 517 -26.22 -22.40 -12.17
N SER E 518 -27.06 -22.79 -13.14
CA SER E 518 -28.44 -22.35 -13.14
C SER E 518 -29.20 -22.93 -11.95
N ALA E 519 -28.86 -24.16 -11.54
CA ALA E 519 -29.59 -24.82 -10.46
C ALA E 519 -29.30 -24.16 -9.11
N ILE E 520 -28.03 -23.91 -8.81
CA ILE E 520 -27.64 -23.44 -7.48
C ILE E 520 -27.25 -21.96 -7.46
N GLY E 521 -26.85 -21.38 -8.59
CA GLY E 521 -26.61 -19.95 -8.65
C GLY E 521 -25.38 -19.47 -7.90
N ASP E 522 -25.59 -18.62 -6.88
CA ASP E 522 -24.49 -17.95 -6.21
C ASP E 522 -23.62 -18.91 -5.40
N LEU E 523 -24.14 -20.07 -5.00
CA LEU E 523 -23.31 -21.07 -4.34
C LEU E 523 -22.57 -21.88 -5.38
N PHE E 524 -21.91 -21.19 -6.31
CA PHE E 524 -21.20 -21.84 -7.41
C PHE E 524 -20.26 -20.80 -8.00
N VAL E 525 -18.96 -21.09 -7.98
CA VAL E 525 -17.98 -20.19 -8.56
C VAL E 525 -17.03 -20.98 -9.44
N GLU E 526 -16.41 -20.29 -10.38
CA GLU E 526 -15.39 -20.87 -11.25
C GLU E 526 -14.13 -20.01 -11.15
N THR E 527 -12.99 -20.67 -11.03
CA THR E 527 -11.70 -19.99 -10.90
C THR E 527 -10.73 -20.55 -11.94
N GLY E 528 -9.61 -19.85 -12.09
CA GLY E 528 -8.56 -20.33 -12.95
C GLY E 528 -7.78 -21.48 -12.31
N GLN E 529 -6.90 -22.07 -13.10
CA GLN E 529 -6.09 -23.18 -12.60
C GLN E 529 -4.98 -22.72 -11.66
N THR E 530 -4.98 -21.45 -11.25
CA THR E 530 -3.96 -20.98 -10.32
C THR E 530 -4.08 -21.67 -8.96
N ILE E 531 -5.30 -21.78 -8.43
CA ILE E 531 -5.48 -22.44 -7.14
C ILE E 531 -5.10 -23.91 -7.20
N LEU E 532 -5.03 -24.48 -8.41
CA LEU E 532 -4.63 -25.86 -8.58
C LEU E 532 -3.12 -26.02 -8.72
N THR E 533 -2.47 -25.12 -9.48
CA THR E 533 -1.01 -25.16 -9.68
C THR E 533 -0.43 -23.78 -9.36
N ASP E 534 -0.21 -23.54 -8.07
CA ASP E 534 0.46 -22.35 -7.54
C ASP E 534 0.54 -22.52 -6.03
N VAL E 535 1.25 -21.61 -5.38
CA VAL E 535 1.34 -21.58 -3.93
C VAL E 535 0.38 -20.51 -3.42
N LEU E 536 -0.58 -20.91 -2.60
CA LEU E 536 -1.62 -20.00 -2.13
C LEU E 536 -1.23 -19.33 -0.81
N ASP E 537 -0.02 -18.77 -0.76
CA ASP E 537 0.42 -18.05 0.42
C ASP E 537 1.12 -16.72 0.10
N LYS E 538 1.74 -16.56 -1.07
CA LYS E 538 2.52 -15.37 -1.37
C LYS E 538 1.59 -14.22 -1.75
N GLY E 539 1.67 -13.12 -1.00
CA GLY E 539 0.85 -11.97 -1.26
C GLY E 539 -0.62 -12.26 -1.09
N PRO E 540 -1.47 -11.56 -1.83
CA PRO E 540 -2.89 -11.84 -1.83
C PRO E 540 -3.39 -12.69 -2.99
N ASN E 541 -4.55 -13.30 -2.76
CA ASN E 541 -5.18 -14.19 -3.74
C ASN E 541 -6.69 -14.10 -3.56
N PRO E 542 -7.38 -13.33 -4.40
CA PRO E 542 -8.84 -13.23 -4.27
C PRO E 542 -9.57 -14.55 -4.53
N PHE E 543 -8.97 -15.45 -5.31
CA PHE E 543 -9.63 -16.72 -5.61
C PHE E 543 -9.91 -17.52 -4.35
N ILE E 544 -9.04 -17.43 -3.36
CA ILE E 544 -9.32 -18.02 -2.05
C ILE E 544 -10.23 -17.12 -1.23
N ALA E 545 -10.09 -15.81 -1.36
CA ALA E 545 -10.91 -14.89 -0.57
C ALA E 545 -12.39 -15.01 -0.94
N ASN E 546 -12.70 -15.13 -2.24
CA ASN E 546 -14.09 -15.25 -2.65
C ASN E 546 -14.66 -16.64 -2.38
N MET E 547 -13.84 -17.68 -2.48
CA MET E 547 -14.28 -19.05 -2.18
C MET E 547 -14.37 -19.19 -0.66
N HIS E 548 -15.47 -18.67 -0.13
CA HIS E 548 -15.75 -18.71 1.31
C HIS E 548 -17.22 -19.04 1.48
N LEU E 549 -17.50 -20.23 2.00
CA LEU E 549 -18.83 -20.81 2.13
C LEU E 549 -19.45 -21.18 0.79
N LYS E 550 -18.69 -21.12 -0.30
CA LYS E 550 -19.20 -21.53 -1.60
C LYS E 550 -19.36 -23.05 -1.61
N ARG E 551 -20.51 -23.51 -2.08
CA ARG E 551 -20.83 -24.93 -2.04
C ARG E 551 -20.45 -25.67 -3.33
N SER E 552 -19.87 -24.98 -4.32
CA SER E 552 -19.42 -25.65 -5.53
C SER E 552 -18.40 -24.77 -6.23
N VAL E 553 -17.27 -25.38 -6.61
CA VAL E 553 -16.18 -24.69 -7.28
C VAL E 553 -15.81 -25.49 -8.52
N PHE E 554 -15.68 -24.80 -9.65
CA PHE E 554 -15.28 -25.41 -10.91
C PHE E 554 -13.95 -24.81 -11.36
N CYS E 555 -13.13 -25.65 -11.99
CA CYS E 555 -11.83 -25.21 -12.50
C CYS E 555 -11.64 -25.80 -13.90
N SER E 556 -12.01 -25.02 -14.92
CA SER E 556 -11.84 -25.41 -16.30
C SER E 556 -10.44 -24.98 -16.77
N GLU E 557 -10.22 -24.97 -18.08
CA GLU E 557 -8.99 -24.52 -18.73
C GLU E 557 -7.75 -25.16 -18.10
N LEU E 558 -7.70 -26.49 -18.20
CA LEU E 558 -6.54 -27.24 -17.73
C LEU E 558 -5.62 -27.52 -18.93
N PRO E 559 -4.47 -26.86 -19.02
CA PRO E 559 -3.59 -27.09 -20.18
C PRO E 559 -2.95 -28.47 -20.14
N ASP E 560 -2.66 -28.99 -21.33
CA ASP E 560 -1.97 -30.26 -21.43
C ASP E 560 -0.54 -30.12 -20.91
N PHE E 561 -0.10 -31.10 -20.13
CA PHE E 561 1.19 -31.05 -19.47
C PHE E 561 2.29 -31.80 -20.22
N ALA E 562 2.01 -32.28 -21.43
CA ALA E 562 3.04 -32.97 -22.20
C ALA E 562 4.12 -32.01 -22.67
N CYS E 563 3.74 -30.79 -23.04
CA CYS E 563 4.69 -29.82 -23.55
C CYS E 563 5.50 -29.19 -22.41
N SER E 564 6.63 -28.58 -22.78
CA SER E 564 7.49 -27.94 -21.80
C SER E 564 6.83 -26.66 -21.27
N GLY E 565 7.35 -26.19 -20.13
CA GLY E 565 6.83 -25.01 -19.48
C GLY E 565 5.57 -25.23 -18.68
N SER E 566 4.86 -26.33 -18.89
CA SER E 566 3.64 -26.63 -18.15
C SER E 566 4.01 -27.25 -16.81
N LYS E 567 3.56 -26.63 -15.72
CA LYS E 567 3.84 -27.12 -14.38
C LYS E 567 2.80 -28.15 -13.98
N LYS E 568 3.26 -29.19 -13.29
CA LYS E 568 2.39 -30.30 -12.92
C LYS E 568 1.45 -29.87 -11.79
N ILE E 569 0.48 -30.73 -11.50
CA ILE E 569 -0.50 -30.46 -10.45
C ILE E 569 0.20 -30.61 -9.10
N ARG E 570 0.11 -29.58 -8.28
CA ARG E 570 0.75 -29.59 -6.97
C ARG E 570 -0.08 -30.42 -6.00
N SER E 571 0.50 -31.49 -5.48
CA SER E 571 -0.20 -32.36 -4.54
C SER E 571 -0.58 -31.63 -3.27
N ASP E 572 0.30 -30.75 -2.79
CA ASP E 572 0.03 -30.01 -1.56
C ASP E 572 -1.17 -29.08 -1.73
N ASN E 573 -1.40 -28.59 -2.95
CA ASN E 573 -2.62 -27.83 -3.20
C ASN E 573 -3.86 -28.69 -3.00
N ILE E 574 -3.80 -29.94 -3.47
CA ILE E 574 -4.90 -30.88 -3.21
C ILE E 574 -5.07 -31.08 -1.72
N LYS E 575 -3.96 -31.18 -0.99
CA LYS E 575 -4.05 -31.37 0.46
C LYS E 575 -4.70 -30.18 1.14
N LYS E 576 -4.42 -28.96 0.67
CA LYS E 576 -5.19 -27.81 1.15
C LYS E 576 -6.67 -27.93 0.81
N LEU E 577 -6.99 -28.29 -0.43
CA LEU E 577 -8.35 -28.13 -0.93
C LEU E 577 -9.34 -29.10 -0.27
N THR E 578 -8.86 -30.09 0.49
CA THR E 578 -9.73 -31.00 1.21
C THR E 578 -9.65 -30.79 2.72
N GLU E 579 -9.39 -29.55 3.15
CA GLU E 579 -9.32 -29.24 4.57
C GLU E 579 -10.53 -28.42 4.99
N PRO E 580 -10.96 -28.55 6.26
CA PRO E 580 -12.11 -27.76 6.73
C PRO E 580 -11.91 -26.26 6.57
N CYS E 581 -10.68 -25.77 6.70
CA CYS E 581 -10.40 -24.34 6.65
C CYS E 581 -9.16 -24.10 5.82
N VAL E 582 -9.30 -23.32 4.75
CA VAL E 582 -8.18 -22.97 3.89
C VAL E 582 -7.56 -21.67 4.39
N ILE E 583 -6.26 -21.55 4.21
CA ILE E 583 -5.48 -20.42 4.73
C ILE E 583 -4.97 -19.61 3.53
N GLY E 584 -5.26 -18.32 3.54
CA GLY E 584 -4.83 -17.44 2.47
C GLY E 584 -5.80 -16.30 2.20
N LYS E 591 -8.37 -11.58 7.98
CA LYS E 591 -9.01 -12.88 8.05
C LYS E 591 -8.42 -13.83 7.01
N ILE E 592 -7.38 -14.58 7.42
CA ILE E 592 -6.73 -15.52 6.50
C ILE E 592 -7.40 -16.89 6.51
N ASN E 593 -8.43 -17.09 7.31
CA ASN E 593 -9.09 -18.38 7.43
C ASN E 593 -10.42 -18.33 6.68
N ASN E 594 -10.61 -19.24 5.73
CA ASN E 594 -11.84 -19.31 4.95
C ASN E 594 -12.41 -20.72 5.05
N ARG E 595 -13.69 -20.82 5.39
CA ARG E 595 -14.32 -22.11 5.54
C ARG E 595 -14.54 -22.75 4.17
N ASN E 596 -14.18 -24.03 4.06
CA ASN E 596 -14.17 -24.74 2.78
C ASN E 596 -15.37 -25.68 2.72
N HIS E 597 -16.49 -25.18 2.22
CA HIS E 597 -17.66 -25.99 1.94
C HIS E 597 -17.69 -26.48 0.50
N ALA E 598 -16.66 -26.20 -0.28
CA ALA E 598 -16.73 -26.34 -1.73
C ALA E 598 -16.51 -27.77 -2.17
N THR E 599 -17.40 -28.26 -3.04
CA THR E 599 -17.12 -29.42 -3.86
C THR E 599 -16.31 -28.94 -5.06
N ILE E 600 -15.06 -29.36 -5.15
CA ILE E 600 -14.13 -28.86 -6.16
C ILE E 600 -14.16 -29.84 -7.34
N ILE E 601 -14.48 -29.34 -8.52
CA ILE E 601 -14.59 -30.15 -9.73
C ILE E 601 -13.67 -29.55 -10.78
N ILE E 602 -12.80 -30.38 -11.35
CA ILE E 602 -11.79 -29.94 -12.32
C ILE E 602 -12.27 -30.40 -13.69
N ASP E 603 -12.85 -29.48 -14.47
CA ASP E 603 -13.28 -29.78 -15.82
C ASP E 603 -12.05 -29.81 -16.71
N THR E 604 -11.60 -31.01 -17.07
CA THR E 604 -10.37 -31.20 -17.82
C THR E 604 -10.67 -31.86 -19.16
N ASN E 605 -9.61 -32.05 -19.96
CA ASN E 605 -9.71 -32.71 -21.25
C ASN E 605 -8.66 -33.80 -21.45
N TYR E 606 -7.56 -33.79 -20.71
CA TYR E 606 -6.52 -34.78 -20.83
C TYR E 606 -6.27 -35.41 -19.46
N LYS E 607 -5.46 -36.46 -19.46
CA LYS E 607 -5.14 -37.15 -18.20
C LYS E 607 -4.21 -36.27 -17.37
N PRO E 608 -4.57 -35.94 -16.13
CA PRO E 608 -3.72 -35.06 -15.32
C PRO E 608 -2.50 -35.79 -14.80
N VAL E 609 -1.47 -35.00 -14.47
CA VAL E 609 -0.24 -35.51 -13.90
C VAL E 609 0.08 -34.72 -12.64
N PHE E 610 0.82 -35.35 -11.73
CA PHE E 610 1.14 -34.77 -10.44
C PHE E 610 2.65 -34.81 -10.23
N ASP E 611 3.14 -33.88 -9.40
CA ASP E 611 4.57 -33.80 -9.14
C ASP E 611 5.08 -35.07 -8.45
N ARG E 612 4.35 -35.54 -7.45
CA ARG E 612 4.70 -36.78 -6.77
C ARG E 612 3.43 -37.53 -6.42
N ILE E 613 3.55 -38.85 -6.31
CA ILE E 613 2.42 -39.74 -6.09
C ILE E 613 2.63 -40.47 -4.78
N ASP E 614 1.62 -40.44 -3.92
CA ASP E 614 1.68 -41.12 -2.64
C ASP E 614 0.27 -41.53 -2.22
N ASN E 615 0.20 -42.46 -1.27
CA ASN E 615 -1.10 -42.93 -0.79
C ASN E 615 -1.90 -41.82 -0.12
N ALA E 616 -1.25 -40.72 0.27
CA ALA E 616 -1.98 -39.57 0.77
C ALA E 616 -2.72 -38.83 -0.33
N LEU E 617 -2.38 -39.11 -1.60
CA LEU E 617 -3.07 -38.53 -2.75
C LEU E 617 -4.16 -39.45 -3.30
N MET E 618 -3.92 -40.76 -3.31
CA MET E 618 -4.87 -41.70 -3.89
C MET E 618 -6.17 -41.80 -3.10
N ARG E 619 -6.22 -41.26 -1.88
CA ARG E 619 -7.44 -41.22 -1.10
C ARG E 619 -8.12 -39.86 -1.16
N ARG E 620 -7.81 -39.05 -2.17
CA ARG E 620 -8.45 -37.76 -2.34
C ARG E 620 -8.85 -37.47 -3.78
N ILE E 621 -8.66 -38.42 -4.70
CA ILE E 621 -8.90 -38.19 -6.12
C ILE E 621 -9.95 -39.17 -6.61
N ALA E 622 -11.01 -38.63 -7.22
CA ALA E 622 -12.03 -39.41 -7.89
C ALA E 622 -12.22 -38.88 -9.29
N VAL E 623 -12.72 -39.72 -10.19
CA VAL E 623 -12.89 -39.34 -11.58
C VAL E 623 -14.16 -39.98 -12.13
N VAL E 624 -14.81 -39.25 -13.03
CA VAL E 624 -15.94 -39.75 -13.81
C VAL E 624 -15.61 -39.59 -15.28
N ARG E 625 -16.17 -40.46 -16.11
CA ARG E 625 -15.86 -40.51 -17.52
C ARG E 625 -17.07 -40.12 -18.35
N PHE E 626 -16.83 -39.39 -19.43
CA PHE E 626 -17.86 -38.96 -20.36
C PHE E 626 -17.64 -39.65 -21.70
N ARG E 627 -18.71 -40.18 -22.28
CA ARG E 627 -18.58 -41.02 -23.46
C ARG E 627 -19.38 -40.55 -24.66
N THR E 628 -20.58 -39.99 -24.45
CA THR E 628 -21.44 -39.62 -25.56
C THR E 628 -21.08 -38.23 -26.06
N HIS E 629 -20.78 -38.14 -27.37
CA HIS E 629 -20.33 -36.91 -27.99
C HIS E 629 -21.41 -36.38 -28.91
N PHE E 630 -21.60 -35.07 -28.88
CA PHE E 630 -22.65 -34.39 -29.64
C PHE E 630 -22.03 -33.65 -30.82
N SER E 631 -22.59 -33.83 -32.01
CA SER E 631 -22.01 -33.26 -33.21
C SER E 631 -23.11 -33.05 -34.26
N GLN E 632 -22.77 -32.25 -35.26
CA GLN E 632 -23.62 -32.04 -36.42
C GLN E 632 -23.52 -33.23 -37.36
N PRO E 633 -24.51 -33.42 -38.24
CA PRO E 633 -24.44 -34.54 -39.19
C PRO E 633 -23.25 -34.50 -40.12
N SER E 634 -22.68 -33.32 -40.38
CA SER E 634 -21.51 -33.23 -41.26
C SER E 634 -20.33 -33.97 -40.67
N GLY E 635 -20.09 -33.81 -39.36
CA GLY E 635 -19.03 -34.49 -38.66
C GLY E 635 -19.43 -35.76 -37.96
N ARG E 636 -20.63 -36.29 -38.23
CA ARG E 636 -21.09 -37.50 -37.54
C ARG E 636 -20.23 -38.71 -37.89
N GLU E 637 -19.82 -38.82 -39.16
CA GLU E 637 -19.06 -39.99 -39.58
C GLU E 637 -17.63 -39.94 -39.09
N ALA E 638 -17.14 -38.77 -38.69
CA ALA E 638 -15.78 -38.64 -38.22
C ALA E 638 -15.60 -39.10 -36.77
N ALA E 639 -16.69 -39.32 -36.03
CA ALA E 639 -16.61 -39.67 -34.62
C ALA E 639 -17.05 -41.10 -34.32
N GLU E 640 -17.65 -41.80 -35.28
CA GLU E 640 -18.13 -43.15 -35.02
C GLU E 640 -16.98 -44.13 -34.84
N ASN E 641 -15.82 -43.84 -35.44
CA ASN E 641 -14.67 -44.73 -35.39
C ASN E 641 -13.73 -44.42 -34.24
N ASN E 642 -14.02 -43.41 -33.43
CA ASN E 642 -13.15 -43.07 -32.31
C ASN E 642 -13.26 -44.11 -31.21
N ASP E 643 -12.12 -44.59 -30.73
CA ASP E 643 -12.10 -45.58 -29.66
C ASP E 643 -12.43 -44.97 -28.30
N ALA E 644 -12.18 -43.67 -28.12
CA ALA E 644 -12.55 -42.98 -26.89
C ALA E 644 -14.02 -42.58 -26.86
N TYR E 645 -14.74 -42.81 -27.95
CA TYR E 645 -16.15 -42.45 -28.07
C TYR E 645 -17.00 -43.72 -28.04
N ASP E 646 -18.14 -43.65 -27.36
CA ASP E 646 -19.07 -44.77 -27.30
C ASP E 646 -20.43 -44.47 -27.91
N LYS E 647 -20.73 -43.22 -28.20
CA LYS E 647 -22.01 -42.84 -28.80
C LYS E 647 -21.90 -41.43 -29.37
N VAL E 648 -22.50 -41.21 -30.52
CA VAL E 648 -22.49 -39.91 -31.18
C VAL E 648 -23.95 -39.51 -31.38
N LYS E 649 -24.42 -38.55 -30.57
CA LYS E 649 -25.79 -38.05 -30.68
C LYS E 649 -25.80 -36.83 -31.61
N LEU E 650 -26.94 -36.16 -31.69
CA LEU E 650 -27.12 -35.01 -32.56
C LEU E 650 -27.10 -33.73 -31.73
N LEU E 651 -26.25 -32.79 -32.12
CA LEU E 651 -26.11 -31.53 -31.39
C LEU E 651 -27.38 -30.70 -31.52
N ASP E 652 -27.79 -30.10 -30.40
CA ASP E 652 -28.97 -29.24 -30.36
C ASP E 652 -28.51 -27.79 -30.36
N GLU E 653 -28.91 -27.04 -31.39
CA GLU E 653 -28.42 -25.67 -31.55
C GLU E 653 -29.02 -24.73 -30.51
N GLY E 654 -30.30 -24.93 -30.17
CA GLY E 654 -30.97 -24.05 -29.24
C GLY E 654 -30.89 -24.45 -27.79
N LEU E 655 -30.19 -25.55 -27.47
CA LEU E 655 -30.14 -26.01 -26.08
C LEU E 655 -29.35 -25.05 -25.21
N ASP E 656 -28.20 -24.58 -25.70
CA ASP E 656 -27.41 -23.62 -24.93
C ASP E 656 -28.18 -22.33 -24.69
N GLY E 657 -29.06 -21.96 -25.62
CA GLY E 657 -29.88 -20.78 -25.41
C GLY E 657 -30.85 -20.95 -24.25
N LYS E 658 -31.48 -22.11 -24.15
CA LYS E 658 -32.41 -22.37 -23.05
C LYS E 658 -31.68 -22.96 -21.83
N ILE E 659 -30.58 -22.31 -21.46
CA ILE E 659 -29.87 -22.62 -20.22
C ILE E 659 -29.68 -21.33 -19.45
N GLN E 660 -29.13 -20.32 -20.12
CA GLN E 660 -28.90 -19.02 -19.50
C GLN E 660 -30.19 -18.30 -19.13
N ASN E 661 -31.32 -18.72 -19.67
CA ASN E 661 -32.62 -18.24 -19.22
C ASN E 661 -33.19 -19.09 -18.09
N ASN E 662 -32.41 -20.04 -17.58
CA ASN E 662 -32.80 -20.90 -16.45
C ASN E 662 -34.08 -21.67 -16.76
N ARG E 663 -34.14 -22.25 -17.97
CA ARG E 663 -35.30 -23.04 -18.35
C ARG E 663 -35.36 -24.35 -17.57
N TYR E 664 -34.22 -24.98 -17.32
CA TYR E 664 -34.13 -26.27 -16.64
C TYR E 664 -33.56 -26.13 -15.24
N ARG E 665 -33.96 -25.08 -14.52
CA ARG E 665 -33.37 -24.79 -13.22
C ARG E 665 -34.00 -25.64 -12.12
N PHE E 666 -35.31 -25.50 -11.90
CA PHE E 666 -35.94 -26.17 -10.76
C PHE E 666 -36.08 -27.66 -10.99
N ALA E 667 -36.18 -28.11 -12.25
CA ALA E 667 -36.15 -29.55 -12.51
C ALA E 667 -34.81 -30.16 -12.10
N PHE E 668 -33.72 -29.47 -12.44
CA PHE E 668 -32.40 -29.95 -12.01
C PHE E 668 -32.26 -29.89 -10.50
N LEU E 669 -32.83 -28.86 -9.87
CA LEU E 669 -32.81 -28.79 -8.42
C LEU E 669 -33.55 -29.97 -7.79
N TYR E 670 -34.71 -30.32 -8.36
CA TYR E 670 -35.46 -31.47 -7.87
C TYR E 670 -34.65 -32.75 -8.04
N LEU E 671 -34.01 -32.92 -9.19
CA LEU E 671 -33.21 -34.11 -9.41
C LEU E 671 -32.05 -34.19 -8.42
N LEU E 672 -31.40 -33.04 -8.17
CA LEU E 672 -30.28 -33.01 -7.22
C LEU E 672 -30.74 -33.35 -5.81
N VAL E 673 -31.90 -32.82 -5.39
CA VAL E 673 -32.40 -33.12 -4.06
C VAL E 673 -32.80 -34.59 -3.95
N LYS E 674 -33.41 -35.13 -5.00
CA LYS E 674 -33.79 -36.54 -5.01
C LYS E 674 -32.56 -37.43 -4.91
N TRP E 675 -31.48 -37.07 -5.60
CA TRP E 675 -30.25 -37.84 -5.49
C TRP E 675 -29.60 -37.65 -4.13
N TYR E 676 -29.70 -36.45 -3.55
CA TYR E 676 -29.16 -36.22 -2.22
C TYR E 676 -29.83 -37.10 -1.19
N LYS E 677 -31.16 -37.23 -1.27
CA LYS E 677 -31.83 -38.17 -0.39
C LYS E 677 -31.77 -39.58 -0.96
N LYS E 678 -30.59 -39.98 -1.44
CA LYS E 678 -30.34 -41.36 -1.82
C LYS E 678 -28.98 -41.88 -1.34
N TYR E 679 -28.01 -41.02 -1.07
CA TYR E 679 -26.69 -41.45 -0.61
C TYR E 679 -26.17 -40.69 0.59
N HIS E 680 -26.70 -39.50 0.90
CA HIS E 680 -26.12 -38.63 1.92
C HIS E 680 -27.07 -38.34 3.07
N ILE E 681 -28.07 -39.20 3.29
CA ILE E 681 -29.03 -38.96 4.36
C ILE E 681 -28.39 -39.29 5.71
N PRO E 682 -27.82 -40.51 5.93
CA PRO E 682 -27.17 -40.75 7.22
C PRO E 682 -25.91 -39.92 7.41
N ILE E 683 -24.96 -40.03 6.49
CA ILE E 683 -23.67 -39.36 6.56
C ILE E 683 -23.26 -38.91 5.17
N MET E 684 -22.67 -37.72 5.10
CA MET E 684 -22.11 -37.18 3.88
C MET E 684 -20.64 -37.58 3.79
N LYS E 685 -20.27 -38.27 2.72
CA LYS E 685 -18.88 -38.63 2.50
C LYS E 685 -18.66 -38.89 1.02
N LEU E 686 -17.49 -38.50 0.52
CA LEU E 686 -17.10 -38.73 -0.87
C LEU E 686 -15.93 -39.71 -0.88
N TYR E 687 -16.08 -40.80 -1.62
CA TYR E 687 -15.00 -41.78 -1.57
C TYR E 687 -14.12 -41.67 -2.81
N PRO E 688 -12.82 -41.89 -2.65
CA PRO E 688 -11.91 -41.82 -3.80
C PRO E 688 -12.07 -43.01 -4.73
N THR E 689 -11.67 -42.80 -5.98
CA THR E 689 -11.65 -43.84 -7.01
C THR E 689 -10.26 -43.86 -7.64
N PRO E 690 -9.27 -44.42 -6.95
CA PRO E 690 -7.89 -44.36 -7.47
C PRO E 690 -7.61 -45.33 -8.61
N GLU E 691 -8.42 -46.38 -8.78
CA GLU E 691 -8.12 -47.41 -9.77
C GLU E 691 -8.31 -46.96 -11.21
N GLU E 692 -8.90 -45.78 -11.43
CA GLU E 692 -9.22 -45.32 -12.77
C GLU E 692 -8.12 -44.45 -13.38
N ILE E 693 -6.99 -44.29 -12.71
CA ILE E 693 -5.90 -43.44 -13.18
C ILE E 693 -4.69 -44.33 -13.46
N PRO E 694 -4.01 -44.16 -14.62
CA PRO E 694 -2.91 -45.06 -14.97
C PRO E 694 -1.78 -45.10 -13.95
N ASP E 695 -1.21 -43.95 -13.61
CA ASP E 695 -0.11 -43.95 -12.64
C ASP E 695 -0.58 -44.37 -11.26
N PHE E 696 -1.81 -43.99 -10.89
CA PHE E 696 -2.37 -44.48 -9.64
C PHE E 696 -2.50 -46.00 -9.64
N ALA E 697 -2.96 -46.56 -10.76
CA ALA E 697 -3.05 -48.02 -10.87
C ALA E 697 -1.68 -48.67 -10.78
N PHE E 698 -0.66 -48.02 -11.37
CA PHE E 698 0.71 -48.52 -11.23
C PHE E 698 1.15 -48.52 -9.77
N TYR E 699 0.80 -47.46 -9.03
CA TYR E 699 1.17 -47.39 -7.63
C TYR E 699 0.47 -48.46 -6.81
N LEU E 700 -0.79 -48.76 -7.15
CA LEU E 700 -1.53 -49.82 -6.46
C LEU E 700 -0.90 -51.18 -6.74
N GLY F 323 -20.12 46.02 6.53
CA GLY F 323 -20.65 44.95 5.72
C GLY F 323 -20.37 43.57 6.28
N ASN F 324 -19.09 43.22 6.36
CA ASN F 324 -18.67 41.93 6.92
C ASN F 324 -17.27 42.11 7.48
N LYS F 325 -17.17 42.10 8.81
CA LYS F 325 -15.89 42.36 9.47
C LYS F 325 -14.89 41.25 9.21
N LEU F 326 -15.36 39.99 9.20
CA LEU F 326 -14.47 38.87 8.93
C LEU F 326 -13.93 38.87 7.51
N PHE F 327 -14.53 39.67 6.62
CA PHE F 327 -14.02 39.82 5.26
C PHE F 327 -13.10 41.02 5.13
N ASN F 328 -13.40 42.11 5.84
CA ASN F 328 -12.48 43.24 5.85
C ASN F 328 -11.17 42.89 6.53
N ILE F 329 -11.20 42.00 7.52
CA ILE F 329 -9.96 41.52 8.13
C ILE F 329 -9.12 40.79 7.09
N ALA F 330 -9.75 39.92 6.30
CA ALA F 330 -9.03 39.23 5.24
C ALA F 330 -8.50 40.19 4.19
N GLN F 331 -9.27 41.23 3.88
CA GLN F 331 -8.80 42.25 2.94
C GLN F 331 -7.55 42.95 3.47
N ARG F 332 -7.55 43.34 4.75
CA ARG F 332 -6.39 43.99 5.33
C ARG F 332 -5.19 43.06 5.35
N ILE F 333 -5.40 41.78 5.66
CA ILE F 333 -4.30 40.83 5.69
C ILE F 333 -3.74 40.62 4.28
N LEU F 334 -4.61 40.61 3.27
CA LEU F 334 -4.14 40.49 1.90
C LEU F 334 -3.47 41.76 1.39
N ASP F 335 -3.75 42.91 2.00
CA ASP F 335 -3.11 44.15 1.59
C ASP F 335 -1.61 44.15 1.93
N THR F 336 -1.24 43.56 3.06
CA THR F 336 0.17 43.52 3.45
C THR F 336 0.98 42.52 2.65
N ASN F 337 0.34 41.70 1.84
CA ASN F 337 1.02 40.70 1.00
C ASN F 337 1.87 39.75 1.84
N SER F 338 1.37 39.41 3.02
CA SER F 338 2.06 38.43 3.87
C SER F 338 1.84 37.01 3.38
N VAL F 339 0.68 36.72 2.80
CA VAL F 339 0.35 35.40 2.29
C VAL F 339 0.38 35.45 0.77
N LEU F 340 1.01 34.43 0.16
CA LEU F 340 1.09 34.34 -1.28
C LEU F 340 0.83 32.89 -1.69
N LEU F 341 0.39 32.72 -2.93
CA LEU F 341 0.14 31.40 -3.51
C LEU F 341 1.16 31.15 -4.60
N THR F 342 1.88 30.04 -4.49
CA THR F 342 2.90 29.69 -5.47
C THR F 342 2.33 28.76 -6.54
N GLU F 343 3.09 28.60 -7.61
CA GLU F 343 2.66 27.75 -8.72
C GLU F 343 2.59 26.27 -8.34
N ARG F 344 3.22 25.87 -7.24
CA ARG F 344 3.18 24.50 -6.78
C ARG F 344 1.90 24.16 -6.04
N GLY F 345 1.01 25.13 -5.85
CA GLY F 345 -0.22 24.91 -5.13
C GLY F 345 -0.17 25.20 -3.64
N ASP F 346 0.99 25.60 -3.13
CA ASP F 346 1.18 25.87 -1.71
C ASP F 346 0.89 27.34 -1.41
N HIS F 347 0.60 27.62 -0.15
CA HIS F 347 0.33 28.97 0.34
C HIS F 347 1.49 29.37 1.26
N ILE F 348 2.51 30.00 0.68
CA ILE F 348 3.64 30.45 1.47
C ILE F 348 3.20 31.58 2.40
N VAL F 349 3.73 31.59 3.62
CA VAL F 349 3.26 32.48 4.68
C VAL F 349 4.47 33.14 5.31
N TRP F 350 4.36 34.44 5.58
CA TRP F 350 5.45 35.26 6.10
C TRP F 350 5.17 35.60 7.57
N ILE F 351 5.81 34.86 8.47
CA ILE F 351 5.78 35.16 9.90
C ILE F 351 7.17 34.93 10.47
N ASN F 352 7.57 35.80 11.40
CA ASN F 352 8.89 35.74 12.03
C ASN F 352 10.01 35.82 11.00
N ASN F 353 9.84 36.72 10.03
CA ASN F 353 10.87 37.02 9.03
C ASN F 353 11.32 35.78 8.28
N SER F 354 10.36 35.00 7.78
CA SER F 354 10.67 33.81 7.01
C SER F 354 9.44 33.37 6.24
N TRP F 355 9.61 33.08 4.95
CA TRP F 355 8.54 32.51 4.13
C TRP F 355 8.48 31.01 4.40
N LYS F 356 7.40 30.56 5.01
CA LYS F 356 7.27 29.17 5.42
C LYS F 356 6.07 28.51 4.74
N PHE F 357 6.20 27.21 4.51
CA PHE F 357 5.16 26.42 3.89
C PHE F 357 5.21 25.00 4.45
N ASN F 358 4.05 24.34 4.47
CA ASN F 358 3.97 22.96 4.93
C ASN F 358 2.66 22.38 4.41
N SER F 359 2.74 21.38 3.55
CA SER F 359 1.56 20.87 2.86
C SER F 359 0.88 19.73 3.61
N GLU F 360 0.69 19.90 4.91
CA GLU F 360 -0.30 19.14 5.66
C GLU F 360 -1.06 19.98 6.68
N GLU F 361 -0.59 21.19 6.99
CA GLU F 361 -1.26 22.06 7.94
C GLU F 361 -1.38 23.46 7.33
N PRO F 362 -2.55 24.08 7.39
CA PRO F 362 -2.71 25.44 6.87
C PRO F 362 -2.09 26.49 7.78
N LEU F 363 -0.80 26.77 7.61
CA LEU F 363 -0.12 27.78 8.42
C LEU F 363 -0.78 29.15 8.37
N ILE F 364 -1.74 29.36 7.46
CA ILE F 364 -2.41 30.65 7.37
C ILE F 364 -3.04 31.02 8.70
N THR F 365 -3.65 30.04 9.38
CA THR F 365 -4.29 30.31 10.66
C THR F 365 -3.29 30.74 11.72
N LYS F 366 -2.02 30.35 11.56
CA LYS F 366 -0.97 30.93 12.40
C LYS F 366 -0.83 32.42 12.12
N LEU F 367 -0.70 32.77 10.84
CA LEU F 367 -0.46 34.15 10.45
C LEU F 367 -1.57 35.06 10.94
N ILE F 368 -2.82 34.61 10.83
CA ILE F 368 -3.96 35.42 11.29
C ILE F 368 -3.75 35.84 12.74
N LEU F 369 -3.22 34.94 13.56
CA LEU F 369 -2.93 35.30 14.93
C LEU F 369 -1.72 36.24 15.03
N SER F 370 -0.66 35.93 14.28
CA SER F 370 0.57 36.70 14.39
C SER F 370 0.37 38.14 13.94
N ILE F 371 -0.32 38.34 12.82
CA ILE F 371 -0.63 39.69 12.33
C ILE F 371 -1.66 40.39 13.20
N ARG F 372 -2.21 39.68 14.19
CA ARG F 372 -3.27 40.24 15.02
C ARG F 372 -2.88 41.58 15.62
N HIS F 373 -1.61 41.73 16.02
CA HIS F 373 -1.16 43.01 16.58
C HIS F 373 -0.65 43.95 15.49
N GLN F 374 -1.44 44.06 14.42
CA GLN F 374 -1.23 45.08 13.38
C GLN F 374 -2.49 45.74 12.90
N LEU F 375 -3.66 45.19 13.18
CA LEU F 375 -4.98 45.65 12.77
C LEU F 375 -5.56 46.59 13.81
N PRO F 376 -6.59 47.36 13.45
CA PRO F 376 -7.28 48.19 14.44
C PRO F 376 -7.77 47.38 15.63
N LYS F 377 -8.12 48.09 16.70
CA LYS F 377 -8.45 47.44 17.97
C LYS F 377 -9.64 46.51 17.82
N GLU F 378 -10.70 46.97 17.14
CA GLU F 378 -11.88 46.14 16.94
C GLU F 378 -11.67 45.03 15.92
N TYR F 379 -10.63 45.13 15.09
CA TYR F 379 -10.28 44.06 14.16
C TYR F 379 -9.31 43.05 14.74
N SER F 380 -8.86 43.23 15.98
CA SER F 380 -7.90 42.33 16.59
C SER F 380 -8.47 41.49 17.72
N SER F 381 -9.45 42.00 18.47
CA SER F 381 -10.03 41.24 19.56
C SER F 381 -10.90 40.09 19.08
N GLU F 382 -11.23 40.05 17.79
CA GLU F 382 -12.03 38.97 17.24
C GLU F 382 -11.19 37.84 16.64
N LEU F 383 -9.87 37.98 16.65
CA LEU F 383 -9.00 36.94 16.14
C LEU F 383 -8.53 35.96 17.21
N LEU F 384 -9.00 36.11 18.44
CA LEU F 384 -8.70 35.16 19.51
C LEU F 384 -9.75 34.07 19.60
N CYS F 385 -10.07 33.45 18.47
CA CYS F 385 -11.07 32.40 18.44
C CYS F 385 -10.86 31.49 17.24
N PRO F 386 -10.54 30.22 17.45
CA PRO F 386 -10.35 29.32 16.30
C PRO F 386 -11.60 29.14 15.47
N ARG F 387 -12.78 29.39 16.03
CA ARG F 387 -14.00 29.32 15.24
C ARG F 387 -14.11 30.48 14.25
N LYS F 388 -13.55 31.64 14.61
CA LYS F 388 -13.52 32.81 13.74
C LYS F 388 -12.18 33.01 13.06
N ARG F 389 -11.23 32.11 13.26
CA ARG F 389 -9.94 32.19 12.60
C ARG F 389 -9.79 31.17 11.46
N LYS F 390 -10.78 30.30 11.27
CA LYS F 390 -10.85 29.48 10.08
C LYS F 390 -11.85 29.98 9.06
N THR F 391 -12.77 30.87 9.48
CA THR F 391 -13.59 31.59 8.52
C THR F 391 -12.74 32.57 7.70
N VAL F 392 -11.86 33.31 8.38
CA VAL F 392 -11.01 34.25 7.68
C VAL F 392 -9.99 33.52 6.81
N GLU F 393 -9.54 32.34 7.26
CA GLU F 393 -8.69 31.52 6.40
C GLU F 393 -9.45 31.04 5.17
N ALA F 394 -10.73 30.68 5.34
CA ALA F 394 -11.54 30.28 4.20
C ALA F 394 -11.71 31.43 3.21
N ASN F 395 -11.92 32.65 3.73
CA ASN F 395 -11.98 33.82 2.85
C ASN F 395 -10.67 34.01 2.10
N ILE F 396 -9.55 34.00 2.83
CA ILE F 396 -8.25 34.26 2.21
C ILE F 396 -7.94 33.23 1.15
N ARG F 397 -8.27 31.96 1.41
CA ARG F 397 -7.97 30.91 0.45
C ARG F 397 -8.72 31.07 -0.87
N ASP F 398 -9.80 31.85 -0.88
CA ASP F 398 -10.57 32.09 -2.10
C ASP F 398 -10.32 33.48 -2.70
N MET F 399 -9.37 34.23 -2.16
CA MET F 399 -8.93 35.49 -2.77
C MET F 399 -7.50 35.41 -3.30
N LEU F 400 -6.92 34.21 -3.36
CA LEU F 400 -5.58 34.01 -3.90
C LEU F 400 -5.73 33.23 -5.19
N VAL F 401 -5.95 33.95 -6.29
CA VAL F 401 -6.20 33.33 -7.59
C VAL F 401 -4.96 33.30 -8.48
N ASP F 402 -4.02 34.22 -8.29
CA ASP F 402 -2.86 34.34 -9.17
C ASP F 402 -1.63 33.73 -8.53
N SER F 403 -0.88 32.97 -9.33
CA SER F 403 0.36 32.36 -8.86
C SER F 403 1.50 33.36 -8.90
N VAL F 404 2.38 33.26 -7.90
CA VAL F 404 3.57 34.10 -7.81
C VAL F 404 4.79 33.20 -7.78
N GLU F 405 5.73 33.45 -8.68
CA GLU F 405 6.94 32.64 -8.76
C GLU F 405 7.86 32.96 -7.58
N THR F 406 8.49 31.91 -7.04
CA THR F 406 9.30 32.02 -5.85
C THR F 406 10.72 31.56 -6.13
N ASP F 407 11.65 32.03 -5.30
CA ASP F 407 13.06 31.65 -5.36
C ASP F 407 13.66 31.97 -6.73
N THR F 408 13.69 33.27 -7.04
CA THR F 408 14.24 33.77 -8.29
C THR F 408 15.69 34.24 -8.14
N TYR F 409 15.96 35.06 -7.13
CA TYR F 409 17.32 35.55 -6.91
C TYR F 409 18.22 34.40 -6.46
N PRO F 410 19.30 34.12 -7.18
CA PRO F 410 20.15 32.99 -6.79
C PRO F 410 21.16 33.34 -5.71
N ASP F 411 21.63 34.58 -5.69
CA ASP F 411 22.72 34.98 -4.80
C ASP F 411 22.18 35.58 -3.49
N LYS F 412 21.35 34.78 -2.81
CA LYS F 412 20.83 35.15 -1.51
C LYS F 412 20.87 33.93 -0.60
N LEU F 413 21.13 34.17 0.68
CA LEU F 413 21.15 33.09 1.67
C LEU F 413 20.09 33.36 2.72
N PRO F 414 19.00 32.60 2.74
CA PRO F 414 17.90 32.91 3.67
C PRO F 414 18.06 32.25 5.04
N PHE F 415 18.08 33.06 6.09
CA PHE F 415 18.14 32.58 7.46
C PHE F 415 16.77 32.72 8.13
N LYS F 416 16.59 31.95 9.20
CA LYS F 416 15.32 31.93 9.92
C LYS F 416 14.88 33.30 10.40
N ASN F 417 15.73 34.33 10.30
CA ASN F 417 15.36 35.67 10.73
C ASN F 417 15.75 36.74 9.71
N GLY F 418 15.97 36.37 8.45
CA GLY F 418 16.27 37.38 7.45
C GLY F 418 16.84 36.75 6.19
N VAL F 419 17.48 37.59 5.39
CA VAL F 419 18.14 37.17 4.16
C VAL F 419 19.48 37.90 4.07
N LEU F 420 20.55 37.16 3.79
CA LEU F 420 21.89 37.72 3.67
C LEU F 420 22.27 37.80 2.19
N ASP F 421 22.77 38.96 1.78
CA ASP F 421 23.23 39.15 0.41
C ASP F 421 24.70 38.77 0.31
N LEU F 422 25.01 37.85 -0.61
CA LEU F 422 26.36 37.29 -0.70
C LEU F 422 27.36 38.24 -1.32
N VAL F 423 26.96 39.01 -2.34
CA VAL F 423 27.91 39.81 -3.09
C VAL F 423 28.53 40.92 -2.24
N ASP F 424 27.88 41.34 -1.16
CA ASP F 424 28.39 42.40 -0.32
C ASP F 424 28.37 42.07 1.17
N GLY F 425 27.84 40.91 1.56
CA GLY F 425 27.93 40.48 2.94
C GLY F 425 27.13 41.29 3.93
N MET F 426 26.04 41.92 3.51
CA MET F 426 25.16 42.64 4.42
C MET F 426 23.91 41.81 4.68
N PHE F 427 23.26 42.08 5.81
CA PHE F 427 22.15 41.28 6.30
C PHE F 427 20.87 42.09 6.25
N TYR F 428 19.83 41.52 5.65
CA TYR F 428 18.51 42.13 5.57
C TYR F 428 17.57 41.47 6.56
N SER F 429 16.62 42.26 7.06
CA SER F 429 15.61 41.78 7.98
C SER F 429 14.31 42.52 7.74
N GLY F 430 13.21 41.89 8.12
CA GLY F 430 11.91 42.53 7.96
C GLY F 430 11.54 42.72 6.51
N ASP F 431 10.97 43.90 6.21
CA ASP F 431 10.46 44.17 4.88
C ASP F 431 11.55 44.04 3.83
N ASP F 432 12.78 44.43 4.15
CA ASP F 432 13.88 44.34 3.20
C ASP F 432 14.12 42.92 2.74
N ALA F 433 13.83 41.93 3.59
CA ALA F 433 13.98 40.53 3.22
C ALA F 433 12.76 39.95 2.53
N LYS F 434 11.64 40.69 2.51
CA LYS F 434 10.42 40.15 1.92
C LYS F 434 10.44 40.16 0.40
N LYS F 435 11.16 41.11 -0.21
CA LYS F 435 11.16 41.23 -1.66
C LYS F 435 11.72 39.98 -2.32
N TYR F 436 12.82 39.44 -1.79
CA TYR F 436 13.39 38.20 -2.30
C TYR F 436 12.63 37.03 -1.67
N THR F 437 11.66 36.50 -2.41
CA THR F 437 10.83 35.42 -1.88
C THR F 437 11.62 34.12 -1.86
N CYS F 438 12.32 33.87 -0.76
CA CYS F 438 13.11 32.65 -0.57
C CYS F 438 12.35 31.77 0.42
N THR F 439 11.69 30.73 -0.09
CA THR F 439 10.85 29.89 0.75
C THR F 439 11.69 28.97 1.64
N VAL F 440 12.73 28.37 1.10
CA VAL F 440 13.58 27.47 1.86
C VAL F 440 14.66 28.29 2.56
N SER F 441 14.83 28.06 3.86
CA SER F 441 15.77 28.82 4.68
C SER F 441 16.80 27.88 5.30
N THR F 442 17.83 28.48 5.88
CA THR F 442 18.88 27.69 6.53
C THR F 442 18.35 26.99 7.77
N GLY F 443 17.39 27.58 8.47
CA GLY F 443 16.77 26.96 9.62
C GLY F 443 17.21 27.49 10.96
N PHE F 444 18.25 28.33 11.01
CA PHE F 444 18.71 28.90 12.26
C PHE F 444 18.85 30.41 12.12
N LYS F 445 18.75 31.11 13.25
CA LYS F 445 18.88 32.56 13.25
C LYS F 445 20.31 32.96 12.91
N PHE F 446 20.44 34.17 12.37
CA PHE F 446 21.74 34.73 12.00
C PHE F 446 22.21 35.62 13.14
N ASP F 447 23.05 35.07 14.01
CA ASP F 447 23.62 35.84 15.11
C ASP F 447 24.63 36.83 14.57
N ASP F 448 24.40 38.12 14.79
CA ASP F 448 25.24 39.15 14.19
C ASP F 448 26.66 39.08 14.75
N THR F 449 26.80 38.93 16.06
CA THR F 449 28.15 38.93 16.65
C THR F 449 28.77 37.54 16.66
N LYS F 450 28.65 36.85 15.54
CA LYS F 450 29.46 35.66 15.25
C LYS F 450 29.99 35.61 13.82
N PHE F 451 29.37 36.33 12.88
CA PHE F 451 29.87 36.41 11.51
C PHE F 451 31.01 37.44 11.43
N VAL F 452 32.07 37.14 12.17
CA VAL F 452 33.21 38.04 12.30
C VAL F 452 34.45 37.35 11.72
N GLU F 453 35.49 38.15 11.52
CA GLU F 453 36.73 37.65 10.95
C GLU F 453 37.70 37.13 12.01
N ASP F 454 37.83 37.85 13.12
CA ASP F 454 38.76 37.48 14.19
C ASP F 454 37.99 36.82 15.33
N SER F 455 38.32 35.57 15.62
CA SER F 455 37.70 34.80 16.69
C SER F 455 38.49 33.52 16.92
N PRO F 456 38.57 33.03 18.16
CA PRO F 456 39.27 31.76 18.39
C PRO F 456 38.68 30.60 17.61
N GLU F 457 37.35 30.56 17.50
CA GLU F 457 36.71 29.51 16.71
C GLU F 457 37.13 29.60 15.25
N MET F 458 37.20 30.82 14.71
CA MET F 458 37.67 31.00 13.34
C MET F 458 39.11 30.51 13.18
N GLU F 459 39.96 30.80 14.17
CA GLU F 459 41.35 30.38 14.09
C GLU F 459 41.47 28.87 14.07
N GLU F 460 40.79 28.19 14.99
CA GLU F 460 40.90 26.73 15.03
C GLU F 460 40.23 26.10 13.81
N LEU F 461 39.14 26.67 13.31
CA LEU F 461 38.54 26.16 12.09
C LEU F 461 39.48 26.31 10.89
N MET F 462 40.17 27.46 10.80
CA MET F 462 41.12 27.66 9.71
C MET F 462 42.26 26.68 9.80
N ASN F 463 42.74 26.41 11.02
CA ASN F 463 43.78 25.40 11.22
C ASN F 463 43.29 24.03 10.78
N ILE F 464 42.05 23.69 11.13
CA ILE F 464 41.49 22.38 10.77
C ILE F 464 41.38 22.26 9.26
N ILE F 465 40.92 23.31 8.59
CA ILE F 465 40.78 23.27 7.14
C ILE F 465 42.14 23.18 6.46
N ASN F 466 43.15 23.88 7.01
CA ASN F 466 44.50 23.74 6.47
C ASN F 466 45.00 22.32 6.65
N ASP F 467 44.71 21.70 7.78
CA ASP F 467 45.12 20.31 7.99
C ASP F 467 44.43 19.37 7.00
N ILE F 468 43.13 19.57 6.77
CA ILE F 468 42.40 18.69 5.86
C ILE F 468 42.93 18.84 4.44
N GLN F 469 43.10 20.08 3.98
CA GLN F 469 43.65 20.37 2.66
C GLN F 469 44.87 21.26 2.82
N PRO F 470 46.09 20.70 2.82
CA PRO F 470 47.28 21.52 3.00
C PRO F 470 47.44 22.52 1.85
N LEU F 471 47.94 23.71 2.19
CA LEU F 471 48.13 24.78 1.21
C LEU F 471 49.58 24.76 0.71
N THR F 472 49.87 23.76 -0.11
CA THR F 472 51.18 23.58 -0.71
C THR F 472 51.13 23.97 -2.18
N ASP F 473 52.26 23.81 -2.87
CA ASP F 473 52.36 24.21 -4.27
C ASP F 473 51.72 23.19 -5.21
N GLU F 474 52.00 21.90 -5.02
CA GLU F 474 51.40 20.88 -5.87
C GLU F 474 49.96 20.57 -5.50
N ASN F 475 49.48 21.04 -4.35
CA ASN F 475 48.10 20.89 -3.92
C ASN F 475 47.38 22.23 -3.93
N LYS F 476 47.66 23.06 -4.93
CA LYS F 476 47.04 24.38 -5.04
C LYS F 476 45.80 24.36 -5.91
N LYS F 477 45.87 23.72 -7.08
CA LYS F 477 44.69 23.57 -7.92
C LYS F 477 43.62 22.76 -7.22
N ASN F 478 44.01 21.68 -6.56
CA ASN F 478 43.05 20.85 -5.83
C ASN F 478 42.40 21.64 -4.71
N ARG F 479 43.19 22.44 -3.99
CA ARG F 479 42.64 23.26 -2.91
C ARG F 479 41.66 24.30 -3.44
N GLU F 480 42.00 24.94 -4.56
CA GLU F 480 41.10 25.95 -5.13
C GLU F 480 39.81 25.32 -5.62
N LEU F 481 39.89 24.12 -6.20
CA LEU F 481 38.67 23.43 -6.61
C LEU F 481 37.83 23.02 -5.39
N TYR F 482 38.49 22.61 -4.31
CA TYR F 482 37.78 22.29 -3.07
C TYR F 482 37.02 23.50 -2.54
N GLU F 483 37.70 24.66 -2.49
CA GLU F 483 37.04 25.88 -2.02
C GLU F 483 35.90 26.29 -2.95
N LYS F 484 36.12 26.18 -4.26
CA LYS F 484 35.08 26.55 -5.22
C LYS F 484 33.84 25.67 -5.03
N THR F 485 34.02 24.36 -4.92
CA THR F 485 32.88 23.47 -4.74
C THR F 485 32.15 23.74 -3.43
N LEU F 486 32.90 23.94 -2.34
CA LEU F 486 32.25 24.20 -1.06
C LEU F 486 31.49 25.53 -1.09
N SER F 487 32.08 26.57 -1.67
CA SER F 487 31.41 27.86 -1.71
C SER F 487 30.25 27.88 -2.69
N SER F 488 30.23 26.98 -3.67
CA SER F 488 29.12 26.92 -4.61
C SER F 488 27.82 26.50 -3.94
N CYS F 489 27.87 25.92 -2.75
CA CYS F 489 26.67 25.52 -2.03
C CYS F 489 26.10 26.67 -1.22
N LEU F 490 25.97 27.83 -1.86
CA LEU F 490 25.32 28.99 -1.25
C LEU F 490 24.36 29.71 -2.17
N CYS F 491 24.50 29.59 -3.49
CA CYS F 491 23.65 30.28 -4.44
C CYS F 491 22.68 29.30 -5.10
N GLY F 492 21.51 29.81 -5.45
CA GLY F 492 20.42 28.98 -5.92
C GLY F 492 20.37 28.75 -7.41
N ALA F 493 21.47 29.01 -8.11
CA ALA F 493 21.51 28.69 -9.53
C ALA F 493 21.64 27.18 -9.73
N THR F 494 21.37 26.74 -10.94
CA THR F 494 21.42 25.32 -11.30
C THR F 494 22.85 24.99 -11.68
N LYS F 495 23.54 24.25 -10.80
CA LYS F 495 24.91 23.85 -11.06
C LYS F 495 24.95 22.83 -12.20
N GLY F 496 25.95 22.97 -13.07
CA GLY F 496 26.05 22.10 -14.23
C GLY F 496 27.13 21.05 -14.12
N CYS F 497 27.50 20.68 -12.89
CA CYS F 497 28.55 19.69 -12.69
C CYS F 497 28.30 18.96 -11.39
N LEU F 498 28.87 17.76 -11.29
CA LEU F 498 28.82 16.95 -10.09
C LEU F 498 30.23 16.79 -9.53
N THR F 499 30.36 16.89 -8.22
CA THR F 499 31.65 16.86 -7.55
C THR F 499 31.84 15.51 -6.86
N PHE F 500 32.99 14.89 -7.11
CA PHE F 500 33.38 13.66 -6.44
C PHE F 500 34.33 13.97 -5.30
N PHE F 501 34.20 13.22 -4.21
CA PHE F 501 35.00 13.44 -3.01
C PHE F 501 35.94 12.28 -2.76
N PHE F 502 36.60 11.80 -3.81
CA PHE F 502 37.46 10.62 -3.67
C PHE F 502 38.55 10.85 -2.63
N GLY F 503 38.70 9.89 -1.72
CA GLY F 503 39.77 9.93 -0.73
C GLY F 503 39.80 8.65 0.08
N GLU F 504 40.96 8.30 0.62
CA GLU F 504 41.10 7.02 1.32
C GLU F 504 40.54 7.14 2.74
N THR F 505 40.81 6.14 3.58
CA THR F 505 40.22 6.07 4.90
C THR F 505 40.74 7.17 5.82
N ALA F 506 39.82 7.75 6.60
CA ALA F 506 40.14 8.74 7.63
C ALA F 506 40.95 9.89 7.05
N THR F 507 40.32 10.61 6.11
CA THR F 507 41.02 11.67 5.39
C THR F 507 40.37 13.03 5.54
N GLY F 508 39.08 13.11 5.87
CA GLY F 508 38.42 14.38 6.11
C GLY F 508 37.13 14.59 5.35
N LYS F 509 36.65 13.61 4.57
CA LYS F 509 35.43 13.81 3.78
C LYS F 509 34.21 14.01 4.66
N SER F 510 34.02 13.13 5.65
CA SER F 510 32.86 13.23 6.51
C SER F 510 32.93 14.45 7.42
N THR F 511 34.14 14.83 7.85
CA THR F 511 34.28 16.04 8.66
C THR F 511 33.88 17.27 7.85
N THR F 512 34.29 17.34 6.59
CA THR F 512 33.87 18.44 5.72
C THR F 512 32.37 18.42 5.51
N LYS F 513 31.78 17.23 5.32
CA LYS F 513 30.33 17.14 5.17
C LYS F 513 29.61 17.65 6.40
N ARG F 514 30.08 17.28 7.59
CA ARG F 514 29.43 17.72 8.83
C ARG F 514 29.61 19.23 9.03
N LEU F 515 30.78 19.76 8.71
CA LEU F 515 30.97 21.21 8.79
C LEU F 515 30.03 21.95 7.85
N LEU F 516 29.91 21.46 6.62
CA LEU F 516 29.00 22.08 5.66
C LEU F 516 27.56 22.00 6.14
N LYS F 517 27.15 20.86 6.70
CA LYS F 517 25.79 20.71 7.17
C LYS F 517 25.50 21.63 8.35
N SER F 518 26.47 21.78 9.26
CA SER F 518 26.30 22.72 10.36
C SER F 518 26.37 24.17 9.90
N ALA F 519 26.98 24.43 8.75
CA ALA F 519 27.05 25.80 8.25
C ALA F 519 25.76 26.21 7.54
N ILE F 520 25.38 25.49 6.49
CA ILE F 520 24.22 25.91 5.71
C ILE F 520 22.88 25.42 6.27
N GLY F 521 22.90 24.41 7.13
CA GLY F 521 21.70 24.02 7.84
C GLY F 521 20.67 23.25 7.02
N ASP F 522 19.43 23.76 6.98
CA ASP F 522 18.34 23.03 6.36
C ASP F 522 18.55 22.89 4.86
N LEU F 523 19.20 23.87 4.23
CA LEU F 523 19.48 23.79 2.80
C LEU F 523 20.63 22.81 2.55
N PHE F 524 20.46 21.59 3.04
CA PHE F 524 21.49 20.56 2.91
C PHE F 524 20.82 19.22 3.17
N VAL F 525 20.83 18.34 2.18
CA VAL F 525 20.25 17.01 2.33
C VAL F 525 21.24 15.98 1.80
N GLU F 526 21.29 14.83 2.46
CA GLU F 526 22.08 13.70 1.96
C GLU F 526 21.12 12.56 1.66
N THR F 527 21.22 12.03 0.44
CA THR F 527 20.33 10.98 -0.04
C THR F 527 21.13 9.71 -0.28
N GLY F 528 20.43 8.68 -0.75
CA GLY F 528 21.05 7.42 -1.04
C GLY F 528 21.65 7.38 -2.43
N GLN F 529 22.24 6.23 -2.75
CA GLN F 529 22.86 6.01 -4.05
C GLN F 529 21.88 5.45 -5.07
N THR F 530 20.60 5.33 -4.71
CA THR F 530 19.59 4.88 -5.67
C THR F 530 19.48 5.86 -6.84
N ILE F 531 19.46 7.16 -6.54
CA ILE F 531 19.36 8.15 -7.61
C ILE F 531 20.58 8.12 -8.51
N LEU F 532 21.73 7.68 -7.97
CA LEU F 532 22.95 7.63 -8.78
C LEU F 532 22.88 6.51 -9.81
N THR F 533 22.50 5.30 -9.38
CA THR F 533 22.42 4.15 -10.30
C THR F 533 21.14 3.37 -10.02
N ASP F 534 20.06 3.78 -10.68
CA ASP F 534 18.78 3.10 -10.68
C ASP F 534 17.85 3.88 -11.60
N VAL F 535 16.71 3.27 -11.91
CA VAL F 535 15.69 3.94 -12.71
C VAL F 535 14.97 4.93 -11.80
N LEU F 536 15.31 6.22 -11.92
CA LEU F 536 14.68 7.25 -11.12
C LEU F 536 13.43 7.79 -11.80
N ASP F 537 12.60 6.85 -12.26
CA ASP F 537 11.32 7.16 -12.87
C ASP F 537 10.18 6.22 -12.48
N LYS F 538 10.47 5.01 -12.01
CA LYS F 538 9.45 4.00 -11.77
C LYS F 538 8.97 4.08 -10.32
N GLY F 539 7.68 4.36 -10.15
CA GLY F 539 7.08 4.39 -8.84
C GLY F 539 7.47 5.62 -8.06
N PRO F 540 6.99 5.71 -6.81
CA PRO F 540 7.39 6.84 -5.96
C PRO F 540 8.87 6.81 -5.64
N ASN F 541 9.45 8.00 -5.49
CA ASN F 541 10.87 8.14 -5.17
C ASN F 541 11.03 9.42 -4.37
N PRO F 542 10.85 9.35 -3.05
CA PRO F 542 10.92 10.57 -2.23
C PRO F 542 12.29 11.22 -2.19
N PHE F 543 13.36 10.48 -2.50
CA PHE F 543 14.69 11.08 -2.48
C PHE F 543 14.80 12.24 -3.47
N ILE F 544 14.25 12.07 -4.67
CA ILE F 544 14.14 13.19 -5.60
C ILE F 544 13.17 14.23 -5.07
N ALA F 545 12.10 13.80 -4.40
CA ALA F 545 11.09 14.74 -3.94
C ALA F 545 11.64 15.68 -2.86
N ASN F 546 12.50 15.15 -1.98
CA ASN F 546 13.06 15.99 -0.92
C ASN F 546 14.09 16.96 -1.46
N MET F 547 14.78 16.60 -2.55
CA MET F 547 15.84 17.44 -3.10
C MET F 547 15.27 18.51 -4.01
N HIS F 548 14.23 19.20 -3.54
CA HIS F 548 13.62 20.31 -4.25
C HIS F 548 13.99 21.60 -3.54
N LEU F 549 14.62 22.53 -4.28
CA LEU F 549 15.13 23.79 -3.78
C LEU F 549 16.26 23.63 -2.77
N LYS F 550 16.77 22.41 -2.60
CA LYS F 550 17.91 22.18 -1.72
C LYS F 550 19.19 22.57 -2.44
N ARG F 551 20.01 23.41 -1.80
CA ARG F 551 21.22 23.91 -2.45
C ARG F 551 22.36 22.89 -2.44
N SER F 552 22.43 22.04 -1.42
CA SER F 552 23.50 21.06 -1.31
C SER F 552 22.93 19.67 -1.11
N VAL F 553 23.39 18.71 -1.91
CA VAL F 553 22.98 17.32 -1.81
C VAL F 553 24.24 16.46 -1.72
N PHE F 554 24.25 15.55 -0.76
CA PHE F 554 25.36 14.64 -0.55
C PHE F 554 24.90 13.21 -0.82
N CYS F 555 25.84 12.36 -1.23
CA CYS F 555 25.51 10.97 -1.55
C CYS F 555 26.62 10.05 -1.07
N SER F 556 26.35 9.32 0.01
CA SER F 556 27.21 8.22 0.45
C SER F 556 26.81 6.95 -0.30
N GLU F 557 27.24 5.78 0.20
CA GLU F 557 26.92 4.49 -0.39
C GLU F 557 27.59 4.32 -1.76
N LEU F 558 28.91 4.43 -1.76
CA LEU F 558 29.65 4.18 -2.99
C LEU F 558 30.54 2.96 -2.85
N PRO F 559 29.99 1.76 -2.98
CA PRO F 559 30.82 0.55 -2.88
C PRO F 559 31.65 0.35 -4.14
N ASP F 560 32.67 -0.49 -4.01
CA ASP F 560 33.49 -0.85 -5.15
C ASP F 560 32.65 -1.57 -6.20
N PHE F 561 32.81 -1.17 -7.46
CA PHE F 561 32.09 -1.78 -8.57
C PHE F 561 32.91 -2.84 -9.30
N ALA F 562 34.13 -3.13 -8.82
CA ALA F 562 34.93 -4.19 -9.41
C ALA F 562 34.44 -5.57 -9.04
N CYS F 563 33.66 -5.68 -7.96
CA CYS F 563 33.13 -6.97 -7.53
C CYS F 563 31.93 -7.37 -8.38
N SER F 564 31.58 -8.65 -8.31
CA SER F 564 30.43 -9.18 -9.05
C SER F 564 29.14 -8.84 -8.32
N GLY F 565 28.10 -8.52 -9.09
CA GLY F 565 26.81 -8.17 -8.54
C GLY F 565 26.61 -6.70 -8.25
N SER F 566 27.65 -5.87 -8.41
CA SER F 566 27.52 -4.44 -8.17
C SER F 566 27.17 -3.73 -9.48
N LYS F 567 26.12 -2.91 -9.43
CA LYS F 567 25.66 -2.18 -10.60
C LYS F 567 26.45 -0.90 -10.79
N LYS F 568 26.81 -0.61 -12.04
CA LYS F 568 27.60 0.57 -12.34
C LYS F 568 26.75 1.83 -12.24
N ILE F 569 27.44 2.97 -12.12
CA ILE F 569 26.75 4.26 -12.07
C ILE F 569 26.12 4.54 -13.43
N ARG F 570 24.82 4.81 -13.44
CA ARG F 570 24.10 5.01 -14.69
C ARG F 570 24.51 6.34 -15.32
N SER F 571 24.84 6.30 -16.62
CA SER F 571 25.26 7.50 -17.32
C SER F 571 24.14 8.52 -17.42
N ASP F 572 22.92 8.06 -17.74
CA ASP F 572 21.81 8.99 -17.94
C ASP F 572 21.36 9.64 -16.64
N ASN F 573 21.62 9.03 -15.49
CA ASN F 573 21.26 9.65 -14.22
C ASN F 573 22.02 10.94 -14.00
N ILE F 574 23.30 10.97 -14.42
CA ILE F 574 24.09 12.18 -14.26
C ILE F 574 23.51 13.33 -15.08
N LYS F 575 23.09 13.03 -16.31
CA LYS F 575 22.47 14.07 -17.15
C LYS F 575 21.10 14.46 -16.62
N LYS F 576 20.37 13.51 -16.03
CA LYS F 576 19.06 13.83 -15.47
C LYS F 576 19.18 14.69 -14.22
N LEU F 577 20.26 14.53 -13.45
CA LEU F 577 20.45 15.32 -12.25
C LEU F 577 21.09 16.66 -12.52
N THR F 578 21.52 16.93 -13.75
CA THR F 578 22.21 18.16 -14.10
C THR F 578 21.31 19.12 -14.87
N GLU F 579 20.03 18.81 -15.03
CA GLU F 579 19.14 19.68 -15.77
C GLU F 579 18.30 20.52 -14.81
N PRO F 580 17.85 21.71 -15.21
CA PRO F 580 17.33 22.67 -14.22
C PRO F 580 15.97 22.32 -13.64
N CYS F 581 15.35 21.21 -14.05
CA CYS F 581 14.06 20.82 -13.47
C CYS F 581 13.98 19.30 -13.50
N VAL F 582 14.33 18.66 -12.40
CA VAL F 582 14.37 17.21 -12.34
C VAL F 582 12.95 16.66 -12.24
N ILE F 583 12.80 15.41 -12.66
CA ILE F 583 11.50 14.74 -12.74
C ILE F 583 11.42 13.70 -11.63
N GLY F 584 10.40 13.78 -10.80
CA GLY F 584 10.20 12.85 -9.71
C GLY F 584 8.95 13.11 -8.91
N ARG F 585 8.20 12.06 -8.60
CA ARG F 585 6.94 12.20 -7.88
C ARG F 585 7.10 11.76 -6.44
N PRO F 586 6.64 12.55 -5.47
CA PRO F 586 6.65 12.09 -4.08
C PRO F 586 5.57 11.04 -3.82
N CYS F 587 5.44 10.62 -2.56
CA CYS F 587 4.40 9.68 -2.18
C CYS F 587 3.09 10.41 -1.97
N PHE F 588 2.01 9.84 -2.52
CA PHE F 588 0.66 10.40 -2.41
C PHE F 588 0.59 11.82 -2.97
N SER F 589 1.15 12.02 -4.15
CA SER F 589 1.10 13.30 -4.83
C SER F 589 1.40 13.07 -6.31
N ASN F 590 1.35 14.15 -7.09
CA ASN F 590 1.57 14.04 -8.53
C ASN F 590 2.45 15.16 -9.09
N LYS F 591 3.17 15.91 -8.25
CA LYS F 591 4.08 16.93 -8.74
C LYS F 591 5.38 16.28 -9.18
N ILE F 592 5.61 16.20 -10.49
CA ILE F 592 6.81 15.55 -11.02
C ILE F 592 7.84 16.56 -11.50
N ASN F 593 7.78 17.81 -11.05
CA ASN F 593 8.75 18.83 -11.39
C ASN F 593 9.38 19.36 -10.11
N ASN F 594 10.71 19.25 -10.00
CA ASN F 594 11.44 19.71 -8.84
C ASN F 594 12.58 20.61 -9.28
N ARG F 595 12.69 21.78 -8.66
CA ARG F 595 13.77 22.70 -9.01
C ARG F 595 15.11 22.12 -8.61
N ASN F 596 16.13 22.41 -9.41
CA ASN F 596 17.46 21.83 -9.24
C ASN F 596 18.45 22.95 -8.90
N HIS F 597 18.53 23.28 -7.62
CA HIS F 597 19.54 24.20 -7.11
C HIS F 597 20.68 23.47 -6.43
N ALA F 598 20.73 22.15 -6.56
CA ALA F 598 21.58 21.31 -5.72
C ALA F 598 22.99 21.20 -6.30
N THR F 599 23.99 21.38 -5.44
CA THR F 599 25.34 20.94 -5.73
C THR F 599 25.43 19.48 -5.29
N ILE F 600 25.64 18.59 -6.24
CA ILE F 600 25.59 17.16 -5.99
C ILE F 600 27.00 16.68 -5.71
N ILE F 601 27.27 16.27 -4.47
CA ILE F 601 28.58 15.80 -4.05
C ILE F 601 28.45 14.31 -3.72
N ILE F 602 29.37 13.52 -4.24
CA ILE F 602 29.34 12.07 -4.12
C ILE F 602 30.54 11.66 -3.28
N ASP F 603 30.34 11.49 -1.97
CA ASP F 603 31.42 11.13 -1.06
C ASP F 603 31.77 9.67 -1.30
N THR F 604 32.81 9.44 -2.10
CA THR F 604 33.22 8.09 -2.49
C THR F 604 34.54 7.73 -1.82
N ASN F 605 34.89 6.45 -1.92
CA ASN F 605 36.14 5.93 -1.39
C ASN F 605 37.02 5.28 -2.45
N TYR F 606 36.43 4.77 -3.53
CA TYR F 606 37.16 4.16 -4.63
C TYR F 606 36.91 4.96 -5.90
N LYS F 607 37.70 4.65 -6.92
CA LYS F 607 37.44 5.19 -8.24
C LYS F 607 36.09 4.73 -8.76
N PRO F 608 35.17 5.63 -9.07
CA PRO F 608 33.89 5.22 -9.66
C PRO F 608 34.05 4.82 -11.11
N VAL F 609 33.11 3.99 -11.57
CA VAL F 609 33.05 3.58 -12.97
C VAL F 609 31.63 3.82 -13.48
N PHE F 610 31.52 3.92 -14.79
CA PHE F 610 30.26 4.17 -15.46
C PHE F 610 29.99 3.08 -16.49
N ASP F 611 28.71 2.90 -16.82
CA ASP F 611 28.33 1.88 -17.80
C ASP F 611 28.93 2.20 -19.16
N ARG F 612 28.89 3.46 -19.58
CA ARG F 612 29.50 3.88 -20.84
C ARG F 612 30.12 5.25 -20.64
N ILE F 613 31.11 5.54 -21.47
CA ILE F 613 31.87 6.79 -21.41
C ILE F 613 31.71 7.51 -22.75
N ASP F 614 31.37 8.80 -22.68
CA ASP F 614 31.16 9.59 -23.88
C ASP F 614 31.41 11.06 -23.55
N ASN F 615 31.32 11.90 -24.59
CA ASN F 615 31.48 13.33 -24.40
C ASN F 615 30.36 13.94 -23.57
N ALA F 616 29.24 13.21 -23.41
CA ALA F 616 28.13 13.71 -22.60
C ALA F 616 28.41 13.61 -21.11
N LEU F 617 29.49 12.93 -20.71
CA LEU F 617 29.82 12.77 -19.29
C LEU F 617 31.14 13.41 -18.90
N MET F 618 32.11 13.51 -19.81
CA MET F 618 33.40 14.07 -19.44
C MET F 618 33.30 15.58 -19.19
N ARG F 619 32.18 16.20 -19.54
CA ARG F 619 31.97 17.61 -19.27
C ARG F 619 31.01 17.83 -18.11
N ARG F 620 30.88 16.83 -17.22
CA ARG F 620 30.00 16.94 -16.07
C ARG F 620 30.60 16.37 -14.80
N ILE F 621 31.89 16.03 -14.77
CA ILE F 621 32.51 15.36 -13.65
C ILE F 621 33.67 16.22 -13.14
N ALA F 622 33.62 16.55 -11.84
CA ALA F 622 34.70 17.27 -11.17
C ALA F 622 35.12 16.46 -9.96
N VAL F 623 36.43 16.30 -9.77
CA VAL F 623 36.98 15.43 -8.74
C VAL F 623 37.96 16.22 -7.89
N VAL F 624 37.81 16.14 -6.57
CA VAL F 624 38.74 16.69 -5.60
C VAL F 624 39.28 15.56 -4.74
N ARG F 625 40.59 15.57 -4.54
CA ARG F 625 41.27 14.51 -3.81
C ARG F 625 41.65 15.00 -2.41
N PHE F 626 41.30 14.22 -1.40
CA PHE F 626 41.73 14.45 -0.03
C PHE F 626 42.92 13.55 0.26
N ARG F 627 43.99 14.14 0.80
CA ARG F 627 45.24 13.41 1.02
C ARG F 627 45.63 13.27 2.47
N THR F 628 45.66 14.36 3.23
CA THR F 628 46.16 14.31 4.61
C THR F 628 45.29 13.41 5.46
N HIS F 629 45.92 12.59 6.31
CA HIS F 629 45.25 11.54 7.06
C HIS F 629 45.38 11.79 8.55
N PHE F 630 44.37 11.37 9.30
CA PHE F 630 44.31 11.56 10.75
C PHE F 630 44.28 10.19 11.42
N SER F 631 45.27 9.92 12.28
CA SER F 631 45.38 8.62 12.91
C SER F 631 45.95 8.77 14.32
N GLN F 632 45.69 7.75 15.13
CA GLN F 632 46.27 7.65 16.45
C GLN F 632 47.75 7.26 16.35
N PRO F 633 48.54 7.57 17.37
CA PRO F 633 49.98 7.25 17.31
C PRO F 633 50.27 5.76 17.17
N SER F 634 49.37 4.90 17.62
CA SER F 634 49.61 3.45 17.52
C SER F 634 49.73 3.01 16.07
N GLY F 635 48.85 3.52 15.20
CA GLY F 635 48.88 3.17 13.80
C GLY F 635 49.54 4.22 12.94
N ARG F 636 50.29 5.13 13.56
CA ARG F 636 50.93 6.20 12.80
C ARG F 636 51.95 5.65 11.82
N GLU F 637 52.79 4.71 12.26
CA GLU F 637 53.86 4.20 11.40
C GLU F 637 53.34 3.37 10.24
N ALA F 638 52.10 2.86 10.33
CA ALA F 638 51.55 2.07 9.25
C ALA F 638 51.03 2.92 8.09
N ALA F 639 50.89 4.23 8.29
CA ALA F 639 50.37 5.11 7.25
C ALA F 639 51.45 5.97 6.59
N GLU F 640 52.67 5.98 7.14
CA GLU F 640 53.74 6.79 6.56
C GLU F 640 54.18 6.28 5.19
N ASN F 641 54.18 4.96 5.00
CA ASN F 641 54.70 4.35 3.78
C ASN F 641 53.64 4.20 2.69
N ASN F 642 52.40 4.60 2.95
CA ASN F 642 51.34 4.45 1.95
C ASN F 642 51.53 5.48 0.85
N ASP F 643 51.47 5.03 -0.41
CA ASP F 643 51.67 5.91 -1.55
C ASP F 643 50.49 6.86 -1.79
N ALA F 644 49.27 6.42 -1.53
CA ALA F 644 48.10 7.28 -1.69
C ALA F 644 47.94 8.27 -0.55
N TYR F 645 48.95 8.44 0.28
CA TYR F 645 48.89 9.28 1.47
C TYR F 645 50.02 10.31 1.43
N ASP F 646 49.68 11.57 1.64
CA ASP F 646 50.66 12.65 1.54
C ASP F 646 51.05 13.25 2.88
N LYS F 647 50.31 12.96 3.95
CA LYS F 647 50.60 13.50 5.28
C LYS F 647 49.77 12.73 6.30
N VAL F 648 50.36 12.49 7.46
CA VAL F 648 49.71 11.74 8.53
C VAL F 648 49.64 12.67 9.74
N LYS F 649 48.46 13.22 9.99
CA LYS F 649 48.25 14.10 11.14
C LYS F 649 47.69 13.29 12.31
N LEU F 650 47.63 13.92 13.48
CA LEU F 650 47.10 13.29 14.70
C LEU F 650 45.59 13.47 14.75
N LEU F 651 44.88 12.37 14.97
CA LEU F 651 43.43 12.43 15.07
C LEU F 651 43.02 13.15 16.35
N ASP F 652 41.95 13.94 16.26
CA ASP F 652 41.39 14.65 17.40
C ASP F 652 40.10 13.95 17.81
N GLU F 653 40.13 13.29 18.97
CA GLU F 653 38.96 12.52 19.40
C GLU F 653 37.80 13.42 19.78
N GLY F 654 38.08 14.66 20.19
CA GLY F 654 37.03 15.57 20.60
C GLY F 654 36.53 16.52 19.56
N LEU F 655 37.06 16.46 18.34
CA LEU F 655 36.62 17.38 17.29
C LEU F 655 35.19 17.10 16.86
N ASP F 656 34.88 15.82 16.59
CA ASP F 656 33.53 15.48 16.14
C ASP F 656 32.49 15.83 17.18
N GLY F 657 32.87 15.87 18.45
CA GLY F 657 31.94 16.32 19.48
C GLY F 657 31.60 17.79 19.33
N LYS F 658 32.60 18.63 19.07
CA LYS F 658 32.37 20.06 18.85
C LYS F 658 32.19 20.38 17.37
N ILE F 659 31.33 19.60 16.71
CA ILE F 659 30.85 19.91 15.36
C ILE F 659 29.34 19.90 15.40
N GLN F 660 28.77 18.82 15.95
CA GLN F 660 27.34 18.77 16.23
C GLN F 660 26.92 19.77 17.29
N ASN F 661 27.88 20.31 18.05
CA ASN F 661 27.61 21.41 18.98
C ASN F 661 27.59 22.77 18.28
N ASN F 662 27.86 22.79 16.96
CA ASN F 662 27.77 24.01 16.15
C ASN F 662 28.71 25.09 16.65
N ARG F 663 29.91 24.69 17.08
CA ARG F 663 30.90 25.66 17.51
C ARG F 663 31.59 26.34 16.34
N TYR F 664 31.65 25.67 15.18
CA TYR F 664 32.25 26.22 13.96
C TYR F 664 31.20 26.48 12.89
N ARG F 665 30.03 26.98 13.30
CA ARG F 665 28.96 27.22 12.35
C ARG F 665 29.15 28.54 11.62
N PHE F 666 29.14 29.65 12.37
CA PHE F 666 29.27 30.97 11.74
C PHE F 666 30.67 31.21 11.22
N ALA F 667 31.69 30.60 11.82
CA ALA F 667 33.04 30.71 11.28
C ALA F 667 33.12 30.09 9.89
N PHE F 668 32.56 28.89 9.73
CA PHE F 668 32.53 28.27 8.42
C PHE F 668 31.63 29.04 7.46
N LEU F 669 30.56 29.65 7.97
CA LEU F 669 29.73 30.49 7.11
C LEU F 669 30.51 31.68 6.58
N TYR F 670 31.29 32.33 7.44
CA TYR F 670 32.12 33.45 7.00
C TYR F 670 33.16 33.00 5.99
N LEU F 671 33.80 31.85 6.24
CA LEU F 671 34.78 31.35 5.29
C LEU F 671 34.13 31.03 3.94
N LEU F 672 32.94 30.44 3.97
CA LEU F 672 32.24 30.11 2.73
C LEU F 672 31.85 31.37 1.96
N VAL F 673 31.38 32.41 2.67
CA VAL F 673 31.02 33.66 2.00
C VAL F 673 32.26 34.33 1.40
N LYS F 674 33.37 34.31 2.13
CA LYS F 674 34.61 34.87 1.61
C LYS F 674 35.06 34.13 0.36
N TRP F 675 34.96 32.81 0.36
CA TRP F 675 35.32 32.04 -0.83
C TRP F 675 34.35 32.32 -1.97
N TYR F 676 33.06 32.49 -1.66
CA TYR F 676 32.07 32.77 -2.70
C TYR F 676 32.36 34.09 -3.39
N LYS F 677 32.64 35.14 -2.63
CA LYS F 677 33.00 36.39 -3.27
C LYS F 677 34.48 36.39 -3.63
N LYS F 678 34.95 35.28 -4.19
CA LYS F 678 36.29 35.18 -4.75
C LYS F 678 36.34 34.46 -6.08
N TYR F 679 35.36 33.61 -6.41
CA TYR F 679 35.32 32.89 -7.67
C TYR F 679 33.99 33.01 -8.42
N HIS F 680 32.93 33.49 -7.76
CA HIS F 680 31.60 33.46 -8.37
C HIS F 680 30.96 34.85 -8.39
N ILE F 681 31.74 35.91 -8.20
CA ILE F 681 31.16 37.26 -8.19
C ILE F 681 30.56 37.64 -9.54
N PRO F 682 31.27 37.53 -10.68
CA PRO F 682 30.64 37.89 -11.95
C PRO F 682 29.51 36.94 -12.33
N ILE F 683 29.83 35.64 -12.45
CA ILE F 683 28.86 34.61 -12.77
C ILE F 683 29.22 33.37 -11.97
N MET F 684 28.35 32.36 -12.07
CA MET F 684 28.58 31.05 -11.45
C MET F 684 28.68 29.99 -12.53
N LYS F 685 29.72 29.16 -12.45
CA LYS F 685 29.86 28.03 -13.35
C LYS F 685 30.91 27.09 -12.79
N LEU F 686 30.58 25.81 -12.72
CA LEU F 686 31.51 24.79 -12.28
C LEU F 686 32.10 24.10 -13.50
N TYR F 687 33.43 24.11 -13.61
CA TYR F 687 34.02 23.53 -14.81
C TYR F 687 34.45 22.10 -14.57
N PRO F 688 34.23 21.22 -15.54
CA PRO F 688 34.69 19.83 -15.39
C PRO F 688 36.20 19.73 -15.51
N THR F 689 36.74 18.64 -14.95
CA THR F 689 38.21 18.38 -15.01
C THR F 689 38.45 16.87 -15.08
N PRO F 690 38.36 16.23 -16.27
CA PRO F 690 38.51 14.77 -16.38
C PRO F 690 39.98 14.29 -16.42
N GLU F 691 40.94 15.22 -16.43
CA GLU F 691 42.37 14.82 -16.38
C GLU F 691 42.69 14.31 -14.99
N GLU F 692 41.79 13.52 -14.41
CA GLU F 692 41.97 12.96 -13.07
C GLU F 692 41.33 11.58 -12.91
N ILE F 693 40.69 11.06 -13.96
CA ILE F 693 40.09 9.73 -13.96
C ILE F 693 40.87 8.89 -14.95
N PRO F 694 41.28 7.67 -14.60
CA PRO F 694 42.10 6.87 -15.54
C PRO F 694 41.41 6.60 -16.87
N ASP F 695 40.16 6.14 -16.84
CA ASP F 695 39.46 5.86 -18.09
C ASP F 695 39.18 7.14 -18.87
N PHE F 696 38.85 8.22 -18.16
CA PHE F 696 38.69 9.52 -18.83
C PHE F 696 40.01 9.99 -19.43
N ALA F 697 41.13 9.71 -18.74
CA ALA F 697 42.43 10.03 -19.30
C ALA F 697 42.69 9.23 -20.57
N PHE F 698 42.28 7.96 -20.58
CA PHE F 698 42.40 7.16 -21.80
C PHE F 698 41.54 7.75 -22.92
N TYR F 699 40.33 8.19 -22.59
CA TYR F 699 39.46 8.79 -23.60
C TYR F 699 40.02 10.11 -24.12
N LEU F 700 40.79 10.82 -23.29
CA LEU F 700 41.46 12.05 -23.72
C LEU F 700 42.87 11.75 -24.23
N LYS F 701 42.96 10.82 -25.19
CA LYS F 701 44.22 10.42 -25.80
C LYS F 701 45.26 10.01 -24.76
#